data_7ZIQ
#
_entry.id   7ZIQ
#
_cell.length_a   144.327
_cell.length_b   151.838
_cell.length_c   63.052
_cell.angle_alpha   90.000
_cell.angle_beta   90.000
_cell.angle_gamma   90.000
#
_symmetry.space_group_name_H-M   'P 21 21 2'
#
loop_
_entity.id
_entity.type
_entity.pdbx_description
1 polymer 'Capsid protein VP1'
2 branched 'N-acetyl-alpha-neuraminic acid-(2-6)-beta-D-galactopyranose-(1-4)-beta-D-glucopyranose'
3 non-polymer 1,2-ETHANEDIOL
4 non-polymer 'N-acetyl-alpha-neuraminic acid'
5 non-polymer DI(HYDROXYETHYL)ETHER
6 water water
#
_entity_poly.entity_id   1
_entity_poly.type   'polypeptide(L)'
_entity_poly.pdbx_seq_one_letter_code
;GSHMGGVEVLEVKTGVDAITEVECFLNPEMGDPDENLRGFSLKLSAENDFSSDSPERKMLPCYSTARIPLPNLNEDLTCG
NLLMWEAVTVQTEVIGITSMLNLHAGSQKVHEHGGGKPIQGSNFHFFAVGGDPLEMQGVLMNYRTKYPDGTITPKNPTAQ
SQVMNTDHKAYLDKNNAYPVECWVPDPSRNENTRYFGTFTGGENVPPVLHVTNTATTVLLDEQGVGPLCKADSLYVSAAD
ICGLFTNSSGTQQWRGLARYFKIRLRKRSVKNPYP
;
_entity_poly.pdbx_strand_id   AAA,BBB,CCC,DDD,EEE
#
loop_
_chem_comp.id
_chem_comp.type
_chem_comp.name
_chem_comp.formula
BGC D-saccharide, beta linking beta-D-glucopyranose 'C6 H12 O6'
EDO non-polymer 1,2-ETHANEDIOL 'C2 H6 O2'
GAL D-saccharide, beta linking beta-D-galactopyranose 'C6 H12 O6'
PEG non-polymer DI(HYDROXYETHYL)ETHER 'C4 H10 O3'
SIA D-saccharide, alpha linking 'N-acetyl-alpha-neuraminic acid' 'C11 H19 N O9'
#
# COMPACT_ATOMS: atom_id res chain seq x y z
N VAL A 7 -27.93 6.97 -29.64
CA VAL A 7 -26.69 7.76 -29.89
C VAL A 7 -26.83 9.14 -29.23
N GLU A 8 -28.02 9.77 -29.30
CA GLU A 8 -28.38 10.96 -28.49
C GLU A 8 -29.12 10.45 -27.24
N VAL A 9 -28.57 10.73 -26.06
CA VAL A 9 -29.09 10.22 -24.74
C VAL A 9 -30.02 11.29 -24.16
N LEU A 10 -31.27 10.93 -23.85
CA LEU A 10 -32.25 11.86 -23.25
C LEU A 10 -32.43 11.50 -21.76
N GLU A 11 -33.63 11.59 -21.22
CA GLU A 11 -33.87 11.51 -19.76
C GLU A 11 -34.06 10.06 -19.29
N VAL A 12 -33.79 9.83 -18.02
CA VAL A 12 -34.12 8.56 -17.30
C VAL A 12 -35.66 8.51 -17.22
N LYS A 13 -36.25 7.36 -17.56
CA LYS A 13 -37.71 7.11 -17.43
C LYS A 13 -37.92 6.31 -16.15
N THR A 14 -38.85 6.76 -15.30
CA THR A 14 -39.25 6.07 -14.06
C THR A 14 -40.65 5.47 -14.25
N GLY A 15 -41.15 4.78 -13.25
CA GLY A 15 -42.48 4.14 -13.29
C GLY A 15 -42.37 2.70 -12.84
N VAL A 16 -43.47 1.97 -12.91
CA VAL A 16 -43.49 0.50 -12.64
C VAL A 16 -42.56 -0.19 -13.65
N ASP A 17 -41.77 -1.14 -13.17
CA ASP A 17 -40.92 -2.00 -14.05
C ASP A 17 -39.92 -1.13 -14.85
N ALA A 18 -39.51 0.03 -14.31
CA ALA A 18 -38.47 0.90 -14.91
C ALA A 18 -37.08 0.58 -14.33
N ILE A 19 -36.97 -0.32 -13.36
CA ILE A 19 -35.71 -0.76 -12.72
C ILE A 19 -35.66 -2.28 -12.83
N THR A 20 -34.53 -2.90 -13.16
CA THR A 20 -34.38 -4.37 -13.04
C THR A 20 -32.98 -4.66 -12.47
N GLU A 21 -32.80 -5.83 -11.87
CA GLU A 21 -31.51 -6.32 -11.36
C GLU A 21 -31.27 -7.68 -12.00
N VAL A 22 -30.08 -7.92 -12.55
CA VAL A 22 -29.67 -9.27 -13.01
C VAL A 22 -28.46 -9.72 -12.20
N GLU A 23 -28.38 -11.01 -11.93
CA GLU A 23 -27.26 -11.65 -11.20
C GLU A 23 -26.68 -12.74 -12.10
N CYS A 24 -25.41 -13.09 -11.92
CA CYS A 24 -24.81 -14.26 -12.59
CA CYS A 24 -24.70 -14.10 -12.76
C CYS A 24 -23.43 -14.54 -12.01
N PHE A 25 -23.03 -15.79 -12.16
CA PHE A 25 -21.71 -16.33 -11.76
C PHE A 25 -21.00 -16.60 -13.08
N LEU A 26 -19.86 -15.97 -13.33
CA LEU A 26 -18.96 -16.34 -14.46
C LEU A 26 -17.89 -17.32 -13.97
N ASN A 27 -17.89 -18.55 -14.47
CA ASN A 27 -16.83 -19.53 -14.14
C ASN A 27 -15.51 -19.06 -14.75
N PRO A 28 -14.37 -19.37 -14.12
CA PRO A 28 -13.08 -19.07 -14.69
C PRO A 28 -12.74 -20.09 -15.79
N GLU A 29 -11.84 -19.70 -16.70
CA GLU A 29 -11.40 -20.53 -17.85
C GLU A 29 -9.88 -20.59 -17.82
N MET A 30 -9.34 -21.38 -16.89
CA MET A 30 -7.90 -21.45 -16.59
C MET A 30 -7.20 -22.47 -17.51
N GLY A 31 -7.96 -23.32 -18.23
CA GLY A 31 -7.40 -24.34 -19.15
C GLY A 31 -7.97 -25.73 -18.90
N ASP A 32 -8.22 -26.10 -17.65
CA ASP A 32 -8.96 -27.33 -17.26
C ASP A 32 -8.28 -28.55 -17.89
N PRO A 33 -7.07 -28.92 -17.41
CA PRO A 33 -6.24 -29.90 -18.11
C PRO A 33 -6.79 -31.34 -18.09
N ASP A 34 -7.68 -31.66 -17.15
CA ASP A 34 -8.38 -32.97 -17.14
C ASP A 34 -9.71 -32.77 -16.45
N GLU A 35 -10.53 -33.83 -16.43
CA GLU A 35 -11.92 -33.86 -15.92
C GLU A 35 -11.96 -33.52 -14.41
N ASN A 36 -10.88 -33.72 -13.66
CA ASN A 36 -10.84 -33.46 -12.19
C ASN A 36 -10.31 -32.06 -11.87
N LEU A 37 -9.58 -31.39 -12.78
CA LEU A 37 -8.82 -30.16 -12.46
C LEU A 37 -9.46 -28.91 -13.07
N ARG A 38 -10.79 -28.89 -13.08
CA ARG A 38 -11.59 -27.68 -13.35
C ARG A 38 -11.13 -26.54 -12.43
N GLY A 39 -10.78 -25.38 -12.99
CA GLY A 39 -10.33 -24.19 -12.27
C GLY A 39 -8.82 -24.08 -12.20
N PHE A 40 -8.09 -25.05 -12.78
CA PHE A 40 -6.62 -25.03 -12.83
C PHE A 40 -6.19 -25.02 -14.30
N SER A 41 -4.97 -24.59 -14.56
CA SER A 41 -4.30 -24.79 -15.87
C SER A 41 -3.49 -26.09 -15.85
N LEU A 42 -3.07 -26.51 -17.05
CA LEU A 42 -1.96 -27.47 -17.26
C LEU A 42 -0.72 -26.90 -16.57
N LYS A 43 0.15 -27.77 -16.06
CA LYS A 43 1.47 -27.37 -15.53
C LYS A 43 2.17 -26.44 -16.53
N LEU A 44 2.87 -25.42 -16.01
CA LEU A 44 3.57 -24.40 -16.84
C LEU A 44 4.87 -25.00 -17.34
N SER A 45 5.16 -24.78 -18.62
CA SER A 45 6.51 -24.93 -19.20
C SER A 45 7.33 -23.69 -18.83
N ALA A 46 8.65 -23.74 -19.05
CA ALA A 46 9.56 -22.60 -18.85
C ALA A 46 10.73 -22.69 -19.82
N GLU A 47 11.28 -21.54 -20.20
CA GLU A 47 12.60 -21.35 -20.83
C GLU A 47 12.54 -21.73 -22.31
N ASN A 48 11.35 -21.79 -22.90
CA ASN A 48 11.19 -21.98 -24.37
C ASN A 48 11.84 -20.79 -25.05
N ASP A 49 12.69 -21.03 -26.05
CA ASP A 49 13.26 -19.95 -26.88
C ASP A 49 12.11 -19.20 -27.54
N PHE A 50 12.26 -17.90 -27.77
CA PHE A 50 11.20 -17.08 -28.42
C PHE A 50 10.88 -17.68 -29.79
N SER A 51 11.86 -18.31 -30.44
CA SER A 51 11.72 -18.90 -31.79
C SER A 51 11.02 -20.26 -31.74
N SER A 52 10.84 -20.87 -30.56
CA SER A 52 10.21 -22.19 -30.41
C SER A 52 9.29 -22.21 -29.17
N ASP A 53 8.25 -21.40 -29.19
CA ASP A 53 7.36 -21.17 -28.03
C ASP A 53 5.96 -21.61 -28.46
N SER A 54 5.58 -22.83 -28.11
CA SER A 54 4.33 -23.49 -28.57
C SER A 54 3.52 -23.92 -27.37
N PRO A 55 2.89 -22.98 -26.63
CA PRO A 55 2.09 -23.34 -25.47
C PRO A 55 0.88 -24.21 -25.83
N GLU A 56 0.62 -25.23 -25.01
CA GLU A 56 -0.59 -26.08 -25.12
C GLU A 56 -1.81 -25.29 -24.67
N ARG A 57 -2.94 -25.55 -25.33
CA ARG A 57 -4.24 -24.89 -25.07
CA ARG A 57 -4.24 -24.88 -25.07
C ARG A 57 -4.53 -24.89 -23.56
N LYS A 58 -4.36 -26.03 -22.90
CA LYS A 58 -4.80 -26.23 -21.52
C LYS A 58 -3.90 -25.50 -20.52
N MET A 59 -2.81 -24.91 -20.97
CA MET A 59 -1.86 -24.16 -20.13
C MET A 59 -2.22 -22.66 -20.10
N LEU A 60 -3.13 -22.20 -20.98
CA LEU A 60 -3.41 -20.76 -21.22
C LEU A 60 -4.76 -20.36 -20.64
N PRO A 61 -4.77 -19.64 -19.50
CA PRO A 61 -6.00 -19.00 -19.03
C PRO A 61 -6.57 -18.07 -20.11
N CYS A 62 -7.90 -18.07 -20.23
CA CYS A 62 -8.66 -17.23 -21.19
C CYS A 62 -9.68 -16.36 -20.42
N TYR A 63 -10.07 -15.27 -21.04
CA TYR A 63 -11.18 -14.40 -20.57
C TYR A 63 -12.47 -15.23 -20.55
N SER A 64 -13.25 -15.01 -19.50
CA SER A 64 -14.65 -15.46 -19.33
C SER A 64 -15.57 -14.36 -19.86
N THR A 65 -16.67 -14.74 -20.52
CA THR A 65 -17.69 -13.74 -20.93
C THR A 65 -19.05 -14.42 -21.08
N ALA A 66 -20.13 -13.66 -20.90
CA ALA A 66 -21.52 -14.10 -21.06
C ALA A 66 -22.37 -12.90 -21.48
N ARG A 67 -23.41 -13.18 -22.26
CA ARG A 67 -24.47 -12.21 -22.62
C ARG A 67 -25.69 -12.52 -21.76
N ILE A 68 -26.19 -11.53 -21.01
CA ILE A 68 -27.42 -11.64 -20.18
C ILE A 68 -28.56 -10.95 -20.92
N PRO A 69 -29.58 -11.70 -21.40
CA PRO A 69 -30.75 -11.11 -22.05
C PRO A 69 -31.57 -10.30 -21.04
N LEU A 70 -32.10 -9.15 -21.47
CA LEU A 70 -32.90 -8.26 -20.59
C LEU A 70 -34.33 -8.19 -21.10
N PRO A 71 -35.31 -7.77 -20.27
CA PRO A 71 -36.70 -7.65 -20.72
C PRO A 71 -36.80 -6.77 -21.97
N ASN A 72 -37.42 -7.31 -23.02
CA ASN A 72 -37.49 -6.73 -24.38
C ASN A 72 -38.17 -5.36 -24.33
N LEU A 73 -37.55 -4.34 -24.95
CA LEU A 73 -38.05 -2.93 -25.07
C LEU A 73 -38.11 -2.65 -26.59
N ASN A 74 -39.01 -1.83 -27.17
CA ASN A 74 -39.16 -1.83 -28.66
C ASN A 74 -38.54 -0.58 -29.30
N GLU A 75 -38.53 -0.53 -30.65
CA GLU A 75 -37.73 0.41 -31.50
C GLU A 75 -38.65 1.21 -32.45
N LEU A 82 -37.50 6.06 -28.09
CA LEU A 82 -36.77 4.76 -27.97
C LEU A 82 -36.22 4.60 -26.55
N LEU A 83 -36.49 3.46 -25.88
CA LEU A 83 -36.01 3.19 -24.50
C LEU A 83 -34.90 2.14 -24.57
N MET A 84 -33.89 2.26 -23.70
CA MET A 84 -32.81 1.25 -23.55
C MET A 84 -32.56 1.03 -22.06
N TRP A 85 -32.22 -0.21 -21.70
CA TRP A 85 -31.69 -0.52 -20.35
C TRP A 85 -30.30 0.13 -20.20
N GLU A 86 -30.09 0.81 -19.08
CA GLU A 86 -28.85 1.52 -18.72
C GLU A 86 -28.32 0.88 -17.43
N ALA A 87 -27.11 0.33 -17.47
CA ALA A 87 -26.47 -0.28 -16.29
C ALA A 87 -25.99 0.83 -15.38
N VAL A 88 -26.42 0.85 -14.11
CA VAL A 88 -26.12 1.99 -13.19
CA VAL A 88 -26.10 1.99 -13.19
C VAL A 88 -25.07 1.55 -12.16
N THR A 89 -25.20 0.35 -11.62
CA THR A 89 -24.27 -0.16 -10.58
C THR A 89 -23.98 -1.63 -10.81
N VAL A 90 -22.85 -2.08 -10.28
CA VAL A 90 -22.50 -3.51 -10.21
C VAL A 90 -21.94 -3.80 -8.83
N GLN A 91 -22.38 -4.91 -8.24
CA GLN A 91 -21.73 -5.55 -7.09
CA GLN A 91 -21.71 -5.55 -7.09
C GLN A 91 -21.02 -6.80 -7.62
N THR A 92 -19.76 -6.98 -7.30
CA THR A 92 -18.96 -8.09 -7.87
C THR A 92 -17.97 -8.54 -6.81
N GLU A 93 -17.71 -9.83 -6.74
CA GLU A 93 -16.63 -10.37 -5.91
C GLU A 93 -16.23 -11.75 -6.44
N VAL A 94 -15.03 -12.13 -6.05
CA VAL A 94 -14.43 -13.44 -6.40
C VAL A 94 -14.99 -14.45 -5.40
N ILE A 95 -15.37 -15.62 -5.89
CA ILE A 95 -16.11 -16.67 -5.14
C ILE A 95 -15.15 -17.82 -4.83
N GLY A 96 -14.97 -18.11 -3.55
CA GLY A 96 -14.23 -19.30 -3.09
C GLY A 96 -12.82 -18.95 -2.66
N ILE A 97 -12.58 -17.73 -2.18
CA ILE A 97 -11.21 -17.28 -1.82
C ILE A 97 -10.68 -18.14 -0.68
N THR A 98 -11.53 -18.65 0.22
CA THR A 98 -11.10 -19.44 1.40
C THR A 98 -10.63 -20.84 0.98
N SER A 99 -10.90 -21.28 -0.26
CA SER A 99 -10.46 -22.62 -0.76
C SER A 99 -8.93 -22.69 -0.74
N MET A 100 -8.26 -21.53 -0.79
CA MET A 100 -6.78 -21.45 -0.76
C MET A 100 -6.24 -21.74 0.64
N LEU A 101 -7.10 -21.95 1.65
CA LEU A 101 -6.66 -22.37 3.01
C LEU A 101 -6.53 -23.90 3.09
N ASN A 102 -6.81 -24.62 2.00
CA ASN A 102 -6.46 -26.07 1.87
C ASN A 102 -4.97 -26.16 1.52
N LEU A 103 -4.12 -26.38 2.53
CA LEU A 103 -2.65 -26.54 2.34
C LEU A 103 -2.27 -28.02 2.58
N HIS A 104 -3.25 -28.92 2.65
CA HIS A 104 -3.03 -30.38 2.86
C HIS A 104 -3.02 -31.13 1.51
N ALA A 105 -3.68 -30.60 0.48
CA ALA A 105 -3.88 -31.28 -0.83
C ALA A 105 -2.88 -30.77 -1.88
N GLY A 106 -2.00 -31.67 -2.33
CA GLY A 106 -1.22 -31.56 -3.58
C GLY A 106 -0.02 -30.61 -3.54
N SER A 107 -0.03 -29.60 -2.66
CA SER A 107 0.98 -28.52 -2.70
C SER A 107 2.29 -28.97 -2.02
N GLN A 108 3.40 -28.52 -2.58
CA GLN A 108 4.77 -28.78 -2.05
C GLN A 108 4.88 -28.27 -0.63
N LYS A 109 5.46 -29.06 0.28
CA LYS A 109 5.73 -28.59 1.66
C LYS A 109 6.67 -27.38 1.58
N VAL A 110 6.47 -26.39 2.46
CA VAL A 110 7.27 -25.15 2.48
C VAL A 110 8.69 -25.49 2.99
N HIS A 111 8.81 -26.54 3.80
CA HIS A 111 10.09 -27.07 4.32
C HIS A 111 9.80 -28.45 4.95
N GLU A 112 10.82 -29.15 5.43
CA GLU A 112 10.65 -30.49 6.06
C GLU A 112 9.66 -30.36 7.24
N HIS A 113 8.61 -31.19 7.25
CA HIS A 113 7.57 -31.29 8.30
C HIS A 113 6.59 -30.10 8.25
N GLY A 114 6.73 -29.20 7.29
CA GLY A 114 5.87 -28.00 7.16
C GLY A 114 4.55 -28.31 6.46
N GLY A 115 3.62 -27.34 6.44
CA GLY A 115 2.40 -27.42 5.63
C GLY A 115 2.66 -27.16 4.16
N GLY A 116 1.64 -27.34 3.32
CA GLY A 116 1.69 -27.04 1.88
C GLY A 116 1.97 -25.58 1.59
N LYS A 117 2.55 -25.30 0.43
CA LYS A 117 2.83 -23.94 -0.09
C LYS A 117 1.51 -23.31 -0.53
N PRO A 118 1.15 -22.14 0.04
CA PRO A 118 0.02 -21.36 -0.46
C PRO A 118 0.13 -21.04 -1.95
N ILE A 119 -1.01 -20.91 -2.61
CA ILE A 119 -1.09 -20.25 -3.93
C ILE A 119 -0.56 -18.82 -3.78
N GLN A 120 0.33 -18.43 -4.69
CA GLN A 120 0.94 -17.07 -4.69
C GLN A 120 1.60 -16.85 -6.06
N GLY A 121 2.06 -15.63 -6.30
CA GLY A 121 2.73 -15.25 -7.55
C GLY A 121 1.79 -14.38 -8.39
N SER A 122 2.15 -14.18 -9.64
CA SER A 122 1.49 -13.22 -10.56
C SER A 122 -0.03 -13.46 -10.54
N ASN A 123 -0.80 -12.39 -10.46
CA ASN A 123 -2.28 -12.50 -10.48
C ASN A 123 -2.84 -11.36 -11.31
N PHE A 124 -4.06 -11.55 -11.78
CA PHE A 124 -4.81 -10.60 -12.61
C PHE A 124 -6.28 -10.76 -12.25
N HIS A 125 -6.88 -9.65 -11.84
CA HIS A 125 -8.31 -9.55 -11.43
C HIS A 125 -8.94 -8.46 -12.29
N PHE A 126 -9.94 -8.85 -13.05
CA PHE A 126 -10.49 -8.02 -14.14
C PHE A 126 -11.98 -8.31 -14.26
N PHE A 127 -12.78 -7.26 -14.43
CA PHE A 127 -14.21 -7.39 -14.79
C PHE A 127 -14.60 -6.20 -15.66
N ALA A 128 -15.63 -6.44 -16.48
CA ALA A 128 -16.25 -5.44 -17.37
C ALA A 128 -17.76 -5.69 -17.43
N VAL A 129 -18.52 -4.61 -17.51
CA VAL A 129 -19.98 -4.61 -17.72
C VAL A 129 -20.24 -3.63 -18.86
N GLY A 130 -20.93 -4.05 -19.92
CA GLY A 130 -21.26 -3.15 -21.04
C GLY A 130 -22.54 -3.53 -21.75
N GLY A 131 -22.97 -2.68 -22.70
CA GLY A 131 -24.10 -2.93 -23.60
C GLY A 131 -23.65 -3.45 -24.96
N ASP A 132 -22.34 -3.64 -25.12
CA ASP A 132 -21.69 -4.27 -26.30
C ASP A 132 -20.64 -5.23 -25.76
N PRO A 133 -20.20 -6.23 -26.56
CA PRO A 133 -19.07 -7.06 -26.16
C PRO A 133 -17.86 -6.19 -25.81
N LEU A 134 -17.06 -6.61 -24.83
CA LEU A 134 -15.77 -5.96 -24.49
C LEU A 134 -14.90 -5.87 -25.75
N GLU A 135 -14.35 -4.71 -26.01
CA GLU A 135 -13.41 -4.48 -27.12
C GLU A 135 -11.98 -4.61 -26.58
N MET A 136 -11.17 -5.42 -27.25
CA MET A 136 -9.83 -5.79 -26.77
C MET A 136 -8.77 -5.40 -27.80
N GLN A 137 -7.58 -5.11 -27.29
CA GLN A 137 -6.36 -4.78 -28.06
C GLN A 137 -5.35 -5.89 -27.77
N GLY A 138 -4.72 -6.42 -28.80
CA GLY A 138 -3.72 -7.48 -28.68
C GLY A 138 -2.34 -6.93 -28.42
N VAL A 139 -1.63 -7.53 -27.46
CA VAL A 139 -0.20 -7.25 -27.17
C VAL A 139 0.44 -8.56 -26.72
N LEU A 140 1.62 -8.88 -27.27
CA LEU A 140 2.28 -10.18 -27.02
C LEU A 140 3.62 -9.92 -26.31
N MET A 141 3.99 -10.81 -25.40
CA MET A 141 5.37 -10.89 -24.85
C MET A 141 6.32 -11.19 -25.99
N ASN A 142 5.93 -12.15 -26.84
CA ASN A 142 6.77 -12.74 -27.92
C ASN A 142 5.89 -12.91 -29.16
N TYR A 143 6.06 -12.08 -30.18
CA TYR A 143 5.19 -12.09 -31.39
C TYR A 143 5.29 -13.45 -32.10
N ARG A 144 6.36 -14.22 -31.87
CA ARG A 144 6.62 -15.48 -32.58
C ARG A 144 6.00 -16.66 -31.85
N THR A 145 5.31 -16.41 -30.73
CA THR A 145 4.62 -17.50 -30.00
C THR A 145 3.66 -18.19 -30.98
N LYS A 146 3.66 -19.52 -31.01
CA LYS A 146 2.73 -20.34 -31.82
C LYS A 146 1.59 -20.79 -30.92
N TYR A 147 0.43 -20.14 -31.06
CA TYR A 147 -0.73 -20.38 -30.17
C TYR A 147 -1.49 -21.58 -30.71
N PRO A 148 -2.08 -22.40 -29.81
CA PRO A 148 -2.72 -23.64 -30.21
C PRO A 148 -4.15 -23.48 -30.75
N ASP A 149 -4.59 -24.48 -31.50
CA ASP A 149 -5.98 -24.62 -32.00
C ASP A 149 -6.93 -24.43 -30.82
N GLY A 150 -8.01 -23.69 -31.04
CA GLY A 150 -9.06 -23.43 -30.04
C GLY A 150 -8.87 -22.08 -29.36
N THR A 151 -7.72 -21.42 -29.58
CA THR A 151 -7.46 -20.05 -29.07
C THR A 151 -7.69 -19.07 -30.22
N ILE A 152 -8.07 -17.84 -29.87
CA ILE A 152 -8.14 -16.69 -30.80
C ILE A 152 -7.11 -15.71 -30.27
N THR A 153 -6.06 -15.46 -31.05
CA THR A 153 -4.89 -14.65 -30.65
C THR A 153 -4.65 -13.66 -31.78
N PRO A 154 -3.82 -12.62 -31.57
CA PRO A 154 -3.56 -11.62 -32.61
C PRO A 154 -3.15 -12.28 -33.93
N LYS A 155 -3.86 -11.92 -35.01
CA LYS A 155 -3.68 -12.49 -36.37
C LYS A 155 -2.47 -11.80 -37.02
N ASN A 156 -1.56 -12.61 -37.60
CA ASN A 156 -0.42 -12.12 -38.41
C ASN A 156 0.39 -11.11 -37.60
N PRO A 157 0.84 -11.49 -36.40
CA PRO A 157 1.57 -10.54 -35.53
C PRO A 157 2.95 -10.25 -36.11
N THR A 158 3.49 -9.09 -35.78
CA THR A 158 4.85 -8.64 -36.14
C THR A 158 5.57 -8.25 -34.86
N ALA A 159 6.81 -7.79 -34.98
CA ALA A 159 7.62 -7.27 -33.86
C ALA A 159 6.82 -6.17 -33.14
N GLN A 160 6.06 -5.36 -33.90
CA GLN A 160 5.30 -4.21 -33.35
C GLN A 160 4.20 -4.72 -32.42
N SER A 161 3.76 -5.97 -32.59
CA SER A 161 2.77 -6.63 -31.72
C SER A 161 3.28 -6.79 -30.27
N GLN A 162 4.58 -6.63 -30.03
CA GLN A 162 5.18 -6.66 -28.67
C GLN A 162 5.00 -5.30 -27.99
N VAL A 163 4.72 -4.26 -28.76
CA VAL A 163 4.38 -2.91 -28.22
C VAL A 163 2.94 -2.63 -28.69
N MET A 164 2.65 -1.56 -29.41
CA MET A 164 1.27 -1.33 -29.91
C MET A 164 1.18 -1.56 -31.41
N ASN A 165 0.38 -2.53 -31.82
CA ASN A 165 0.02 -2.79 -33.24
C ASN A 165 -1.51 -2.63 -33.37
N THR A 166 -1.97 -1.54 -33.97
CA THR A 166 -3.42 -1.17 -34.04
C THR A 166 -4.22 -2.17 -34.87
N ASP A 167 -3.59 -3.09 -35.59
CA ASP A 167 -4.31 -4.15 -36.33
C ASP A 167 -5.00 -5.11 -35.35
N HIS A 168 -4.51 -5.28 -34.12
CA HIS A 168 -5.00 -6.35 -33.21
C HIS A 168 -6.20 -5.86 -32.41
N LYS A 169 -7.37 -5.77 -33.07
CA LYS A 169 -8.66 -5.38 -32.47
C LYS A 169 -9.58 -6.58 -32.47
N ALA A 170 -10.21 -6.92 -31.35
CA ALA A 170 -11.14 -8.06 -31.27
C ALA A 170 -12.30 -7.67 -30.36
N TYR A 171 -13.43 -8.34 -30.53
CA TYR A 171 -14.54 -8.40 -29.55
C TYR A 171 -14.31 -9.64 -28.70
N LEU A 172 -14.52 -9.51 -27.39
CA LEU A 172 -14.56 -10.68 -26.50
C LEU A 172 -15.93 -11.34 -26.74
N ASP A 173 -16.02 -12.14 -27.81
CA ASP A 173 -17.28 -12.66 -28.37
C ASP A 173 -17.32 -14.18 -28.24
N LYS A 174 -16.36 -14.77 -27.53
CA LYS A 174 -16.35 -16.22 -27.29
C LYS A 174 -15.72 -16.50 -25.92
N ASN A 175 -16.43 -17.27 -25.10
CA ASN A 175 -15.95 -17.73 -23.79
C ASN A 175 -14.82 -18.74 -24.03
N ASN A 176 -13.81 -18.74 -23.16
CA ASN A 176 -12.75 -19.78 -23.14
C ASN A 176 -12.00 -19.86 -24.49
N ALA A 177 -11.65 -18.72 -25.07
CA ALA A 177 -10.99 -18.67 -26.40
C ALA A 177 -9.91 -17.60 -26.47
N TYR A 178 -10.10 -16.43 -25.85
CA TYR A 178 -9.12 -15.32 -25.92
C TYR A 178 -8.15 -15.43 -24.75
N PRO A 179 -6.87 -15.81 -24.98
CA PRO A 179 -5.95 -15.97 -23.87
C PRO A 179 -5.67 -14.63 -23.19
N VAL A 180 -5.65 -14.65 -21.87
CA VAL A 180 -5.43 -13.43 -21.04
C VAL A 180 -4.08 -12.82 -21.43
N GLU A 181 -3.05 -13.65 -21.70
CA GLU A 181 -1.68 -13.14 -22.00
C GLU A 181 -1.63 -12.40 -23.34
N CYS A 182 -2.64 -12.51 -24.21
CA CYS A 182 -2.63 -11.93 -25.57
C CYS A 182 -3.43 -10.63 -25.68
N TRP A 183 -4.35 -10.38 -24.75
CA TRP A 183 -5.40 -9.37 -24.93
C TRP A 183 -5.56 -8.52 -23.67
N VAL A 184 -5.81 -7.23 -23.89
CA VAL A 184 -6.21 -6.29 -22.82
C VAL A 184 -7.46 -5.54 -23.29
N PRO A 185 -8.23 -4.97 -22.35
CA PRO A 185 -9.33 -4.09 -22.72
C PRO A 185 -8.72 -2.91 -23.49
N ASP A 186 -9.40 -2.48 -24.56
CA ASP A 186 -8.94 -1.39 -25.47
C ASP A 186 -9.46 -0.04 -24.95
N PRO A 187 -8.61 0.84 -24.39
CA PRO A 187 -9.07 2.14 -23.88
C PRO A 187 -9.46 3.10 -25.01
N SER A 188 -9.08 2.83 -26.25
CA SER A 188 -9.45 3.66 -27.42
C SER A 188 -10.89 3.36 -27.88
N ARG A 189 -11.52 2.29 -27.38
CA ARG A 189 -12.93 1.95 -27.73
C ARG A 189 -13.72 1.80 -26.42
N ASN A 190 -14.65 0.85 -26.34
CA ASN A 190 -15.42 0.57 -25.11
C ASN A 190 -16.14 1.84 -24.63
N GLU A 191 -16.76 2.61 -25.53
CA GLU A 191 -17.56 3.82 -25.19
C GLU A 191 -18.76 3.35 -24.32
N ASN A 192 -19.19 2.11 -24.52
CA ASN A 192 -20.44 1.59 -23.95
C ASN A 192 -20.16 0.43 -22.98
N THR A 193 -18.96 0.37 -22.41
CA THR A 193 -18.52 -0.64 -21.42
C THR A 193 -17.74 0.09 -20.32
N ARG A 194 -17.81 -0.46 -19.11
CA ARG A 194 -16.95 0.00 -18.00
C ARG A 194 -16.11 -1.22 -17.58
N TYR A 195 -14.79 -1.09 -17.57
CA TYR A 195 -13.87 -2.18 -17.20
C TYR A 195 -12.88 -1.69 -16.15
N PHE A 196 -12.41 -2.66 -15.37
CA PHE A 196 -11.50 -2.46 -14.21
C PHE A 196 -10.62 -3.70 -14.11
N GLY A 197 -9.31 -3.48 -14.06
CA GLY A 197 -8.38 -4.60 -13.84
C GLY A 197 -7.13 -4.16 -13.12
N THR A 198 -6.56 -5.10 -12.38
CA THR A 198 -5.25 -4.96 -11.70
C THR A 198 -4.40 -6.19 -11.99
N PHE A 199 -3.22 -5.95 -12.55
CA PHE A 199 -2.14 -6.95 -12.71
C PHE A 199 -1.10 -6.72 -11.62
N THR A 200 -0.74 -7.78 -10.90
CA THR A 200 0.36 -7.80 -9.91
C THR A 200 1.28 -8.96 -10.27
N GLY A 201 2.52 -8.66 -10.67
CA GLY A 201 3.49 -9.65 -11.13
C GLY A 201 4.53 -9.97 -10.07
N GLY A 202 5.02 -11.21 -10.03
CA GLY A 202 6.15 -11.58 -9.16
C GLY A 202 5.99 -12.99 -8.64
N GLU A 203 7.09 -13.62 -8.28
CA GLU A 203 7.14 -15.02 -7.81
C GLU A 203 6.35 -15.17 -6.52
N ASN A 204 6.47 -14.21 -5.61
CA ASN A 204 6.04 -14.35 -4.19
C ASN A 204 4.85 -13.44 -3.85
N VAL A 205 4.23 -12.81 -4.85
CA VAL A 205 3.12 -11.86 -4.64
C VAL A 205 2.01 -12.57 -3.87
N PRO A 206 1.56 -12.04 -2.72
CA PRO A 206 0.42 -12.62 -2.01
C PRO A 206 -0.90 -12.23 -2.66
N PRO A 207 -1.82 -13.19 -2.87
CA PRO A 207 -3.19 -12.85 -3.24
C PRO A 207 -3.82 -12.03 -2.11
N VAL A 208 -4.54 -10.96 -2.44
CA VAL A 208 -5.28 -10.13 -1.45
C VAL A 208 -6.67 -9.95 -2.02
N LEU A 209 -7.69 -10.58 -1.44
CA LEU A 209 -9.05 -10.55 -2.02
C LEU A 209 -10.05 -10.17 -0.92
N HIS A 210 -10.95 -9.25 -1.24
CA HIS A 210 -11.96 -8.72 -0.31
C HIS A 210 -13.33 -9.22 -0.74
N VAL A 211 -14.17 -9.58 0.23
CA VAL A 211 -15.61 -9.86 -0.02
C VAL A 211 -16.44 -8.96 0.89
N THR A 212 -17.56 -8.47 0.38
CA THR A 212 -18.62 -7.81 1.18
C THR A 212 -19.82 -7.61 0.26
N ASN A 213 -21.02 -7.76 0.79
CA ASN A 213 -22.26 -7.50 0.02
C ASN A 213 -22.69 -6.04 0.20
N THR A 214 -21.84 -5.18 0.75
CA THR A 214 -22.19 -3.77 1.05
C THR A 214 -21.52 -2.82 0.05
N ALA A 215 -20.70 -3.32 -0.88
CA ALA A 215 -19.85 -2.45 -1.75
C ALA A 215 -20.42 -2.47 -3.15
N THR A 216 -20.57 -1.29 -3.75
CA THR A 216 -21.14 -1.11 -5.10
C THR A 216 -20.22 -0.26 -5.95
N THR A 217 -20.00 -0.64 -7.20
CA THR A 217 -19.29 0.20 -8.21
C THR A 217 -20.35 0.91 -9.06
N VAL A 218 -20.28 2.24 -9.13
CA VAL A 218 -21.16 3.07 -9.97
C VAL A 218 -20.65 3.03 -11.41
N LEU A 219 -21.51 2.80 -12.39
CA LEU A 219 -21.12 2.59 -13.81
C LEU A 219 -21.41 3.85 -14.62
N LEU A 220 -21.94 4.89 -13.99
CA LEU A 220 -22.30 6.17 -14.66
C LEU A 220 -21.00 6.88 -15.03
N ASP A 221 -20.94 7.48 -16.21
CA ASP A 221 -19.80 8.31 -16.67
C ASP A 221 -19.98 9.72 -16.10
N GLU A 222 -19.12 10.65 -16.53
CA GLU A 222 -19.09 12.08 -16.08
C GLU A 222 -20.46 12.74 -16.32
N GLN A 223 -21.16 12.37 -17.41
CA GLN A 223 -22.49 12.94 -17.78
C GLN A 223 -23.62 12.21 -17.03
N GLY A 224 -23.33 11.25 -16.15
CA GLY A 224 -24.36 10.50 -15.40
C GLY A 224 -25.01 9.41 -16.26
N VAL A 225 -24.31 8.93 -17.29
CA VAL A 225 -24.86 7.91 -18.24
C VAL A 225 -24.09 6.60 -18.08
N GLY A 226 -24.81 5.52 -17.83
CA GLY A 226 -24.24 4.15 -17.73
C GLY A 226 -24.16 3.50 -19.11
N PRO A 227 -23.54 2.31 -19.22
CA PRO A 227 -23.64 1.50 -20.42
C PRO A 227 -25.10 1.31 -20.86
N LEU A 228 -25.37 1.47 -22.15
CA LEU A 228 -26.72 1.34 -22.76
C LEU A 228 -26.81 0.02 -23.54
N CYS A 229 -27.77 -0.82 -23.19
CA CYS A 229 -27.84 -2.22 -23.65
C CYS A 229 -28.48 -2.26 -25.05
N LYS A 230 -27.62 -2.15 -26.06
CA LYS A 230 -27.94 -2.47 -27.49
C LYS A 230 -28.62 -3.85 -27.50
N ALA A 231 -29.78 -3.87 -28.13
CA ALA A 231 -30.54 -5.10 -28.44
C ALA A 231 -30.83 -5.84 -27.14
N ASP A 232 -31.07 -5.12 -26.03
CA ASP A 232 -31.59 -5.67 -24.74
C ASP A 232 -30.64 -6.79 -24.28
N SER A 233 -29.34 -6.55 -24.45
CA SER A 233 -28.26 -7.49 -24.03
C SER A 233 -27.28 -6.77 -23.11
N LEU A 234 -26.95 -7.41 -22.00
CA LEU A 234 -25.91 -6.97 -21.04
C LEU A 234 -24.74 -7.95 -21.14
N TYR A 235 -23.52 -7.43 -21.26
CA TYR A 235 -22.28 -8.22 -21.40
C TYR A 235 -21.43 -8.13 -20.12
N VAL A 236 -21.10 -9.28 -19.55
CA VAL A 236 -20.20 -9.42 -18.39
C VAL A 236 -18.96 -10.18 -18.86
N SER A 237 -17.80 -9.71 -18.43
CA SER A 237 -16.48 -10.30 -18.73
C SER A 237 -15.65 -10.34 -17.45
N ALA A 238 -14.78 -11.33 -17.32
CA ALA A 238 -13.90 -11.51 -16.14
C ALA A 238 -12.61 -12.23 -16.52
N ALA A 239 -11.60 -11.97 -15.71
CA ALA A 239 -10.41 -12.83 -15.56
C ALA A 239 -9.93 -12.71 -14.12
N ASP A 240 -9.86 -13.82 -13.41
CA ASP A 240 -9.46 -13.88 -11.99
C ASP A 240 -8.45 -15.02 -11.83
N ILE A 241 -7.24 -14.77 -12.31
CA ILE A 241 -6.07 -15.64 -12.10
C ILE A 241 -5.53 -15.27 -10.71
N CYS A 242 -5.66 -16.17 -9.74
CA CYS A 242 -5.38 -15.89 -8.31
C CYS A 242 -3.89 -16.04 -8.00
N GLY A 243 -3.17 -16.81 -8.81
CA GLY A 243 -1.74 -17.08 -8.63
C GLY A 243 -1.39 -18.49 -9.09
N LEU A 244 -0.22 -18.97 -8.68
CA LEU A 244 0.30 -20.30 -9.06
C LEU A 244 0.21 -21.26 -7.86
N PHE A 245 -0.29 -22.46 -8.15
CA PHE A 245 -0.29 -23.64 -7.27
C PHE A 245 1.01 -24.41 -7.54
N THR A 246 1.80 -24.69 -6.52
CA THR A 246 3.06 -25.46 -6.65
C THR A 246 2.83 -26.90 -6.17
N ASN A 247 2.84 -27.86 -7.09
CA ASN A 247 2.74 -29.33 -6.81
C ASN A 247 3.99 -29.78 -6.03
N SER A 248 3.89 -30.88 -5.28
CA SER A 248 5.05 -31.49 -4.55
C SER A 248 6.26 -31.69 -5.48
N SER A 249 6.03 -32.01 -6.76
CA SER A 249 7.10 -32.18 -7.78
C SER A 249 7.84 -30.86 -8.04
N GLY A 250 7.20 -29.71 -7.77
CA GLY A 250 7.74 -28.40 -8.16
C GLY A 250 7.03 -27.83 -9.38
N THR A 251 6.20 -28.61 -10.07
CA THR A 251 5.43 -28.08 -11.23
C THR A 251 4.41 -27.07 -10.70
N GLN A 252 4.05 -26.11 -11.55
CA GLN A 252 3.16 -24.99 -11.17
C GLN A 252 1.97 -24.97 -12.14
N GLN A 253 0.80 -24.65 -11.61
CA GLN A 253 -0.46 -24.51 -12.36
C GLN A 253 -1.11 -23.20 -11.93
N TRP A 254 -1.71 -22.48 -12.87
CA TRP A 254 -2.60 -21.33 -12.56
C TRP A 254 -3.82 -21.86 -11.81
N ARG A 255 -4.28 -21.10 -10.82
CA ARG A 255 -5.58 -21.31 -10.16
C ARG A 255 -6.44 -20.06 -10.37
N GLY A 256 -7.69 -20.28 -10.79
CA GLY A 256 -8.70 -19.25 -11.04
C GLY A 256 -9.95 -19.48 -10.22
N LEU A 257 -10.75 -18.45 -10.03
CA LEU A 257 -12.02 -18.57 -9.27
C LEU A 257 -13.12 -17.86 -10.05
N ALA A 258 -14.37 -18.27 -9.80
CA ALA A 258 -15.57 -17.67 -10.40
C ALA A 258 -15.74 -16.24 -9.88
N ARG A 259 -16.42 -15.40 -10.65
CA ARG A 259 -16.78 -14.02 -10.25
C ARG A 259 -18.31 -13.87 -10.28
N TYR A 260 -18.87 -13.34 -9.20
CA TYR A 260 -20.29 -12.98 -9.10
C TYR A 260 -20.48 -11.55 -9.61
N PHE A 261 -21.61 -11.33 -10.30
CA PHE A 261 -22.07 -10.00 -10.74
C PHE A 261 -23.53 -9.83 -10.31
N LYS A 262 -23.86 -8.68 -9.70
CA LYS A 262 -25.25 -8.19 -9.53
C LYS A 262 -25.31 -6.78 -10.13
N ILE A 263 -26.06 -6.61 -11.21
CA ILE A 263 -26.12 -5.35 -11.99
C ILE A 263 -27.53 -4.76 -11.87
N ARG A 264 -27.63 -3.49 -11.47
CA ARG A 264 -28.91 -2.74 -11.39
C ARG A 264 -29.03 -1.91 -12.67
N LEU A 265 -30.14 -2.02 -13.38
CA LEU A 265 -30.40 -1.27 -14.64
C LEU A 265 -31.67 -0.43 -14.48
N ARG A 266 -31.75 0.66 -15.23
CA ARG A 266 -32.94 1.55 -15.30
C ARG A 266 -33.22 1.84 -16.76
N LYS A 267 -34.42 2.31 -17.10
CA LYS A 267 -34.79 2.64 -18.49
C LYS A 267 -34.32 4.06 -18.81
N ARG A 268 -33.67 4.23 -19.94
CA ARG A 268 -33.20 5.54 -20.44
C ARG A 268 -33.81 5.79 -21.83
N SER A 269 -34.38 6.99 -22.03
CA SER A 269 -34.84 7.44 -23.38
C SER A 269 -33.62 7.90 -24.18
N VAL A 270 -33.57 7.54 -25.47
CA VAL A 270 -32.52 7.98 -26.44
C VAL A 270 -33.20 8.29 -27.78
N LYS A 271 -32.44 8.63 -28.78
CA LYS A 271 -32.93 8.86 -30.13
C LYS A 271 -31.94 8.39 -31.17
N ASN A 272 -32.49 8.14 -32.35
CA ASN A 272 -31.74 7.49 -33.44
C ASN A 272 -31.27 8.52 -34.46
N GLU B 8 -42.19 -5.95 4.17
CA GLU B 8 -42.81 -4.56 4.04
C GLU B 8 -42.49 -3.70 5.28
N VAL B 9 -41.55 -2.78 5.12
CA VAL B 9 -40.83 -2.08 6.21
C VAL B 9 -41.48 -0.71 6.38
N LEU B 10 -41.96 -0.38 7.58
CA LEU B 10 -42.56 0.95 7.88
C LEU B 10 -41.57 1.80 8.69
N GLU B 11 -42.06 2.60 9.64
CA GLU B 11 -41.26 3.64 10.34
C GLU B 11 -40.48 3.03 11.52
N VAL B 12 -39.38 3.69 11.88
CA VAL B 12 -38.61 3.43 13.14
C VAL B 12 -39.51 3.87 14.31
N LYS B 13 -39.62 3.05 15.35
CA LYS B 13 -40.48 3.30 16.55
C LYS B 13 -39.57 3.68 17.72
N ALA B 18 -36.80 1.64 23.05
CA ALA B 18 -36.49 2.18 21.70
C ALA B 18 -35.23 1.51 21.12
N ILE B 19 -34.09 1.66 21.80
CA ILE B 19 -32.75 1.21 21.35
C ILE B 19 -32.20 0.20 22.37
N THR B 20 -31.53 -0.84 21.93
CA THR B 20 -30.78 -1.76 22.81
C THR B 20 -29.40 -2.00 22.19
N GLU B 21 -28.44 -2.41 23.01
CA GLU B 21 -27.07 -2.78 22.59
C GLU B 21 -26.84 -4.20 23.06
N VAL B 22 -26.33 -5.07 22.21
CA VAL B 22 -25.84 -6.41 22.64
C VAL B 22 -24.33 -6.45 22.34
N GLU B 23 -23.58 -7.09 23.22
CA GLU B 23 -22.14 -7.31 23.00
C GLU B 23 -21.87 -8.79 23.19
N CYS B 24 -20.82 -9.28 22.56
CA CYS B 24 -20.49 -10.73 22.50
CA CYS B 24 -20.39 -10.69 22.69
C CYS B 24 -18.99 -10.86 22.13
N PHE B 25 -18.31 -11.84 22.69
CA PHE B 25 -16.95 -12.28 22.29
C PHE B 25 -17.18 -13.65 21.66
N LEU B 26 -16.88 -13.79 20.37
CA LEU B 26 -16.99 -15.08 19.63
C LEU B 26 -15.61 -15.73 19.60
N ASN B 27 -15.49 -16.91 20.20
CA ASN B 27 -14.20 -17.65 20.23
C ASN B 27 -13.90 -18.16 18.83
N PRO B 28 -12.60 -18.28 18.46
CA PRO B 28 -12.24 -18.93 17.20
C PRO B 28 -12.38 -20.45 17.33
N GLU B 29 -12.50 -21.13 16.20
CA GLU B 29 -12.67 -22.60 16.09
C GLU B 29 -11.61 -23.13 15.11
N MET B 30 -10.38 -23.16 15.57
CA MET B 30 -9.18 -23.45 14.73
C MET B 30 -8.93 -24.96 14.66
N GLY B 31 -9.58 -25.76 15.52
CA GLY B 31 -9.45 -27.24 15.55
C GLY B 31 -9.17 -27.78 16.93
N ASP B 32 -8.35 -27.06 17.73
CA ASP B 32 -8.13 -27.35 19.18
C ASP B 32 -7.68 -28.81 19.31
N PRO B 33 -6.43 -29.12 18.89
CA PRO B 33 -5.97 -30.51 18.80
C PRO B 33 -5.82 -31.22 20.15
N ASP B 34 -5.67 -30.48 21.23
CA ASP B 34 -5.66 -31.03 22.61
C ASP B 34 -6.13 -29.90 23.53
N GLU B 35 -6.31 -30.21 24.82
CA GLU B 35 -6.94 -29.30 25.81
C GLU B 35 -6.01 -28.12 26.10
N ASN B 36 -4.71 -28.20 25.79
CA ASN B 36 -3.76 -27.07 26.02
C ASN B 36 -3.66 -26.13 24.82
N LEU B 37 -4.02 -26.56 23.62
CA LEU B 37 -3.77 -25.80 22.37
C LEU B 37 -5.09 -25.23 21.83
N ARG B 38 -5.96 -24.77 22.73
CA ARG B 38 -7.16 -23.96 22.38
C ARG B 38 -6.69 -22.73 21.58
N GLY B 39 -7.27 -22.52 20.39
CA GLY B 39 -6.92 -21.39 19.51
C GLY B 39 -5.91 -21.77 18.45
N PHE B 40 -5.46 -23.02 18.42
CA PHE B 40 -4.54 -23.56 17.40
C PHE B 40 -5.22 -24.70 16.68
N SER B 41 -4.74 -25.03 15.48
CA SER B 41 -5.11 -26.28 14.76
C SER B 41 -4.11 -27.39 15.09
N LEU B 42 -4.48 -28.62 14.73
CA LEU B 42 -3.53 -29.75 14.58
C LEU B 42 -2.43 -29.32 13.60
N LYS B 43 -1.21 -29.83 13.75
CA LYS B 43 -0.12 -29.62 12.76
C LYS B 43 -0.67 -29.92 11.36
N LEU B 44 -0.24 -29.14 10.35
CA LEU B 44 -0.69 -29.31 8.96
C LEU B 44 0.06 -30.50 8.35
N SER B 45 -0.66 -31.37 7.65
CA SER B 45 -0.10 -32.33 6.68
C SER B 45 0.23 -31.58 5.40
N ALA B 46 1.03 -32.19 4.53
CA ALA B 46 1.36 -31.62 3.20
C ALA B 46 1.51 -32.73 2.18
N GLU B 47 1.18 -32.41 0.93
CA GLU B 47 1.53 -33.17 -0.29
C GLU B 47 0.62 -34.40 -0.42
N ASN B 48 -0.52 -34.45 0.26
CA ASN B 48 -1.54 -35.50 0.01
C ASN B 48 -1.99 -35.39 -1.45
N ASP B 49 -1.98 -36.50 -2.19
CA ASP B 49 -2.49 -36.53 -3.58
C ASP B 49 -3.96 -36.11 -3.55
N PHE B 50 -4.45 -35.42 -4.58
CA PHE B 50 -5.87 -35.01 -4.67
C PHE B 50 -6.78 -36.24 -4.50
N SER B 51 -6.31 -37.41 -4.95
CA SER B 51 -7.09 -38.67 -4.95
C SER B 51 -7.08 -39.31 -3.56
N SER B 52 -6.23 -38.89 -2.62
CA SER B 52 -6.21 -39.45 -1.24
C SER B 52 -5.93 -38.34 -0.23
N ASP B 53 -6.90 -37.45 -0.08
CA ASP B 53 -6.79 -36.24 0.76
C ASP B 53 -7.85 -36.36 1.83
N SER B 54 -7.44 -36.81 3.02
CA SER B 54 -8.34 -37.14 4.14
C SER B 54 -7.93 -36.34 5.36
N PRO B 55 -8.18 -35.01 5.38
CA PRO B 55 -7.77 -34.18 6.51
C PRO B 55 -8.48 -34.58 7.82
N GLU B 56 -7.74 -34.56 8.92
CA GLU B 56 -8.29 -34.77 10.28
C GLU B 56 -9.10 -33.54 10.69
N ARG B 57 -10.17 -33.79 11.44
CA ARG B 57 -11.11 -32.74 11.94
CA ARG B 57 -11.10 -32.73 11.92
C ARG B 57 -10.32 -31.61 12.59
N LYS B 58 -9.36 -31.95 13.45
CA LYS B 58 -8.68 -30.97 14.34
C LYS B 58 -7.67 -30.13 13.55
N MET B 59 -7.46 -30.43 12.27
CA MET B 59 -6.56 -29.67 11.39
C MET B 59 -7.32 -28.55 10.65
N LEU B 60 -8.66 -28.56 10.68
CA LEU B 60 -9.52 -27.70 9.83
C LEU B 60 -10.17 -26.59 10.66
N PRO B 61 -9.71 -25.35 10.55
CA PRO B 61 -10.46 -24.21 11.08
C PRO B 61 -11.87 -24.16 10.50
N CYS B 62 -12.83 -23.81 11.34
CA CYS B 62 -14.26 -23.69 11.00
C CYS B 62 -14.74 -22.26 11.33
N TYR B 63 -15.80 -21.83 10.67
CA TYR B 63 -16.54 -20.60 11.00
C TYR B 63 -17.07 -20.70 12.42
N SER B 64 -17.00 -19.57 13.12
CA SER B 64 -17.64 -19.33 14.43
C SER B 64 -18.98 -18.68 14.18
N THR B 65 -19.98 -19.00 15.00
CA THR B 65 -21.29 -18.32 14.91
C THR B 65 -21.99 -18.41 16.26
N ALA B 66 -22.82 -17.43 16.56
CA ALA B 66 -23.74 -17.45 17.72
C ALA B 66 -25.05 -16.77 17.32
N ARG B 67 -26.14 -17.30 17.84
CA ARG B 67 -27.50 -16.70 17.74
C ARG B 67 -27.78 -16.05 19.09
N ILE B 68 -28.05 -14.75 19.10
CA ILE B 68 -28.34 -13.98 20.35
C ILE B 68 -29.84 -13.72 20.37
N PRO B 69 -30.58 -14.36 21.31
CA PRO B 69 -32.01 -14.15 21.44
C PRO B 69 -32.30 -12.74 21.96
N LEU B 70 -33.32 -12.09 21.41
CA LEU B 70 -33.72 -10.71 21.76
C LEU B 70 -35.13 -10.75 22.31
N PRO B 71 -35.53 -9.75 23.13
CA PRO B 71 -36.89 -9.70 23.67
C PRO B 71 -37.94 -9.78 22.56
N ASN B 72 -38.86 -10.74 22.77
CA ASN B 72 -40.02 -11.08 21.93
C ASN B 72 -40.96 -9.88 21.86
N LEU B 73 -40.88 -9.06 20.82
CA LEU B 73 -41.64 -7.80 20.72
C LEU B 73 -43.11 -8.05 20.36
N ASN B 74 -43.52 -9.31 20.15
CA ASN B 74 -44.89 -9.63 19.62
C ASN B 74 -45.31 -11.03 20.11
N ASN B 81 -49.62 -5.12 11.91
CA ASN B 81 -48.34 -4.38 12.05
C ASN B 81 -47.56 -4.95 13.24
N LEU B 82 -46.35 -5.45 12.99
CA LEU B 82 -45.44 -6.06 13.97
C LEU B 82 -44.30 -5.07 14.26
N LEU B 83 -43.63 -5.24 15.40
CA LEU B 83 -42.31 -4.63 15.66
C LEU B 83 -41.21 -5.69 15.49
N MET B 84 -40.07 -5.28 14.94
CA MET B 84 -38.85 -6.13 14.85
C MET B 84 -37.63 -5.31 15.28
N TRP B 85 -36.67 -5.98 15.92
CA TRP B 85 -35.33 -5.42 16.20
C TRP B 85 -34.58 -5.26 14.87
N GLU B 86 -33.99 -4.10 14.64
CA GLU B 86 -33.21 -3.72 13.44
C GLU B 86 -31.79 -3.38 13.88
N ALA B 87 -30.79 -4.10 13.38
CA ALA B 87 -29.37 -3.83 13.67
C ALA B 87 -28.91 -2.61 12.87
N VAL B 88 -28.39 -1.57 13.53
CA VAL B 88 -28.06 -0.27 12.88
C VAL B 88 -26.54 -0.13 12.72
N THR B 89 -25.77 -0.47 13.74
CA THR B 89 -24.29 -0.35 13.70
C THR B 89 -23.65 -1.54 14.40
N VAL B 90 -22.40 -1.81 14.04
CA VAL B 90 -21.55 -2.79 14.76
C VAL B 90 -20.16 -2.18 14.96
N GLN B 91 -19.62 -2.36 16.15
CA GLN B 91 -18.19 -2.19 16.44
C GLN B 91 -17.61 -3.59 16.66
N THR B 92 -16.49 -3.88 16.03
CA THR B 92 -15.89 -5.22 16.09
C THR B 92 -14.38 -5.06 16.11
N GLU B 93 -13.67 -5.95 16.81
CA GLU B 93 -12.21 -6.08 16.61
C GLU B 93 -11.74 -7.45 17.06
N VAL B 94 -10.57 -7.80 16.57
CA VAL B 94 -9.87 -9.06 16.90
C VAL B 94 -9.17 -8.83 18.24
N ILE B 95 -9.28 -9.82 19.13
CA ILE B 95 -8.87 -9.72 20.56
C ILE B 95 -7.60 -10.53 20.75
N GLY B 96 -6.54 -9.88 21.20
CA GLY B 96 -5.28 -10.55 21.59
C GLY B 96 -4.20 -10.46 20.54
N ILE B 97 -4.20 -9.41 19.72
CA ILE B 97 -3.24 -9.32 18.58
C ILE B 97 -1.81 -9.23 19.11
N THR B 98 -1.58 -8.66 20.29
CA THR B 98 -0.24 -8.50 20.89
C THR B 98 0.33 -9.84 21.38
N SER B 99 -0.49 -10.88 21.48
CA SER B 99 -0.02 -12.24 21.93
C SER B 99 1.04 -12.76 20.94
N MET B 100 1.03 -12.26 19.71
CA MET B 100 2.01 -12.68 18.67
C MET B 100 3.39 -12.07 18.94
N LEU B 101 3.55 -11.21 19.95
CA LEU B 101 4.88 -10.69 20.37
C LEU B 101 5.61 -11.68 21.29
N ASN B 102 4.96 -12.78 21.68
CA ASN B 102 5.62 -13.90 22.40
C ASN B 102 6.40 -14.73 21.36
N LEU B 103 7.69 -14.49 21.23
CA LEU B 103 8.60 -15.20 20.31
C LEU B 103 9.53 -16.12 21.12
N HIS B 104 9.27 -16.30 22.42
CA HIS B 104 10.09 -17.16 23.33
C HIS B 104 9.47 -18.58 23.46
N ALA B 105 8.17 -18.73 23.22
CA ALA B 105 7.41 -19.99 23.41
C ALA B 105 7.25 -20.72 22.07
N GLY B 106 7.88 -21.90 21.92
CA GLY B 106 7.51 -22.96 20.97
C GLY B 106 7.95 -22.73 19.54
N SER B 107 8.15 -21.48 19.10
CA SER B 107 8.39 -21.17 17.67
C SER B 107 9.86 -21.41 17.31
N GLN B 108 10.09 -21.89 16.09
CA GLN B 108 11.43 -22.16 15.53
C GLN B 108 12.25 -20.85 15.53
N LYS B 109 13.50 -20.92 15.96
CA LYS B 109 14.42 -19.77 15.88
C LYS B 109 14.56 -19.35 14.42
N VAL B 110 14.67 -18.04 14.17
CA VAL B 110 14.81 -17.50 12.80
C VAL B 110 16.22 -17.83 12.28
N HIS B 111 17.19 -17.97 13.19
CA HIS B 111 18.58 -18.36 12.87
C HIS B 111 19.28 -18.72 14.19
N GLU B 112 20.53 -19.19 14.12
CA GLU B 112 21.35 -19.51 15.32
C GLU B 112 21.38 -18.30 16.27
N HIS B 113 20.98 -18.49 17.53
CA HIS B 113 21.00 -17.46 18.62
C HIS B 113 19.87 -16.44 18.47
N GLY B 114 19.01 -16.56 17.45
CA GLY B 114 17.93 -15.60 17.17
C GLY B 114 16.70 -15.88 18.00
N GLY B 115 15.72 -14.96 17.99
CA GLY B 115 14.40 -15.20 18.60
C GLY B 115 13.52 -16.10 17.76
N GLY B 116 12.35 -16.46 18.28
CA GLY B 116 11.35 -17.30 17.60
C GLY B 116 10.81 -16.64 16.34
N LYS B 117 10.32 -17.46 15.42
CA LYS B 117 9.68 -17.04 14.15
C LYS B 117 8.29 -16.50 14.48
N PRO B 118 7.99 -15.26 14.09
CA PRO B 118 6.61 -14.74 14.18
C PRO B 118 5.60 -15.62 13.44
N ILE B 119 4.37 -15.64 13.93
CA ILE B 119 3.19 -16.09 13.15
C ILE B 119 3.13 -15.25 11.88
N GLN B 120 2.97 -15.92 10.74
CA GLN B 120 2.89 -15.29 9.41
C GLN B 120 2.32 -16.31 8.42
N GLY B 121 1.99 -15.85 7.23
CA GLY B 121 1.43 -16.69 6.14
C GLY B 121 -0.04 -16.39 5.96
N SER B 122 -0.71 -17.24 5.22
CA SER B 122 -2.12 -17.04 4.80
C SER B 122 -3.00 -16.69 6.01
N ASN B 123 -3.87 -15.69 5.84
CA ASN B 123 -4.77 -15.27 6.93
C ASN B 123 -6.10 -14.86 6.30
N PHE B 124 -7.13 -14.91 7.10
CA PHE B 124 -8.53 -14.61 6.72
C PHE B 124 -9.20 -13.98 7.92
N HIS B 125 -9.75 -12.79 7.73
CA HIS B 125 -10.47 -12.00 8.75
C HIS B 125 -11.84 -11.68 8.17
N PHE B 126 -12.88 -12.14 8.86
CA PHE B 126 -14.26 -12.16 8.34
C PHE B 126 -15.21 -11.97 9.53
N PHE B 127 -16.23 -11.16 9.32
CA PHE B 127 -17.39 -11.06 10.25
C PHE B 127 -18.66 -10.78 9.44
N ALA B 128 -19.79 -11.13 10.06
CA ALA B 128 -21.15 -10.89 9.54
C ALA B 128 -22.06 -10.59 10.73
N VAL B 129 -23.03 -9.72 10.50
CA VAL B 129 -24.17 -9.47 11.41
C VAL B 129 -25.44 -9.57 10.56
N GLY B 130 -26.42 -10.36 11.00
CA GLY B 130 -27.69 -10.47 10.28
C GLY B 130 -28.85 -10.89 11.17
N GLY B 131 -30.07 -10.86 10.60
CA GLY B 131 -31.32 -11.32 11.27
C GLY B 131 -31.70 -12.72 10.83
N ASP B 132 -30.85 -13.34 9.99
CA ASP B 132 -30.94 -14.74 9.55
C ASP B 132 -29.55 -15.34 9.66
N PRO B 133 -29.42 -16.69 9.69
CA PRO B 133 -28.11 -17.30 9.62
C PRO B 133 -27.39 -16.85 8.35
N LEU B 134 -26.06 -16.73 8.43
CA LEU B 134 -25.23 -16.40 7.24
C LEU B 134 -25.47 -17.48 6.19
N GLU B 135 -25.71 -17.05 4.96
CA GLU B 135 -25.88 -17.95 3.81
C GLU B 135 -24.53 -18.11 3.11
N MET B 136 -24.14 -19.36 2.87
CA MET B 136 -22.79 -19.69 2.39
C MET B 136 -22.90 -20.48 1.08
N GLN B 137 -21.89 -20.30 0.24
CA GLN B 137 -21.67 -21.02 -1.03
C GLN B 137 -20.42 -21.88 -0.85
N GLY B 138 -20.50 -23.15 -1.25
CA GLY B 138 -19.36 -24.08 -1.19
C GLY B 138 -18.46 -23.96 -2.39
N VAL B 139 -17.16 -23.93 -2.15
CA VAL B 139 -16.09 -23.97 -3.19
C VAL B 139 -14.91 -24.72 -2.59
N LEU B 140 -14.35 -25.66 -3.34
CA LEU B 140 -13.30 -26.59 -2.83
C LEU B 140 -12.04 -26.40 -3.67
N MET B 141 -10.87 -26.51 -3.03
CA MET B 141 -9.57 -26.65 -3.72
C MET B 141 -9.61 -27.95 -4.55
N ASN B 142 -10.11 -29.02 -3.94
CA ASN B 142 -10.06 -30.42 -4.44
C ASN B 142 -11.42 -31.09 -4.15
N TYR B 143 -12.25 -31.32 -5.16
CA TYR B 143 -13.62 -31.88 -4.96
C TYR B 143 -13.52 -33.30 -4.36
N ARG B 144 -12.36 -33.97 -4.50
CA ARG B 144 -12.20 -35.37 -4.06
C ARG B 144 -11.74 -35.43 -2.61
N THR B 145 -11.58 -34.28 -1.95
CA THR B 145 -11.18 -34.27 -0.51
C THR B 145 -12.24 -35.07 0.25
N LYS B 146 -11.79 -35.95 1.15
CA LYS B 146 -12.68 -36.73 2.05
C LYS B 146 -12.64 -36.03 3.42
N TYR B 147 -13.71 -35.31 3.74
CA TYR B 147 -13.78 -34.48 4.96
C TYR B 147 -14.19 -35.38 6.11
N PRO B 148 -13.70 -35.08 7.32
CA PRO B 148 -13.93 -35.95 8.47
C PRO B 148 -15.28 -35.75 9.15
N ASP B 149 -15.72 -36.79 9.86
CA ASP B 149 -16.93 -36.79 10.72
C ASP B 149 -16.86 -35.55 11.61
N GLY B 150 -17.99 -34.86 11.78
CA GLY B 150 -18.10 -33.66 12.62
C GLY B 150 -18.02 -32.38 11.80
N THR B 151 -17.61 -32.46 10.53
CA THR B 151 -17.63 -31.31 9.59
C THR B 151 -18.87 -31.39 8.72
N ILE B 152 -19.36 -30.24 8.25
CA ILE B 152 -20.42 -30.13 7.24
C ILE B 152 -19.78 -29.45 6.03
N THR B 153 -19.67 -30.18 4.92
CA THR B 153 -18.96 -29.76 3.70
C THR B 153 -19.89 -29.99 2.52
N PRO B 154 -19.56 -29.47 1.32
CA PRO B 154 -20.42 -29.61 0.15
C PRO B 154 -20.77 -31.07 -0.13
N LYS B 155 -22.08 -31.34 -0.26
CA LYS B 155 -22.67 -32.69 -0.49
C LYS B 155 -22.56 -33.02 -1.99
N ASN B 156 -22.12 -34.22 -2.31
CA ASN B 156 -22.03 -34.75 -3.70
C ASN B 156 -21.28 -33.77 -4.59
N PRO B 157 -20.04 -33.40 -4.20
CA PRO B 157 -19.25 -32.47 -4.99
C PRO B 157 -18.82 -33.12 -6.31
N THR B 158 -18.58 -32.29 -7.32
CA THR B 158 -18.08 -32.68 -8.65
C THR B 158 -16.88 -31.78 -8.95
N ALA B 159 -16.26 -31.95 -10.11
CA ALA B 159 -15.15 -31.06 -10.56
C ALA B 159 -15.65 -29.60 -10.58
N GLN B 160 -16.93 -29.37 -10.87
CA GLN B 160 -17.51 -27.99 -10.93
C GLN B 160 -17.48 -27.35 -9.54
N SER B 161 -17.44 -28.16 -8.47
CA SER B 161 -17.31 -27.69 -7.06
C SER B 161 -15.98 -26.95 -6.82
N GLN B 162 -15.01 -27.08 -7.73
CA GLN B 162 -13.71 -26.36 -7.65
C GLN B 162 -13.86 -24.94 -8.21
N VAL B 163 -14.92 -24.69 -8.96
CA VAL B 163 -15.31 -23.34 -9.46
C VAL B 163 -16.67 -23.03 -8.84
N MET B 164 -17.71 -22.75 -9.60
CA MET B 164 -19.05 -22.49 -9.00
C MET B 164 -20.02 -23.64 -9.28
N ASN B 165 -20.49 -24.30 -8.23
CA ASN B 165 -21.57 -25.33 -8.28
C ASN B 165 -22.72 -24.85 -7.39
N THR B 166 -23.81 -24.39 -7.98
CA THR B 166 -24.95 -23.74 -7.26
C THR B 166 -25.66 -24.72 -6.33
N ASP B 167 -25.39 -26.02 -6.38
CA ASP B 167 -25.96 -26.99 -5.40
C ASP B 167 -25.44 -26.71 -3.99
N HIS B 168 -24.24 -26.14 -3.84
CA HIS B 168 -23.57 -26.07 -2.51
C HIS B 168 -24.03 -24.80 -1.77
N LYS B 169 -25.26 -24.82 -1.24
CA LYS B 169 -25.86 -23.72 -0.45
C LYS B 169 -26.02 -24.24 0.98
N ALA B 170 -25.58 -23.47 1.97
CA ALA B 170 -25.71 -23.87 3.39
C ALA B 170 -26.03 -22.62 4.21
N TYR B 171 -26.64 -22.85 5.37
CA TYR B 171 -26.78 -21.85 6.45
C TYR B 171 -25.65 -22.11 7.43
N LEU B 172 -25.01 -21.06 7.91
CA LEU B 172 -24.03 -21.18 9.00
C LEU B 172 -24.86 -21.36 10.27
N ASP B 173 -25.29 -22.59 10.53
CA ASP B 173 -26.32 -22.91 11.54
C ASP B 173 -25.73 -23.79 12.63
N LYS B 174 -24.41 -24.00 12.62
CA LYS B 174 -23.73 -24.77 13.68
C LYS B 174 -22.32 -24.22 13.88
N ASN B 175 -21.96 -23.96 15.13
CA ASN B 175 -20.62 -23.47 15.52
C ASN B 175 -19.65 -24.65 15.33
N ASN B 176 -18.41 -24.36 14.90
CA ASN B 176 -17.31 -25.36 14.85
C ASN B 176 -17.68 -26.56 13.99
N ALA B 177 -18.25 -26.34 12.80
CA ALA B 177 -18.70 -27.46 11.92
C ALA B 177 -18.40 -27.17 10.45
N TYR B 178 -18.55 -25.93 9.99
CA TYR B 178 -18.36 -25.55 8.57
C TYR B 178 -16.91 -25.15 8.35
N PRO B 179 -16.07 -25.97 7.69
CA PRO B 179 -14.67 -25.60 7.50
C PRO B 179 -14.53 -24.33 6.65
N VAL B 180 -13.63 -23.45 7.06
CA VAL B 180 -13.38 -22.16 6.37
C VAL B 180 -12.96 -22.45 4.93
N GLU B 181 -12.16 -23.50 4.71
CA GLU B 181 -11.63 -23.85 3.37
C GLU B 181 -12.73 -24.33 2.41
N CYS B 182 -13.93 -24.64 2.89
CA CYS B 182 -15.04 -25.20 2.05
C CYS B 182 -16.11 -24.16 1.70
N TRP B 183 -16.18 -23.06 2.45
CA TRP B 183 -17.38 -22.19 2.44
C TRP B 183 -16.97 -20.71 2.37
N VAL B 184 -17.74 -19.94 1.63
CA VAL B 184 -17.63 -18.45 1.59
C VAL B 184 -19.02 -17.90 1.79
N PRO B 185 -19.13 -16.63 2.26
CA PRO B 185 -20.41 -15.94 2.27
C PRO B 185 -20.93 -15.90 0.82
N ASP B 186 -22.24 -16.12 0.65
CA ASP B 186 -22.90 -16.18 -0.68
C ASP B 186 -23.39 -14.78 -1.07
N PRO B 187 -22.76 -14.11 -2.04
CA PRO B 187 -23.19 -12.77 -2.45
C PRO B 187 -24.53 -12.78 -3.20
N SER B 188 -25.00 -13.94 -3.65
CA SER B 188 -26.30 -14.09 -4.36
C SER B 188 -27.45 -14.14 -3.35
N ARG B 189 -27.18 -14.29 -2.05
CA ARG B 189 -28.23 -14.31 -1.00
CA ARG B 189 -28.23 -14.31 -1.00
C ARG B 189 -27.85 -13.26 0.06
N ASN B 190 -28.08 -13.54 1.34
CA ASN B 190 -27.72 -12.62 2.45
C ASN B 190 -28.41 -11.26 2.25
N GLU B 191 -29.68 -11.24 1.86
CA GLU B 191 -30.51 -10.01 1.80
C GLU B 191 -30.59 -9.38 3.21
N ASN B 192 -30.51 -10.18 4.27
CA ASN B 192 -30.80 -9.73 5.65
C ASN B 192 -29.56 -9.85 6.54
N THR B 193 -28.37 -9.91 5.92
CA THR B 193 -27.06 -10.00 6.61
C THR B 193 -26.09 -9.02 5.92
N ARG B 194 -25.20 -8.40 6.69
CA ARG B 194 -24.03 -7.67 6.12
C ARG B 194 -22.77 -8.45 6.49
N TYR B 195 -21.91 -8.73 5.52
CA TYR B 195 -20.66 -9.47 5.77
C TYR B 195 -19.49 -8.72 5.13
N PHE B 196 -18.31 -8.95 5.71
CA PHE B 196 -17.04 -8.31 5.34
C PHE B 196 -15.90 -9.31 5.59
N GLY B 197 -15.06 -9.54 4.60
CA GLY B 197 -13.91 -10.45 4.73
C GLY B 197 -12.75 -10.02 3.84
N THR B 198 -11.54 -10.31 4.32
CA THR B 198 -10.29 -10.17 3.56
C THR B 198 -9.46 -11.44 3.72
N PHE B 199 -9.12 -12.04 2.58
CA PHE B 199 -8.15 -13.14 2.47
C PHE B 199 -6.82 -12.60 1.96
N THR B 200 -5.73 -12.91 2.66
CA THR B 200 -4.34 -12.64 2.25
C THR B 200 -3.59 -13.96 2.25
N GLY B 201 -3.14 -14.41 1.08
CA GLY B 201 -2.48 -15.71 0.91
C GLY B 201 -0.97 -15.58 0.72
N GLY B 202 -0.21 -16.56 1.18
CA GLY B 202 1.24 -16.62 0.90
C GLY B 202 2.00 -17.16 2.09
N GLU B 203 3.18 -17.71 1.83
CA GLU B 203 4.06 -18.35 2.84
C GLU B 203 4.41 -17.38 3.95
N ASN B 204 4.85 -16.17 3.60
CA ASN B 204 5.51 -15.23 4.54
C ASN B 204 4.71 -13.95 4.71
N VAL B 205 3.45 -13.91 4.29
CA VAL B 205 2.55 -12.72 4.46
C VAL B 205 2.58 -12.25 5.91
N PRO B 206 2.91 -10.98 6.21
CA PRO B 206 2.81 -10.45 7.56
C PRO B 206 1.38 -10.14 7.97
N PRO B 207 0.93 -10.62 9.15
CA PRO B 207 -0.34 -10.18 9.69
C PRO B 207 -0.28 -8.67 9.95
N VAL B 208 -1.35 -7.96 9.62
CA VAL B 208 -1.51 -6.51 9.91
C VAL B 208 -2.88 -6.36 10.58
N LEU B 209 -2.94 -6.00 11.84
CA LEU B 209 -4.21 -5.90 12.60
C LEU B 209 -4.27 -4.56 13.32
N HIS B 210 -5.40 -3.90 13.20
CA HIS B 210 -5.70 -2.58 13.82
C HIS B 210 -6.70 -2.78 14.95
N VAL B 211 -6.55 -2.04 16.03
CA VAL B 211 -7.58 -1.95 17.11
C VAL B 211 -7.88 -0.47 17.32
N THR B 212 -9.14 -0.16 17.52
CA THR B 212 -9.58 1.18 17.96
C THR B 212 -11.03 1.06 18.40
N ASN B 213 -11.40 1.77 19.45
CA ASN B 213 -12.81 1.80 19.91
C ASN B 213 -13.54 2.97 19.23
N THR B 214 -12.95 3.60 18.21
CA THR B 214 -13.52 4.79 17.54
C THR B 214 -14.12 4.43 16.18
N ALA B 215 -14.05 3.17 15.75
CA ALA B 215 -14.56 2.73 14.42
C ALA B 215 -15.90 2.04 14.58
N THR B 216 -16.88 2.47 13.78
CA THR B 216 -18.23 1.88 13.73
C THR B 216 -18.57 1.58 12.28
N THR B 217 -19.11 0.39 12.01
CA THR B 217 -19.67 0.02 10.68
C THR B 217 -21.17 0.22 10.73
N VAL B 218 -21.72 1.03 9.81
CA VAL B 218 -23.18 1.24 9.67
C VAL B 218 -23.76 0.05 8.89
N LEU B 219 -24.85 -0.54 9.36
CA LEU B 219 -25.41 -1.79 8.77
C LEU B 219 -26.63 -1.47 7.88
N LEU B 220 -27.01 -0.19 7.80
CA LEU B 220 -28.18 0.27 7.02
C LEU B 220 -27.90 0.09 5.54
N ASP B 221 -28.88 -0.37 4.77
CA ASP B 221 -28.79 -0.51 3.30
C ASP B 221 -29.12 0.86 2.67
N GLU B 222 -29.22 0.90 1.34
CA GLU B 222 -29.49 2.15 0.54
C GLU B 222 -30.81 2.79 1.00
N GLN B 223 -31.81 2.00 1.41
CA GLN B 223 -33.13 2.50 1.88
C GLN B 223 -33.10 2.88 3.37
N GLY B 224 -31.93 2.82 4.04
CA GLY B 224 -31.80 3.16 5.46
C GLY B 224 -32.32 2.06 6.37
N VAL B 225 -32.36 0.81 5.89
CA VAL B 225 -32.89 -0.35 6.66
C VAL B 225 -31.74 -1.30 7.00
N GLY B 226 -31.60 -1.62 8.28
CA GLY B 226 -30.59 -2.58 8.76
C GLY B 226 -31.14 -4.00 8.72
N PRO B 227 -30.31 -5.03 9.02
CA PRO B 227 -30.83 -6.37 9.22
C PRO B 227 -31.98 -6.37 10.23
N LEU B 228 -33.04 -7.10 9.89
CA LEU B 228 -34.25 -7.24 10.71
C LEU B 228 -34.25 -8.63 11.35
N CYS B 229 -34.35 -8.69 12.67
CA CYS B 229 -34.24 -9.94 13.45
C CYS B 229 -35.54 -10.73 13.36
N LYS B 230 -35.59 -11.61 12.36
CA LYS B 230 -36.78 -12.37 11.86
C LYS B 230 -37.61 -12.95 13.01
N ALA B 231 -37.01 -13.86 13.78
CA ALA B 231 -37.65 -14.59 14.89
C ALA B 231 -36.99 -14.17 16.20
N ASP B 232 -36.83 -12.86 16.38
CA ASP B 232 -36.26 -12.22 17.60
C ASP B 232 -34.85 -12.79 17.86
N SER B 233 -34.11 -13.06 16.80
CA SER B 233 -32.73 -13.60 16.85
C SER B 233 -31.76 -12.72 16.05
N LEU B 234 -30.63 -12.39 16.65
CA LEU B 234 -29.47 -11.69 16.00
C LEU B 234 -28.35 -12.72 15.80
N TYR B 235 -27.78 -12.77 14.59
CA TYR B 235 -26.72 -13.73 14.22
C TYR B 235 -25.39 -12.97 14.04
N VAL B 236 -24.37 -13.41 14.77
CA VAL B 236 -22.96 -12.97 14.56
C VAL B 236 -22.15 -14.18 14.06
N SER B 237 -21.29 -13.93 13.09
CA SER B 237 -20.40 -14.95 12.48
C SER B 237 -18.99 -14.37 12.32
N ALA B 238 -17.96 -15.21 12.40
CA ALA B 238 -16.55 -14.76 12.31
C ALA B 238 -15.66 -15.90 11.82
N ALA B 239 -14.56 -15.49 11.21
CA ALA B 239 -13.35 -16.33 11.04
C ALA B 239 -12.15 -15.40 11.06
N ASP B 240 -11.22 -15.66 11.98
CA ASP B 240 -10.01 -14.85 12.20
C ASP B 240 -8.81 -15.79 12.32
N ILE B 241 -8.42 -16.37 11.19
CA ILE B 241 -7.17 -17.14 11.04
C ILE B 241 -6.04 -16.12 10.86
N CYS B 242 -5.15 -15.99 11.85
CA CYS B 242 -4.11 -14.93 11.92
C CYS B 242 -2.89 -15.28 11.09
N GLY B 243 -2.66 -16.57 10.87
CA GLY B 243 -1.52 -17.10 10.12
C GLY B 243 -1.09 -18.43 10.67
N LEU B 244 0.13 -18.84 10.31
CA LEU B 244 0.72 -20.13 10.72
C LEU B 244 1.79 -19.89 11.79
N PHE B 245 1.71 -20.67 12.86
CA PHE B 245 2.75 -20.83 13.91
C PHE B 245 3.70 -21.95 13.47
N THR B 246 5.00 -21.68 13.38
CA THR B 246 6.01 -22.69 13.00
C THR B 246 6.73 -23.18 14.27
N ASN B 247 6.48 -24.44 14.66
CA ASN B 247 7.13 -25.10 15.82
C ASN B 247 8.63 -25.25 15.53
N SER B 248 9.45 -25.41 16.58
CA SER B 248 10.91 -25.73 16.50
C SER B 248 11.18 -26.85 15.51
N SER B 249 10.34 -27.88 15.51
CA SER B 249 10.43 -29.07 14.63
C SER B 249 10.27 -28.69 13.15
N GLY B 250 9.63 -27.55 12.85
CA GLY B 250 9.24 -27.20 11.48
C GLY B 250 7.76 -27.47 11.20
N THR B 251 7.05 -28.15 12.08
CA THR B 251 5.58 -28.37 11.90
C THR B 251 4.87 -27.02 12.03
N GLN B 252 3.72 -26.89 11.37
CA GLN B 252 2.95 -25.62 11.35
C GLN B 252 1.54 -25.88 11.86
N GLN B 253 1.01 -24.91 12.59
CA GLN B 253 -0.37 -24.91 13.10
C GLN B 253 -1.01 -23.56 12.77
N TRP B 254 -2.28 -23.56 12.40
CA TRP B 254 -3.09 -22.32 12.32
C TRP B 254 -3.19 -21.72 13.72
N ARG B 255 -3.14 -20.40 13.81
CA ARG B 255 -3.48 -19.63 15.03
C ARG B 255 -4.67 -18.70 14.74
N GLY B 256 -5.68 -18.72 15.60
CA GLY B 256 -6.90 -17.90 15.54
C GLY B 256 -7.08 -17.08 16.80
N LEU B 257 -7.88 -16.01 16.70
CA LEU B 257 -8.17 -15.15 17.86
C LEU B 257 -9.67 -14.88 17.90
N ALA B 258 -10.18 -14.57 19.09
CA ALA B 258 -11.59 -14.23 19.34
C ALA B 258 -11.90 -12.87 18.68
N ARG B 259 -13.18 -12.67 18.35
CA ARG B 259 -13.68 -11.40 17.79
C ARG B 259 -14.77 -10.84 18.71
N TYR B 260 -14.68 -9.57 19.04
CA TYR B 260 -15.68 -8.82 19.82
C TYR B 260 -16.68 -8.20 18.85
N PHE B 261 -17.95 -8.19 19.26
CA PHE B 261 -19.06 -7.49 18.57
C PHE B 261 -19.81 -6.63 19.59
N LYS B 262 -20.07 -5.38 19.25
CA LYS B 262 -21.09 -4.52 19.93
C LYS B 262 -22.05 -4.01 18.87
N ILE B 263 -23.31 -4.43 18.96
CA ILE B 263 -24.34 -4.12 17.94
C ILE B 263 -25.40 -3.24 18.60
N ARG B 264 -25.71 -2.09 17.99
CA ARG B 264 -26.83 -1.20 18.38
C ARG B 264 -28.06 -1.60 17.57
N LEU B 265 -29.19 -1.86 18.22
CA LEU B 265 -30.48 -2.18 17.56
C LEU B 265 -31.55 -1.17 17.95
N ARG B 266 -32.54 -0.96 17.08
CA ARG B 266 -33.71 -0.11 17.35
C ARG B 266 -34.94 -0.91 16.95
N LYS B 267 -36.13 -0.48 17.39
CA LYS B 267 -37.40 -1.14 17.03
C LYS B 267 -37.86 -0.55 15.70
N ARG B 268 -38.26 -1.41 14.78
CA ARG B 268 -38.77 -1.03 13.44
C ARG B 268 -40.18 -1.63 13.30
N SER B 269 -41.14 -0.80 12.89
CA SER B 269 -42.51 -1.27 12.53
C SER B 269 -42.44 -1.87 11.12
N VAL B 270 -43.12 -3.00 10.91
CA VAL B 270 -43.27 -3.66 9.59
C VAL B 270 -44.73 -4.12 9.44
N LYS B 271 -45.19 -4.35 8.21
CA LYS B 271 -46.56 -4.81 7.88
C LYS B 271 -46.58 -6.34 8.03
N ASN B 272 -47.68 -6.89 8.54
CA ASN B 272 -48.00 -8.35 8.47
C ASN B 272 -49.02 -8.68 9.58
N ALA C 18 -11.56 27.56 30.40
CA ALA C 18 -11.40 27.93 28.96
C ALA C 18 -10.84 26.73 28.19
N ILE C 19 -9.71 26.90 27.51
CA ILE C 19 -8.93 25.84 26.82
C ILE C 19 -7.55 25.73 27.49
N THR C 20 -7.03 24.52 27.66
CA THR C 20 -5.64 24.31 28.11
C THR C 20 -5.01 23.22 27.24
N GLU C 21 -3.68 23.21 27.15
CA GLU C 21 -2.91 22.21 26.40
C GLU C 21 -1.94 21.58 27.39
N VAL C 22 -1.86 20.26 27.43
CA VAL C 22 -0.79 19.55 28.20
C VAL C 22 0.05 18.77 27.19
N GLU C 23 1.35 18.68 27.45
CA GLU C 23 2.22 17.83 26.61
C GLU C 23 2.98 16.87 27.51
N CYS C 24 3.46 15.78 26.96
CA CYS C 24 4.27 14.77 27.68
CA CYS C 24 4.39 14.88 27.65
C CYS C 24 5.09 13.97 26.65
N PHE C 25 6.29 13.56 27.01
CA PHE C 25 7.10 12.55 26.29
C PHE C 25 7.06 11.30 27.18
N LEU C 26 6.46 10.22 26.72
CA LEU C 26 6.32 8.94 27.46
C LEU C 26 7.43 8.00 26.99
N ASN C 27 8.34 7.64 27.89
CA ASN C 27 9.49 6.77 27.53
C ASN C 27 8.96 5.36 27.28
N PRO C 28 9.63 4.59 26.40
CA PRO C 28 9.27 3.20 26.18
C PRO C 28 9.82 2.34 27.33
N GLU C 29 9.24 1.17 27.53
CA GLU C 29 9.59 0.21 28.61
C GLU C 29 9.84 -1.15 27.96
N MET C 30 10.98 -1.27 27.29
CA MET C 30 11.34 -2.43 26.46
C MET C 30 12.00 -3.54 27.30
N GLY C 31 12.41 -3.23 28.53
CA GLY C 31 13.05 -4.19 29.45
C GLY C 31 14.34 -3.68 30.06
N ASP C 32 15.16 -2.92 29.30
CA ASP C 32 16.36 -2.20 29.80
C ASP C 32 17.28 -3.20 30.50
N PRO C 33 17.94 -4.10 29.75
CA PRO C 33 18.68 -5.22 30.34
C PRO C 33 19.93 -4.80 31.13
N ASP C 34 20.47 -3.61 30.87
CA ASP C 34 21.56 -3.04 31.71
C ASP C 34 21.49 -1.53 31.60
N GLU C 35 22.34 -0.81 32.33
CA GLU C 35 22.31 0.67 32.48
C GLU C 35 22.61 1.34 31.13
N ASN C 36 23.29 0.67 30.20
CA ASN C 36 23.66 1.25 28.89
C ASN C 36 22.62 0.98 27.80
N LEU C 37 21.74 -0.02 27.98
CA LEU C 37 20.82 -0.50 26.90
C LEU C 37 19.37 -0.08 27.20
N ARG C 38 19.21 1.10 27.78
CA ARG C 38 17.92 1.81 27.87
C ARG C 38 17.29 1.89 26.47
N GLY C 39 16.04 1.42 26.33
CA GLY C 39 15.28 1.44 25.07
C GLY C 39 15.37 0.12 24.33
N PHE C 40 16.10 -0.85 24.85
CA PHE C 40 16.23 -2.21 24.27
C PHE C 40 15.70 -3.22 25.28
N SER C 41 15.34 -4.41 24.81
CA SER C 41 15.08 -5.59 25.66
C SER C 41 16.36 -6.40 25.82
N LEU C 42 16.34 -7.33 26.78
CA LEU C 42 17.26 -8.48 26.87
C LEU C 42 17.18 -9.25 25.55
N LYS C 43 18.27 -9.87 25.12
CA LYS C 43 18.28 -10.79 23.96
C LYS C 43 17.12 -11.79 24.08
N LEU C 44 16.48 -12.12 22.97
CA LEU C 44 15.31 -13.03 22.92
C LEU C 44 15.81 -14.46 23.03
N SER C 45 15.16 -15.26 23.88
CA SER C 45 15.23 -16.74 23.85
C SER C 45 14.31 -17.24 22.73
N ALA C 46 14.45 -18.50 22.36
CA ALA C 46 13.65 -19.16 21.31
C ALA C 46 13.52 -20.65 21.65
N GLU C 47 12.40 -21.24 21.22
CA GLU C 47 12.17 -22.71 21.14
C GLU C 47 11.92 -23.30 22.54
N ASN C 48 11.57 -22.48 23.53
CA ASN C 48 11.12 -23.00 24.85
C ASN C 48 9.84 -23.80 24.61
N ASP C 49 9.76 -25.02 25.17
CA ASP C 49 8.50 -25.81 25.12
C ASP C 49 7.42 -25.01 25.82
N PHE C 50 6.16 -25.11 25.36
CA PHE C 50 5.01 -24.41 26.01
C PHE C 50 4.97 -24.76 27.50
N SER C 51 5.40 -25.99 27.86
CA SER C 51 5.34 -26.51 29.25
C SER C 51 6.50 -25.98 30.09
N SER C 52 7.54 -25.37 29.49
CA SER C 52 8.66 -24.78 30.27
C SER C 52 9.11 -23.46 29.63
N ASP C 53 8.25 -22.46 29.74
CA ASP C 53 8.44 -21.13 29.10
C ASP C 53 8.46 -20.11 30.25
N SER C 54 9.67 -19.71 30.65
CA SER C 54 9.92 -18.85 31.83
C SER C 54 10.71 -17.62 31.39
N PRO C 55 10.06 -16.67 30.66
CA PRO C 55 10.78 -15.48 30.20
C PRO C 55 11.30 -14.62 31.36
N GLU C 56 12.50 -14.07 31.18
CA GLU C 56 13.09 -13.08 32.12
C GLU C 56 12.38 -11.74 31.96
N ARG C 57 12.24 -11.03 33.08
CA ARG C 57 11.58 -9.71 33.15
CA ARG C 57 11.60 -9.71 33.17
C ARG C 57 12.15 -8.78 32.07
N LYS C 58 13.47 -8.73 31.91
CA LYS C 58 14.13 -7.70 31.07
C LYS C 58 13.96 -8.04 29.57
N MET C 59 13.38 -9.19 29.26
CA MET C 59 13.12 -9.61 27.86
C MET C 59 11.72 -9.16 27.39
N LEU C 60 10.86 -8.69 28.30
CA LEU C 60 9.42 -8.45 28.04
C LEU C 60 9.10 -6.97 27.98
N PRO C 61 8.89 -6.39 26.77
CA PRO C 61 8.36 -5.03 26.68
C PRO C 61 7.02 -4.93 27.41
N CYS C 62 6.81 -3.80 28.07
CA CYS C 62 5.59 -3.47 28.84
C CYS C 62 4.98 -2.17 28.32
N TYR C 63 3.68 -2.00 28.51
CA TYR C 63 2.96 -0.75 28.27
C TYR C 63 3.58 0.36 29.12
N SER C 64 3.67 1.54 28.52
CA SER C 64 4.01 2.82 29.16
C SER C 64 2.71 3.51 29.54
N THR C 65 2.69 4.20 30.69
CA THR C 65 1.52 5.01 31.06
C THR C 65 1.98 6.12 32.01
N ALA C 66 1.25 7.23 31.99
CA ALA C 66 1.43 8.35 32.94
C ALA C 66 0.07 8.96 33.21
N ARG C 67 -0.11 9.41 34.44
CA ARG C 67 -1.25 10.23 34.89
C ARG C 67 -0.77 11.68 34.95
N ILE C 68 -1.41 12.57 34.21
CA ILE C 68 -1.05 14.01 34.13
C ILE C 68 -2.08 14.77 34.96
N PRO C 69 -1.67 15.37 36.09
CA PRO C 69 -2.57 16.16 36.93
C PRO C 69 -2.98 17.45 36.20
N LEU C 70 -4.24 17.84 36.35
CA LEU C 70 -4.78 19.04 35.66
C LEU C 70 -5.18 20.08 36.71
N PRO C 71 -5.23 21.38 36.35
CA PRO C 71 -5.70 22.41 37.27
C PRO C 71 -7.11 22.10 37.82
N ASN C 72 -7.36 22.28 39.13
CA ASN C 72 -8.67 21.94 39.78
C ASN C 72 -9.70 23.05 39.52
N LEU C 73 -11.00 22.71 39.39
CA LEU C 73 -12.13 23.64 39.69
C LEU C 73 -12.93 23.04 40.85
N LEU C 83 -17.80 21.12 36.98
CA LEU C 83 -16.89 21.51 35.86
C LEU C 83 -15.75 20.48 35.76
N MET C 84 -15.47 19.96 34.56
CA MET C 84 -14.43 18.92 34.32
C MET C 84 -13.68 19.25 33.02
N TRP C 85 -12.38 18.96 33.01
CA TRP C 85 -11.56 19.00 31.78
C TRP C 85 -12.02 17.86 30.85
N GLU C 86 -12.24 18.20 29.58
CA GLU C 86 -12.64 17.30 28.48
C GLU C 86 -11.53 17.33 27.43
N ALA C 87 -10.94 16.19 27.12
CA ALA C 87 -9.89 16.06 26.09
C ALA C 87 -10.55 16.12 24.71
N VAL C 88 -10.13 17.05 23.85
CA VAL C 88 -10.81 17.31 22.55
C VAL C 88 -9.96 16.77 21.40
N THR C 89 -8.66 17.03 21.41
CA THR C 89 -7.74 16.58 20.34
C THR C 89 -6.42 16.09 20.93
N VAL C 90 -5.73 15.23 20.20
CA VAL C 90 -4.34 14.83 20.54
C VAL C 90 -3.50 14.89 19.26
N GLN C 91 -2.29 15.44 19.41
CA GLN C 91 -1.19 15.29 18.43
C GLN C 91 -0.18 14.35 19.06
N THR C 92 0.28 13.35 18.33
CA THR C 92 1.19 12.32 18.87
C THR C 92 2.15 11.92 17.77
N GLU C 93 3.39 11.60 18.12
CA GLU C 93 4.32 10.92 17.18
C GLU C 93 5.40 10.21 17.97
N VAL C 94 6.02 9.27 17.28
CA VAL C 94 7.13 8.45 17.81
C VAL C 94 8.40 9.28 17.62
N ILE C 95 9.25 9.32 18.65
CA ILE C 95 10.40 10.24 18.76
C ILE C 95 11.69 9.47 18.54
N GLY C 96 12.47 9.88 17.53
CA GLY C 96 13.83 9.35 17.29
C GLY C 96 13.85 8.26 16.22
N ILE C 97 12.96 8.36 15.24
CA ILE C 97 12.84 7.33 14.18
C ILE C 97 14.13 7.28 13.36
N THR C 98 14.84 8.40 13.19
CA THR C 98 16.06 8.45 12.36
C THR C 98 17.24 7.76 13.06
N SER C 99 17.13 7.42 14.35
CA SER C 99 18.20 6.72 15.10
C SER C 99 18.46 5.35 14.45
N MET C 100 17.47 4.81 13.75
CA MET C 100 17.60 3.51 13.04
C MET C 100 18.49 3.64 11.80
N LEU C 101 18.94 4.84 11.42
CA LEU C 101 19.93 5.03 10.32
C LEU C 101 21.37 4.85 10.81
N ASN C 102 21.57 4.60 12.09
CA ASN C 102 22.87 4.12 12.65
C ASN C 102 22.99 2.63 12.34
N LEU C 103 23.69 2.31 11.26
CA LEU C 103 23.95 0.90 10.84
C LEU C 103 25.42 0.53 11.12
N HIS C 104 26.15 1.37 11.87
CA HIS C 104 27.58 1.18 12.19
C HIS C 104 27.77 0.51 13.56
N ALA C 105 26.79 0.67 14.46
CA ALA C 105 26.89 0.24 15.89
C ALA C 105 26.17 -1.09 16.09
N GLY C 106 26.91 -2.14 16.44
CA GLY C 106 26.40 -3.38 17.07
C GLY C 106 25.69 -4.36 16.13
N SER C 107 25.12 -3.90 15.01
CA SER C 107 24.23 -4.76 14.19
C SER C 107 25.05 -5.64 13.26
N GLN C 108 24.56 -6.87 13.02
CA GLN C 108 25.17 -7.86 12.10
C GLN C 108 25.27 -7.28 10.70
N LYS C 109 26.41 -7.45 10.03
CA LYS C 109 26.55 -7.05 8.60
C LYS C 109 25.54 -7.83 7.75
N VAL C 110 24.96 -7.18 6.75
CA VAL C 110 23.94 -7.81 5.87
C VAL C 110 24.63 -8.83 4.96
N HIS C 111 25.92 -8.62 4.68
CA HIS C 111 26.77 -9.55 3.89
C HIS C 111 28.23 -9.10 4.08
N GLU C 112 29.18 -9.85 3.53
CA GLU C 112 30.64 -9.52 3.58
C GLU C 112 30.85 -8.10 3.04
N HIS C 113 31.51 -7.25 3.81
CA HIS C 113 31.87 -5.84 3.51
C HIS C 113 30.66 -4.90 3.56
N GLY C 114 29.46 -5.40 3.89
CA GLY C 114 28.20 -4.60 3.89
C GLY C 114 28.02 -3.82 5.17
N GLY C 115 27.04 -2.92 5.19
CA GLY C 115 26.66 -2.21 6.43
C GLY C 115 25.84 -3.09 7.38
N GLY C 116 25.55 -2.57 8.57
CA GLY C 116 24.74 -3.24 9.59
C GLY C 116 23.32 -3.50 9.13
N LYS C 117 22.70 -4.51 9.73
CA LYS C 117 21.29 -4.91 9.49
C LYS C 117 20.38 -3.88 10.14
N PRO C 118 19.47 -3.25 9.36
CA PRO C 118 18.44 -2.40 9.95
C PRO C 118 17.58 -3.13 10.99
N ILE C 119 17.08 -2.39 11.97
CA ILE C 119 15.94 -2.85 12.81
C ILE C 119 14.77 -3.19 11.87
N GLN C 120 14.16 -4.37 12.06
CA GLN C 120 13.03 -4.86 11.26
C GLN C 120 12.36 -6.00 12.03
N GLY C 121 11.20 -6.44 11.54
CA GLY C 121 10.44 -7.54 12.15
C GLY C 121 9.21 -7.00 12.87
N SER C 122 8.58 -7.84 13.65
CA SER C 122 7.29 -7.57 14.32
C SER C 122 7.34 -6.24 15.05
N ASN C 123 6.29 -5.44 14.89
CA ASN C 123 6.21 -4.13 15.57
C ASN C 123 4.77 -3.90 16.02
N PHE C 124 4.61 -3.03 17.00
CA PHE C 124 3.33 -2.62 17.58
C PHE C 124 3.43 -1.15 17.97
N HIS C 125 2.51 -0.35 17.45
CA HIS C 125 2.42 1.10 17.71
C HIS C 125 1.02 1.37 18.21
N PHE C 126 0.94 1.90 19.42
CA PHE C 126 -0.31 2.00 20.19
C PHE C 126 -0.26 3.25 21.05
N PHE C 127 -1.37 3.97 21.11
CA PHE C 127 -1.56 5.08 22.09
C PHE C 127 -3.04 5.13 22.50
N ALA C 128 -3.25 5.68 23.69
CA ALA C 128 -4.58 5.91 24.28
C ALA C 128 -4.53 7.21 25.09
N VAL C 129 -5.65 7.94 25.06
CA VAL C 129 -5.88 9.16 25.87
C VAL C 129 -7.25 8.96 26.53
N GLY C 130 -7.32 9.13 27.84
CA GLY C 130 -8.59 8.96 28.57
C GLY C 130 -8.61 9.73 29.89
N GLY C 131 -9.78 9.79 30.53
CA GLY C 131 -9.99 10.39 31.85
C GLY C 131 -9.99 9.35 32.95
N ASP C 132 -9.77 8.09 32.60
CA ASP C 132 -9.59 6.93 33.51
C ASP C 132 -8.41 6.13 32.97
N PRO C 133 -7.76 5.28 33.79
CA PRO C 133 -6.76 4.36 33.29
C PRO C 133 -7.33 3.50 32.14
N LEU C 134 -6.49 3.18 31.16
CA LEU C 134 -6.84 2.25 30.05
C LEU C 134 -7.30 0.93 30.66
N GLU C 135 -8.41 0.41 30.15
CA GLU C 135 -8.94 -0.92 30.55
C GLU C 135 -8.43 -1.96 29.54
N MET C 136 -7.87 -3.05 30.06
CA MET C 136 -7.18 -4.07 29.25
C MET C 136 -7.83 -5.43 29.47
N GLN C 137 -7.78 -6.26 28.41
CA GLN C 137 -8.21 -7.67 28.39
C GLN C 137 -6.95 -8.50 28.16
N GLY C 138 -6.80 -9.58 28.92
CA GLY C 138 -5.65 -10.51 28.82
C GLY C 138 -5.88 -11.56 27.77
N VAL C 139 -4.87 -11.80 26.93
CA VAL C 139 -4.85 -12.92 25.96
C VAL C 139 -3.40 -13.40 25.85
N LEU C 140 -3.19 -14.71 25.90
CA LEU C 140 -1.83 -15.30 25.93
C LEU C 140 -1.61 -16.19 24.72
N MET C 141 -0.40 -16.15 24.17
CA MET C 141 0.06 -17.12 23.14
C MET C 141 0.02 -18.51 23.77
N ASN C 142 0.53 -18.60 25.00
CA ASN C 142 0.74 -19.88 25.75
C ASN C 142 0.28 -19.68 27.19
N TYR C 143 -0.86 -20.24 27.57
CA TYR C 143 -1.44 -20.01 28.93
C TYR C 143 -0.46 -20.52 30.01
N ARG C 144 0.44 -21.43 29.66
CA ARG C 144 1.33 -22.12 30.64
C ARG C 144 2.61 -21.30 30.84
N THR C 145 2.76 -20.15 30.16
CA THR C 145 3.94 -19.29 30.36
C THR C 145 4.04 -18.93 31.84
N LYS C 146 5.24 -19.05 32.41
CA LYS C 146 5.53 -18.62 33.80
C LYS C 146 6.17 -17.24 33.75
N TYR C 147 5.42 -16.20 34.08
CA TYR C 147 5.85 -14.80 33.96
C TYR C 147 6.65 -14.43 35.20
N PRO C 148 7.66 -13.56 35.06
CA PRO C 148 8.58 -13.27 36.16
C PRO C 148 8.04 -12.23 37.15
N ASP C 149 8.60 -12.23 38.35
CA ASP C 149 8.37 -11.19 39.39
C ASP C 149 8.55 -9.82 38.77
N GLY C 150 7.67 -8.89 39.11
CA GLY C 150 7.69 -7.50 38.65
C GLY C 150 6.73 -7.26 37.50
N THR C 151 6.21 -8.34 36.88
CA THR C 151 5.18 -8.24 35.82
C THR C 151 3.81 -8.49 36.43
N ILE C 152 2.78 -7.91 35.83
CA ILE C 152 1.36 -8.19 36.16
C ILE C 152 0.77 -8.83 34.91
N THR C 153 0.41 -10.11 34.99
CA THR C 153 -0.07 -10.93 33.86
C THR C 153 -1.38 -11.60 34.28
N PRO C 154 -2.13 -12.20 33.34
CA PRO C 154 -3.42 -12.81 33.65
C PRO C 154 -3.31 -13.83 34.80
N LYS C 155 -4.17 -13.67 35.81
CA LYS C 155 -4.23 -14.50 37.04
C LYS C 155 -5.00 -15.79 36.73
N ASN C 156 -4.46 -16.94 37.14
CA ASN C 156 -5.12 -18.27 37.00
C ASN C 156 -5.54 -18.50 35.55
N PRO C 157 -4.60 -18.38 34.58
CA PRO C 157 -4.94 -18.59 33.18
C PRO C 157 -5.26 -20.06 32.92
N THR C 158 -6.10 -20.30 31.91
CA THR C 158 -6.49 -21.63 31.43
C THR C 158 -6.25 -21.65 29.92
N ALA C 159 -6.54 -22.76 29.27
CA ALA C 159 -6.46 -22.89 27.79
C ALA C 159 -7.32 -21.80 27.16
N GLN C 160 -8.44 -21.43 27.80
CA GLN C 160 -9.38 -20.41 27.28
C GLN C 160 -8.71 -19.03 27.25
N SER C 161 -7.68 -18.82 28.05
CA SER C 161 -6.83 -17.58 28.07
C SER C 161 -6.08 -17.39 26.74
N GLN C 162 -5.99 -18.42 25.90
CA GLN C 162 -5.35 -18.34 24.56
C GLN C 162 -6.37 -17.81 23.55
N VAL C 163 -7.66 -17.82 23.91
CA VAL C 163 -8.73 -17.19 23.10
C VAL C 163 -9.33 -16.10 24.00
N MET C 164 -10.62 -16.10 24.30
CA MET C 164 -11.21 -15.07 25.18
C MET C 164 -11.60 -15.67 26.53
N ASN C 165 -10.96 -15.20 27.60
CA ASN C 165 -11.29 -15.52 29.00
C ASN C 165 -11.65 -14.22 29.71
N THR C 166 -12.94 -14.00 29.98
CA THR C 166 -13.46 -12.72 30.52
C THR C 166 -12.96 -12.46 31.95
N ASP C 167 -12.31 -13.41 32.61
CA ASP C 167 -11.67 -13.16 33.94
C ASP C 167 -10.53 -12.15 33.80
N HIS C 168 -9.85 -12.06 32.66
CA HIS C 168 -8.55 -11.32 32.56
C HIS C 168 -8.84 -9.85 32.26
N LYS C 169 -9.26 -9.09 33.27
CA LYS C 169 -9.57 -7.64 33.19
C LYS C 169 -8.54 -6.90 34.04
N ALA C 170 -7.94 -5.83 33.55
CA ALA C 170 -6.93 -5.05 34.30
C ALA C 170 -7.09 -3.58 33.94
N TYR C 171 -6.66 -2.70 34.83
CA TYR C 171 -6.40 -1.26 34.56
C TYR C 171 -4.91 -1.14 34.27
N LEU C 172 -4.55 -0.36 33.24
CA LEU C 172 -3.13 -0.01 33.02
C LEU C 172 -2.78 1.04 34.06
N ASP C 173 -2.46 0.58 35.27
CA ASP C 173 -2.34 1.44 36.49
C ASP C 173 -0.90 1.42 37.01
N LYS C 174 0.02 0.83 36.26
CA LYS C 174 1.46 0.83 36.64
C LYS C 174 2.30 0.84 35.36
N ASN C 175 3.24 1.78 35.30
CA ASN C 175 4.24 1.89 34.23
C ASN C 175 5.19 0.71 34.36
N ASN C 176 5.65 0.18 33.23
CA ASN C 176 6.70 -0.87 33.15
C ASN C 176 6.31 -2.11 33.97
N ALA C 177 5.07 -2.60 33.85
CA ALA C 177 4.60 -3.78 34.63
C ALA C 177 3.73 -4.72 33.81
N TYR C 178 2.88 -4.20 32.91
CA TYR C 178 1.94 -5.01 32.09
C TYR C 178 2.62 -5.38 30.79
N PRO C 179 3.05 -6.64 30.59
CA PRO C 179 3.74 -6.99 29.34
C PRO C 179 2.79 -6.82 28.14
N VAL C 180 3.32 -6.24 27.07
CA VAL C 180 2.56 -6.00 25.81
C VAL C 180 2.02 -7.34 25.30
N GLU C 181 2.79 -8.43 25.39
CA GLU C 181 2.40 -9.76 24.86
C GLU C 181 1.21 -10.37 25.63
N CYS C 182 0.84 -9.84 26.80
CA CYS C 182 -0.24 -10.41 27.66
C CYS C 182 -1.55 -9.64 27.56
N TRP C 183 -1.53 -8.40 27.10
CA TRP C 183 -2.64 -7.45 27.31
C TRP C 183 -2.96 -6.67 26.03
N VAL C 184 -4.24 -6.46 25.80
CA VAL C 184 -4.73 -5.55 24.72
C VAL C 184 -5.74 -4.60 25.34
N PRO C 185 -5.97 -3.44 24.70
CA PRO C 185 -7.07 -2.56 25.09
C PRO C 185 -8.38 -3.38 24.97
N ASP C 186 -9.27 -3.20 25.93
CA ASP C 186 -10.57 -3.91 26.04
C ASP C 186 -11.67 -3.12 25.31
N PRO C 187 -12.13 -3.57 24.12
CA PRO C 187 -13.18 -2.84 23.39
C PRO C 187 -14.56 -2.95 24.07
N SER C 188 -14.74 -3.86 25.03
CA SER C 188 -15.99 -4.00 25.81
C SER C 188 -16.06 -2.94 26.92
N ARG C 189 -14.98 -2.23 27.22
CA ARG C 189 -14.98 -1.14 28.25
C ARG C 189 -14.44 0.13 27.61
N ASN C 190 -13.64 0.92 28.32
CA ASN C 190 -13.01 2.14 27.77
C ASN C 190 -14.07 3.11 27.23
N GLU C 191 -15.16 3.33 27.96
CA GLU C 191 -16.19 4.35 27.64
C GLU C 191 -15.54 5.74 27.70
N ASN C 192 -14.49 5.92 28.52
CA ASN C 192 -13.93 7.26 28.81
C ASN C 192 -12.48 7.35 28.33
N THR C 193 -12.10 6.49 27.37
CA THR C 193 -10.75 6.47 26.73
C THR C 193 -10.91 6.31 25.21
N ARG C 194 -10.05 6.94 24.42
CA ARG C 194 -9.91 6.61 22.98
C ARG C 194 -8.53 5.95 22.77
N TYR C 195 -8.49 4.82 22.09
CA TYR C 195 -7.23 4.08 21.83
C TYR C 195 -7.14 3.71 20.36
N PHE C 196 -5.91 3.55 19.90
CA PHE C 196 -5.53 3.27 18.50
C PHE C 196 -4.25 2.45 18.52
N GLY C 197 -4.23 1.35 17.77
CA GLY C 197 -3.06 0.46 17.71
C GLY C 197 -3.03 -0.32 16.42
N THR C 198 -1.81 -0.58 15.94
CA THR C 198 -1.54 -1.41 14.77
C THR C 198 -0.41 -2.39 15.12
N PHE C 199 -0.68 -3.67 14.92
CA PHE C 199 0.29 -4.76 15.01
C PHE C 199 0.65 -5.21 13.59
N THR C 200 1.94 -5.27 13.29
CA THR C 200 2.48 -5.84 12.03
C THR C 200 3.50 -6.91 12.41
N GLY C 201 3.22 -8.16 12.08
CA GLY C 201 4.04 -9.33 12.47
C GLY C 201 4.87 -9.84 11.31
N GLY C 202 6.06 -10.37 11.59
CA GLY C 202 6.86 -11.04 10.55
C GLY C 202 8.33 -10.82 10.76
N GLU C 203 9.17 -11.72 10.26
CA GLU C 203 10.65 -11.69 10.44
C GLU C 203 11.22 -10.41 9.82
N ASN C 204 10.77 -10.06 8.62
CA ASN C 204 11.45 -9.04 7.77
C ASN C 204 10.57 -7.80 7.56
N VAL C 205 9.50 -7.62 8.32
CA VAL C 205 8.58 -6.45 8.21
C VAL C 205 9.41 -5.16 8.32
N PRO C 206 9.36 -4.24 7.35
CA PRO C 206 10.04 -2.95 7.49
C PRO C 206 9.25 -1.99 8.37
N PRO C 207 9.90 -1.33 9.36
CA PRO C 207 9.28 -0.24 10.07
C PRO C 207 8.93 0.88 9.06
N VAL C 208 7.74 1.46 9.18
CA VAL C 208 7.27 2.60 8.37
C VAL C 208 6.71 3.61 9.38
N LEU C 209 7.38 4.73 9.58
CA LEU C 209 7.01 5.71 10.63
C LEU C 209 6.97 7.11 10.01
N HIS C 210 5.90 7.84 10.28
CA HIS C 210 5.65 9.19 9.75
C HIS C 210 5.77 10.19 10.89
N VAL C 211 6.33 11.36 10.62
CA VAL C 211 6.32 12.50 11.56
C VAL C 211 5.75 13.71 10.83
N THR C 212 4.96 14.50 11.52
CA THR C 212 4.43 15.78 11.02
C THR C 212 3.77 16.46 12.21
N ASN C 213 3.91 17.79 12.29
CA ASN C 213 3.23 18.58 13.36
C ASN C 213 1.90 19.09 12.82
N THR C 214 1.42 18.57 11.68
CA THR C 214 0.18 19.06 11.03
C THR C 214 -0.98 18.08 11.24
N ALA C 215 -0.79 16.97 11.93
CA ALA C 215 -1.80 15.89 12.05
C ALA C 215 -2.42 15.94 13.45
N THR C 216 -3.74 15.96 13.54
CA THR C 216 -4.49 15.98 14.82
C THR C 216 -5.55 14.87 14.81
N THR C 217 -5.66 14.10 15.89
CA THR C 217 -6.77 13.14 16.12
C THR C 217 -7.82 13.82 17.00
N VAL C 218 -9.06 13.89 16.55
CA VAL C 218 -10.19 14.41 17.36
C VAL C 218 -10.68 13.29 18.29
N LEU C 219 -10.89 13.61 19.57
CA LEU C 219 -11.20 12.60 20.61
C LEU C 219 -12.69 12.64 20.95
N LEU C 220 -13.46 13.52 20.32
CA LEU C 220 -14.92 13.66 20.54
C LEU C 220 -15.62 12.42 20.03
N ASP C 221 -16.60 11.90 20.76
CA ASP C 221 -17.43 10.75 20.34
C ASP C 221 -18.55 11.27 19.43
N GLU C 222 -19.50 10.40 19.07
CA GLU C 222 -20.62 10.70 18.14
C GLU C 222 -21.46 11.86 18.70
N GLN C 223 -21.59 11.98 20.03
CA GLN C 223 -22.36 13.06 20.70
C GLN C 223 -21.53 14.34 20.87
N GLY C 224 -20.29 14.39 20.35
CA GLY C 224 -19.40 15.57 20.48
C GLY C 224 -18.78 15.70 21.87
N VAL C 225 -18.66 14.59 22.60
CA VAL C 225 -18.09 14.58 23.98
C VAL C 225 -16.75 13.84 23.97
N GLY C 226 -15.71 14.46 24.50
CA GLY C 226 -14.37 13.86 24.63
C GLY C 226 -14.25 13.11 25.95
N PRO C 227 -13.13 12.39 26.19
CA PRO C 227 -12.84 11.87 27.52
C PRO C 227 -12.94 12.98 28.58
N LEU C 228 -13.58 12.66 29.70
CA LEU C 228 -13.81 13.57 30.85
C LEU C 228 -12.88 13.17 31.99
N CYS C 229 -12.06 14.11 32.45
CA CYS C 229 -10.97 13.82 33.41
C CYS C 229 -11.54 13.77 34.83
N LYS C 230 -11.92 12.55 35.23
CA LYS C 230 -12.69 12.21 36.46
C LYS C 230 -12.23 13.01 37.68
N ALA C 231 -10.98 12.82 38.12
CA ALA C 231 -10.41 13.39 39.35
C ALA C 231 -9.29 14.36 38.96
N ASP C 232 -9.55 15.21 37.96
CA ASP C 232 -8.58 16.19 37.41
C ASP C 232 -7.30 15.48 36.96
N SER C 233 -7.45 14.27 36.40
CA SER C 233 -6.35 13.43 35.92
C SER C 233 -6.60 13.04 34.45
N LEU C 234 -5.56 13.23 33.62
CA LEU C 234 -5.50 12.80 32.21
C LEU C 234 -4.54 11.61 32.11
N TYR C 235 -4.94 10.53 31.44
CA TYR C 235 -4.15 9.29 31.29
C TYR C 235 -3.69 9.15 29.85
N VAL C 236 -2.38 9.02 29.68
CA VAL C 236 -1.72 8.70 28.38
C VAL C 236 -1.08 7.33 28.53
N SER C 237 -1.25 6.51 27.51
CA SER C 237 -0.68 5.14 27.42
C SER C 237 -0.07 4.94 26.04
N ALA C 238 0.99 4.14 25.95
CA ALA C 238 1.71 3.88 24.69
C ALA C 238 2.37 2.51 24.73
N ALA C 239 2.57 1.96 23.52
CA ALA C 239 3.54 0.90 23.24
C ALA C 239 4.05 1.13 21.82
N ASP C 240 5.37 1.28 21.67
CA ASP C 240 6.04 1.56 20.38
C ASP C 240 7.24 0.64 20.25
N ILE C 241 6.97 -0.65 20.03
CA ILE C 241 7.98 -1.67 19.69
C ILE C 241 8.25 -1.51 18.20
N CYS C 242 9.45 -1.06 17.84
CA CYS C 242 9.77 -0.64 16.45
C CYS C 242 10.20 -1.83 15.61
N GLY C 243 10.69 -2.88 16.26
CA GLY C 243 11.19 -4.09 15.61
C GLY C 243 12.32 -4.72 16.42
N LEU C 244 13.04 -5.63 15.78
CA LEU C 244 14.17 -6.37 16.39
C LEU C 244 15.50 -5.82 15.84
N PHE C 245 16.42 -5.59 16.76
CA PHE C 245 17.84 -5.28 16.49
C PHE C 245 18.59 -6.62 16.47
N THR C 246 19.33 -6.92 15.40
CA THR C 246 20.12 -8.16 15.28
C THR C 246 21.59 -7.84 15.55
N ASN C 247 22.12 -8.31 16.68
CA ASN C 247 23.56 -8.18 17.07
C ASN C 247 24.42 -8.97 16.08
N SER C 248 25.71 -8.63 15.97
CA SER C 248 26.75 -9.35 15.18
C SER C 248 26.67 -10.86 15.45
N SER C 249 26.47 -11.24 16.71
CA SER C 249 26.38 -12.64 17.18
C SER C 249 25.18 -13.36 16.56
N GLY C 250 24.14 -12.63 16.12
CA GLY C 250 22.86 -13.20 15.70
C GLY C 250 21.78 -13.07 16.77
N THR C 251 22.12 -12.66 18.00
CA THR C 251 21.10 -12.46 19.05
C THR C 251 20.24 -11.26 18.65
N GLN C 252 19.00 -11.24 19.13
CA GLN C 252 18.00 -10.21 18.76
C GLN C 252 17.45 -9.57 20.03
N GLN C 253 17.20 -8.27 19.97
CA GLN C 253 16.64 -7.46 21.06
C GLN C 253 15.53 -6.59 20.49
N TRP C 254 14.45 -6.41 21.22
CA TRP C 254 13.42 -5.40 20.88
C TRP C 254 14.05 -4.01 20.98
N ARG C 255 13.67 -3.12 20.07
CA ARG C 255 13.97 -1.67 20.18
C ARG C 255 12.65 -0.90 20.25
N GLY C 256 12.56 0.00 21.22
CA GLY C 256 11.40 0.89 21.43
C GLY C 256 11.79 2.35 21.38
N LEU C 257 10.82 3.23 21.16
CA LEU C 257 11.05 4.68 21.12
C LEU C 257 9.98 5.38 21.94
N ALA C 258 10.29 6.57 22.44
CA ALA C 258 9.37 7.42 23.22
C ALA C 258 8.25 7.91 22.31
N ARG C 259 7.10 8.23 22.90
CA ARG C 259 5.96 8.84 22.18
C ARG C 259 5.64 10.20 22.81
N TYR C 260 5.52 11.22 21.96
CA TYR C 260 5.06 12.56 22.36
C TYR C 260 3.54 12.62 22.29
N PHE C 261 2.95 13.33 23.25
CA PHE C 261 1.50 13.67 23.28
C PHE C 261 1.37 15.17 23.49
N LYS C 262 0.55 15.84 22.69
CA LYS C 262 -0.01 17.18 23.00
C LYS C 262 -1.54 17.09 22.95
N ILE C 263 -2.17 17.31 24.09
CA ILE C 263 -3.64 17.14 24.26
C ILE C 263 -4.25 18.52 24.55
N ARG C 264 -5.24 18.92 23.75
CA ARG C 264 -6.05 20.14 23.97
C ARG C 264 -7.28 19.75 24.78
N LEU C 265 -7.53 20.45 25.90
CA LEU C 265 -8.71 20.21 26.77
C LEU C 265 -9.53 21.50 26.86
N ARG C 266 -10.82 21.35 27.10
CA ARG C 266 -11.74 22.49 27.35
C ARG C 266 -12.56 22.14 28.60
N LYS C 267 -13.17 23.14 29.21
CA LYS C 267 -13.97 22.97 30.45
C LYS C 267 -15.39 22.56 30.05
N ARG C 268 -15.91 21.52 30.67
CA ARG C 268 -17.32 21.10 30.43
C ARG C 268 -18.09 21.00 31.75
N SER C 269 -19.42 21.23 31.77
CA SER C 269 -20.30 20.93 32.94
C SER C 269 -20.97 19.55 32.84
N VAL D 7 18.16 29.47 -6.18
CA VAL D 7 17.22 30.33 -5.42
C VAL D 7 16.74 31.47 -6.33
N GLU D 8 15.42 31.55 -6.54
CA GLU D 8 14.72 32.62 -7.29
C GLU D 8 13.63 33.18 -6.36
N VAL D 9 13.70 34.47 -5.99
CA VAL D 9 12.59 35.18 -5.28
C VAL D 9 11.89 36.06 -6.32
N LEU D 10 10.63 35.79 -6.64
CA LEU D 10 9.92 36.45 -7.78
C LEU D 10 8.72 37.18 -7.20
N GLU D 11 8.48 38.45 -7.55
CA GLU D 11 7.21 39.17 -7.22
C GLU D 11 6.20 38.84 -8.32
N VAL D 12 5.38 37.81 -8.11
CA VAL D 12 4.29 37.38 -9.03
C VAL D 12 3.23 38.50 -9.10
N LYS D 13 2.91 39.11 -7.96
CA LYS D 13 1.94 40.22 -7.84
C LYS D 13 2.48 41.22 -6.80
N THR D 14 2.23 42.50 -7.04
CA THR D 14 2.54 43.60 -6.08
C THR D 14 1.22 44.08 -5.46
N GLY D 15 1.32 44.86 -4.38
CA GLY D 15 0.16 45.50 -3.73
C GLY D 15 -0.19 44.85 -2.40
N VAL D 16 -1.44 45.04 -1.97
CA VAL D 16 -1.92 44.56 -0.64
C VAL D 16 -2.01 43.04 -0.75
N ASP D 17 -2.48 42.57 -1.91
CA ASP D 17 -2.73 41.13 -2.22
C ASP D 17 -1.47 40.55 -2.88
N ALA D 18 -0.31 41.07 -2.49
CA ALA D 18 1.02 40.69 -3.03
C ALA D 18 1.21 39.18 -2.85
N ILE D 19 1.60 38.48 -3.91
CA ILE D 19 2.06 37.06 -3.83
C ILE D 19 3.51 37.04 -4.28
N THR D 20 4.37 36.37 -3.53
CA THR D 20 5.77 36.13 -3.94
C THR D 20 5.96 34.62 -3.99
N GLU D 21 6.72 34.13 -4.97
CA GLU D 21 7.09 32.70 -5.08
C GLU D 21 8.61 32.61 -4.98
N VAL D 22 9.06 31.80 -4.05
CA VAL D 22 10.50 31.50 -3.84
C VAL D 22 10.68 30.06 -4.30
N GLU D 23 11.61 29.85 -5.19
CA GLU D 23 11.98 28.50 -5.69
C GLU D 23 13.43 28.25 -5.26
N CYS D 24 13.76 27.01 -4.96
CA CYS D 24 15.15 26.64 -4.66
CA CYS D 24 15.10 26.63 -4.44
C CYS D 24 15.31 25.13 -4.70
N PHE D 25 16.52 24.71 -5.02
CA PHE D 25 16.97 23.31 -5.08
C PHE D 25 17.92 23.18 -3.88
N LEU D 26 17.59 22.35 -2.89
CA LEU D 26 18.45 22.08 -1.71
C LEU D 26 19.22 20.78 -1.98
N ASN D 27 20.54 20.87 -2.06
CA ASN D 27 21.39 19.69 -2.33
C ASN D 27 21.38 18.80 -1.11
N PRO D 28 21.51 17.47 -1.30
CA PRO D 28 21.64 16.55 -0.18
C PRO D 28 23.07 16.60 0.38
N GLU D 29 23.22 16.16 1.63
CA GLU D 29 24.50 16.17 2.38
C GLU D 29 24.71 14.76 2.94
N MET D 30 25.08 13.84 2.05
CA MET D 30 25.20 12.39 2.32
C MET D 30 26.59 12.09 2.89
N GLY D 31 27.56 13.00 2.78
CA GLY D 31 28.94 12.80 3.28
C GLY D 31 29.99 13.17 2.25
N ASP D 32 29.77 12.86 0.98
CA ASP D 32 30.62 13.27 -0.18
C ASP D 32 32.07 12.86 0.10
N PRO D 33 32.37 11.54 0.06
CA PRO D 33 33.67 11.04 0.54
C PRO D 33 34.86 11.47 -0.35
N ASP D 34 34.61 11.81 -1.61
CA ASP D 34 35.64 12.37 -2.51
C ASP D 34 34.92 13.25 -3.54
N GLU D 35 35.69 13.94 -4.37
CA GLU D 35 35.18 15.00 -5.30
C GLU D 35 34.29 14.36 -6.37
N ASN D 36 34.44 13.07 -6.66
CA ASN D 36 33.65 12.38 -7.71
C ASN D 36 32.35 11.76 -7.17
N LEU D 37 32.25 11.54 -5.87
CA LEU D 37 31.07 10.83 -5.31
C LEU D 37 30.14 11.82 -4.58
N ARG D 38 29.93 12.98 -5.19
CA ARG D 38 28.95 13.92 -4.62
C ARG D 38 27.59 13.23 -4.64
N GLY D 39 26.86 13.31 -3.54
CA GLY D 39 25.54 12.67 -3.43
C GLY D 39 25.60 11.29 -2.79
N PHE D 40 26.80 10.85 -2.45
CA PHE D 40 26.98 9.54 -1.78
C PHE D 40 27.71 9.70 -0.46
N SER D 41 27.55 8.74 0.45
CA SER D 41 28.35 8.68 1.70
C SER D 41 29.63 7.86 1.46
N LEU D 42 30.55 7.94 2.40
CA LEU D 42 31.64 6.94 2.59
C LEU D 42 30.97 5.56 2.77
N LYS D 43 31.65 4.50 2.34
CA LYS D 43 31.20 3.11 2.59
C LYS D 43 30.86 2.93 4.07
N LEU D 44 29.83 2.16 4.37
CA LEU D 44 29.36 1.90 5.75
C LEU D 44 30.30 0.89 6.41
N SER D 45 30.72 1.18 7.63
CA SER D 45 31.28 0.19 8.58
C SER D 45 30.12 -0.60 9.19
N ALA D 46 30.43 -1.73 9.80
CA ALA D 46 29.44 -2.60 10.49
C ALA D 46 30.10 -3.24 11.71
N GLU D 47 29.28 -3.54 12.70
CA GLU D 47 29.56 -4.50 13.82
C GLU D 47 30.48 -3.85 14.85
N ASN D 48 30.61 -2.52 14.85
CA ASN D 48 31.35 -1.79 15.91
C ASN D 48 30.61 -2.06 17.23
N ASP D 49 31.34 -2.46 18.28
CA ASP D 49 30.76 -2.59 19.63
C ASP D 49 30.23 -1.21 20.04
N PHE D 50 29.15 -1.16 20.82
CA PHE D 50 28.57 0.12 21.32
C PHE D 50 29.66 0.91 22.07
N SER D 51 30.60 0.21 22.71
CA SER D 51 31.67 0.82 23.52
C SER D 51 32.81 1.35 22.63
N SER D 52 32.87 1.00 21.35
CA SER D 52 33.91 1.54 20.43
C SER D 52 33.31 1.84 19.06
N ASP D 53 32.45 2.85 19.03
CA ASP D 53 31.66 3.21 17.83
C ASP D 53 32.06 4.64 17.45
N SER D 54 32.96 4.76 16.48
CA SER D 54 33.60 6.04 16.09
C SER D 54 33.39 6.25 14.61
N PRO D 55 32.14 6.64 14.22
CA PRO D 55 31.82 6.80 12.81
C PRO D 55 32.62 7.94 12.18
N GLU D 56 33.08 7.73 10.95
CA GLU D 56 33.80 8.79 10.21
C GLU D 56 32.80 9.83 9.70
N ARG D 57 33.23 11.08 9.61
CA ARG D 57 32.35 12.19 9.18
C ARG D 57 31.67 11.91 7.83
N LYS D 58 32.45 11.47 6.83
CA LYS D 58 31.93 11.30 5.45
C LYS D 58 30.95 10.12 5.36
N MET D 59 30.79 9.36 6.43
CA MET D 59 29.88 8.20 6.43
C MET D 59 28.48 8.61 6.94
N LEU D 60 28.32 9.82 7.50
CA LEU D 60 27.09 10.25 8.21
C LEU D 60 26.31 11.26 7.38
N PRO D 61 25.19 10.87 6.74
CA PRO D 61 24.28 11.85 6.14
C PRO D 61 23.82 12.86 7.19
N CYS D 62 23.74 14.12 6.77
CA CYS D 62 23.29 15.25 7.61
C CYS D 62 22.06 15.92 6.97
N TYR D 63 21.27 16.60 7.80
CA TYR D 63 20.18 17.49 7.34
C TYR D 63 20.78 18.57 6.45
N SER D 64 20.04 18.89 5.38
CA SER D 64 20.25 20.07 4.52
C SER D 64 19.38 21.21 5.07
N THR D 65 19.85 22.45 4.96
CA THR D 65 19.04 23.63 5.34
C THR D 65 19.57 24.86 4.63
N ALA D 66 18.69 25.84 4.41
CA ALA D 66 19.05 27.17 3.89
C ALA D 66 18.09 28.18 4.50
N ARG D 67 18.61 29.36 4.78
CA ARG D 67 17.81 30.57 5.10
C ARG D 67 17.74 31.41 3.83
N ILE D 68 16.52 31.70 3.35
CA ILE D 68 16.29 32.53 2.13
C ILE D 68 15.82 33.89 2.61
N PRO D 69 16.64 34.95 2.44
CA PRO D 69 16.22 36.32 2.79
C PRO D 69 15.12 36.79 1.83
N LEU D 70 14.15 37.52 2.35
CA LEU D 70 12.98 38.01 1.60
C LEU D 70 13.01 39.53 1.57
N PRO D 71 12.31 40.18 0.61
CA PRO D 71 12.23 41.64 0.57
C PRO D 71 11.68 42.21 1.90
N ASN D 72 12.33 43.23 2.45
CA ASN D 72 11.86 43.99 3.64
C ASN D 72 10.51 44.66 3.32
N LEU D 73 9.50 44.55 4.18
CA LEU D 73 8.14 45.07 3.88
C LEU D 73 7.84 46.36 4.65
N ASN D 74 8.67 46.76 5.61
CA ASN D 74 8.31 47.83 6.58
C ASN D 74 9.11 49.09 6.23
N GLU D 75 8.50 49.94 5.40
CA GLU D 75 8.94 51.34 5.11
C GLU D 75 9.36 52.04 6.41
N ASP D 76 8.43 52.19 7.35
CA ASP D 76 8.62 52.86 8.65
C ASP D 76 8.44 51.81 9.75
N LEU D 77 9.46 51.59 10.57
CA LEU D 77 9.46 50.55 11.63
C LEU D 77 8.62 51.01 12.83
N THR D 78 8.27 52.29 12.88
CA THR D 78 7.57 52.97 14.00
C THR D 78 6.11 53.22 13.64
N CYS D 79 5.32 52.17 13.42
CA CYS D 79 3.84 52.26 13.17
C CYS D 79 3.13 51.05 13.76
N GLY D 80 1.83 51.20 14.05
CA GLY D 80 0.99 50.25 14.82
C GLY D 80 0.99 48.85 14.22
N ASN D 81 0.87 48.76 12.88
CA ASN D 81 0.87 47.49 12.11
C ASN D 81 2.18 47.39 11.31
N LEU D 82 2.91 46.28 11.48
CA LEU D 82 4.02 45.85 10.58
C LEU D 82 3.52 44.75 9.64
N LEU D 83 4.16 44.59 8.49
CA LEU D 83 3.84 43.49 7.53
C LEU D 83 4.89 42.37 7.66
N MET D 84 4.45 41.12 7.55
CA MET D 84 5.36 39.94 7.49
C MET D 84 4.93 39.04 6.33
N TRP D 85 5.93 38.43 5.67
CA TRP D 85 5.71 37.36 4.69
C TRP D 85 5.16 36.14 5.43
N GLU D 86 4.09 35.56 4.88
CA GLU D 86 3.37 34.37 5.42
C GLU D 86 3.43 33.30 4.33
N ALA D 87 4.03 32.15 4.64
CA ALA D 87 4.14 31.02 3.69
C ALA D 87 2.79 30.31 3.64
N VAL D 88 2.17 30.18 2.47
CA VAL D 88 0.78 29.66 2.36
CA VAL D 88 0.77 29.66 2.35
C VAL D 88 0.79 28.24 1.79
N THR D 89 1.61 27.99 0.77
CA THR D 89 1.70 26.66 0.13
C THR D 89 3.15 26.32 -0.20
N VAL D 90 3.42 25.04 -0.34
CA VAL D 90 4.72 24.55 -0.88
C VAL D 90 4.43 23.43 -1.87
N GLN D 91 5.14 23.44 -2.99
CA GLN D 91 5.26 22.31 -3.92
C GLN D 91 6.70 21.79 -3.79
N THR D 92 6.88 20.49 -3.61
CA THR D 92 8.23 19.93 -3.35
C THR D 92 8.31 18.58 -4.03
N GLU D 93 9.48 18.25 -4.56
CA GLU D 93 9.76 16.88 -5.03
C GLU D 93 11.26 16.64 -5.04
N VAL D 94 11.59 15.35 -5.03
CA VAL D 94 12.96 14.84 -5.08
C VAL D 94 13.38 14.84 -6.54
N ILE D 95 14.59 15.31 -6.81
CA ILE D 95 15.12 15.59 -8.17
C ILE D 95 16.13 14.52 -8.55
N GLY D 96 15.88 13.82 -9.66
CA GLY D 96 16.83 12.86 -10.24
C GLY D 96 16.51 11.43 -9.88
N ILE D 97 15.24 11.10 -9.64
CA ILE D 97 14.84 9.74 -9.19
C ILE D 97 15.18 8.73 -10.27
N THR D 98 15.14 9.10 -11.56
CA THR D 98 15.40 8.16 -12.67
C THR D 98 16.89 7.81 -12.76
N SER D 99 17.78 8.53 -12.08
CA SER D 99 19.25 8.23 -12.07
C SER D 99 19.50 6.82 -11.51
N MET D 100 18.56 6.32 -10.72
CA MET D 100 18.67 4.97 -10.13
C MET D 100 18.39 3.88 -11.17
N LEU D 101 17.99 4.23 -12.41
CA LEU D 101 17.87 3.24 -13.51
C LEU D 101 19.22 2.96 -14.18
N ASN D 102 20.29 3.63 -13.77
CA ASN D 102 21.69 3.28 -14.16
C ASN D 102 22.12 2.07 -13.33
N LEU D 103 21.99 0.87 -13.89
CA LEU D 103 22.41 -0.40 -13.23
C LEU D 103 23.70 -0.94 -13.87
N HIS D 104 24.36 -0.14 -14.72
CA HIS D 104 25.62 -0.51 -15.43
C HIS D 104 26.86 -0.01 -14.67
N ALA D 105 26.73 1.04 -13.86
CA ALA D 105 27.86 1.73 -13.20
C ALA D 105 27.98 1.27 -11.73
N GLY D 106 29.10 0.61 -11.40
CA GLY D 106 29.60 0.46 -10.01
C GLY D 106 28.88 -0.58 -9.16
N SER D 107 27.61 -0.89 -9.44
CA SER D 107 26.78 -1.72 -8.53
C SER D 107 27.07 -3.21 -8.76
N GLN D 108 27.02 -3.98 -7.67
CA GLN D 108 27.20 -5.45 -7.67
C GLN D 108 26.12 -6.09 -8.55
N LYS D 109 26.50 -7.03 -9.41
CA LYS D 109 25.51 -7.80 -10.21
C LYS D 109 24.59 -8.55 -9.25
N VAL D 110 23.32 -8.67 -9.59
CA VAL D 110 22.30 -9.34 -8.75
C VAL D 110 22.55 -10.85 -8.75
N HIS D 111 23.15 -11.36 -9.82
CA HIS D 111 23.54 -12.80 -9.97
C HIS D 111 24.49 -12.86 -11.16
N GLU D 112 25.05 -14.05 -11.45
CA GLU D 112 25.97 -14.22 -12.60
C GLU D 112 25.24 -13.80 -13.88
N HIS D 113 25.84 -12.90 -14.66
CA HIS D 113 25.37 -12.40 -15.98
C HIS D 113 24.19 -11.43 -15.83
N GLY D 114 23.80 -11.08 -14.60
CA GLY D 114 22.68 -10.17 -14.32
C GLY D 114 23.08 -8.71 -14.44
N GLY D 115 22.11 -7.78 -14.37
CA GLY D 115 22.40 -6.34 -14.24
C GLY D 115 22.84 -5.97 -12.83
N GLY D 116 23.26 -4.72 -12.63
CA GLY D 116 23.60 -4.17 -11.31
C GLY D 116 22.43 -4.19 -10.33
N LYS D 117 22.75 -4.21 -9.04
CA LYS D 117 21.76 -4.18 -7.94
C LYS D 117 21.22 -2.77 -7.82
N PRO D 118 19.88 -2.58 -7.90
CA PRO D 118 19.29 -1.27 -7.62
C PRO D 118 19.62 -0.77 -6.21
N ILE D 119 19.67 0.55 -6.06
CA ILE D 119 19.61 1.21 -4.73
C ILE D 119 18.33 0.74 -4.03
N GLN D 120 18.47 0.34 -2.77
CA GLN D 120 17.36 -0.15 -1.93
C GLN D 120 17.81 -0.15 -0.47
N GLY D 121 16.89 -0.39 0.44
CA GLY D 121 17.17 -0.42 1.89
C GLY D 121 16.64 0.81 2.56
N SER D 122 17.03 1.03 3.81
CA SER D 122 16.46 2.08 4.69
C SER D 122 16.45 3.42 3.95
N ASN D 123 15.35 4.16 4.04
CA ASN D 123 15.29 5.49 3.41
C ASN D 123 14.54 6.43 4.37
N PHE D 124 14.77 7.72 4.18
CA PHE D 124 14.16 8.80 4.98
C PHE D 124 13.95 9.97 4.02
N HIS D 125 12.70 10.42 3.92
CA HIS D 125 12.31 11.58 3.07
C HIS D 125 11.61 12.57 3.99
N PHE D 126 12.17 13.75 4.09
CA PHE D 126 11.79 14.77 5.08
C PHE D 126 11.95 16.16 4.45
N PHE D 127 10.99 17.04 4.70
CA PHE D 127 11.11 18.48 4.40
C PHE D 127 10.38 19.28 5.48
N ALA D 128 10.81 20.53 5.64
CA ALA D 128 10.20 21.53 6.53
C ALA D 128 10.28 22.90 5.86
N VAL D 129 9.26 23.71 6.11
CA VAL D 129 9.18 25.13 5.67
C VAL D 129 8.74 25.92 6.90
N GLY D 130 9.48 26.96 7.26
CA GLY D 130 9.14 27.75 8.47
C GLY D 130 9.68 29.16 8.41
N GLY D 131 9.24 30.00 9.36
CA GLY D 131 9.72 31.38 9.54
C GLY D 131 10.75 31.47 10.64
N ASP D 132 11.10 30.33 11.25
CA ASP D 132 12.20 30.16 12.23
C ASP D 132 12.98 28.93 11.83
N PRO D 133 14.23 28.78 12.31
CA PRO D 133 14.97 27.55 12.06
C PRO D 133 14.17 26.35 12.58
N LEU D 134 14.25 25.21 11.90
CA LEU D 134 13.67 23.94 12.36
C LEU D 134 14.23 23.64 13.76
N GLU D 135 13.35 23.32 14.70
CA GLU D 135 13.72 22.91 16.07
C GLU D 135 13.77 21.39 16.12
N MET D 136 14.88 20.86 16.64
CA MET D 136 15.18 19.42 16.61
C MET D 136 15.38 18.89 18.03
N GLN D 137 15.04 17.62 18.22
CA GLN D 137 15.24 16.83 19.46
C GLN D 137 16.23 15.72 19.13
N GLY D 138 17.23 15.52 19.99
CA GLY D 138 18.26 14.49 19.82
C GLY D 138 17.80 13.15 20.37
N VAL D 139 18.04 12.08 19.62
CA VAL D 139 17.84 10.67 20.06
C VAL D 139 18.93 9.83 19.39
N LEU D 140 19.58 8.97 20.14
CA LEU D 140 20.73 8.17 19.67
C LEU D 140 20.40 6.69 19.72
N MET D 141 20.85 5.92 18.75
CA MET D 141 20.86 4.44 18.81
C MET D 141 21.72 4.01 20.00
N ASN D 142 22.89 4.66 20.13
CA ASN D 142 23.97 4.30 21.10
C ASN D 142 24.52 5.58 21.70
N TYR D 143 24.23 5.87 22.96
CA TYR D 143 24.64 7.14 23.62
C TYR D 143 26.19 7.24 23.65
N ARG D 144 26.89 6.12 23.55
CA ARG D 144 28.36 6.08 23.71
C ARG D 144 29.04 6.27 22.35
N THR D 145 28.28 6.50 21.29
CA THR D 145 28.87 6.78 19.95
C THR D 145 29.78 7.99 20.10
N LYS D 146 30.99 7.91 19.53
CA LYS D 146 31.94 9.06 19.47
C LYS D 146 31.81 9.68 18.09
N TYR D 147 31.14 10.82 18.00
CA TYR D 147 30.84 11.48 16.71
C TYR D 147 32.04 12.31 16.30
N PRO D 148 32.31 12.41 14.99
CA PRO D 148 33.53 13.06 14.51
C PRO D 148 33.43 14.59 14.45
N ASP D 149 34.59 15.25 14.49
CA ASP D 149 34.74 16.71 14.27
C ASP D 149 33.97 17.08 13.00
N GLY D 150 33.27 18.21 13.05
CA GLY D 150 32.47 18.74 11.93
C GLY D 150 31.00 18.38 12.07
N THR D 151 30.64 17.45 12.95
CA THR D 151 29.22 17.14 13.26
C THR D 151 28.81 17.87 14.54
N ILE D 152 27.53 18.18 14.66
CA ILE D 152 26.88 18.69 15.89
C ILE D 152 25.90 17.61 16.34
N THR D 153 26.16 17.00 17.48
CA THR D 153 25.40 15.85 18.02
C THR D 153 25.06 16.15 19.47
N PRO D 154 24.14 15.40 20.08
CA PRO D 154 23.73 15.64 21.46
C PRO D 154 24.93 15.72 22.42
N LYS D 155 24.98 16.79 23.21
CA LYS D 155 26.08 17.13 24.17
C LYS D 155 25.85 16.34 25.46
N ASN D 156 26.91 15.69 25.96
CA ASN D 156 26.90 14.94 27.24
C ASN D 156 25.70 14.00 27.31
N PRO D 157 25.59 13.08 26.32
CA PRO D 157 24.48 12.15 26.28
C PRO D 157 24.59 11.16 27.43
N THR D 158 23.47 10.59 27.84
CA THR D 158 23.37 9.51 28.84
C THR D 158 22.58 8.37 28.21
N ALA D 159 22.38 7.28 28.94
CA ALA D 159 21.54 6.15 28.52
C ALA D 159 20.14 6.67 28.16
N GLN D 160 19.64 7.71 28.85
CA GLN D 160 18.29 8.29 28.58
C GLN D 160 18.25 8.91 27.18
N SER D 161 19.40 9.29 26.62
CA SER D 161 19.53 9.84 25.24
C SER D 161 19.13 8.80 24.18
N GLN D 162 19.03 7.51 24.55
CA GLN D 162 18.59 6.43 23.63
C GLN D 162 17.06 6.39 23.57
N VAL D 163 16.39 7.03 24.54
CA VAL D 163 14.92 7.22 24.53
C VAL D 163 14.71 8.74 24.52
N MET D 164 14.03 9.37 25.47
CA MET D 164 13.85 10.84 25.44
C MET D 164 14.66 11.52 26.54
N ASN D 165 15.61 12.36 26.14
CA ASN D 165 16.40 13.25 27.03
C ASN D 165 16.14 14.70 26.60
N THR D 166 15.35 15.45 27.36
CA THR D 166 14.89 16.81 26.99
C THR D 166 16.05 17.82 26.93
N ASP D 167 17.25 17.46 27.39
CA ASP D 167 18.45 18.33 27.23
C ASP D 167 18.80 18.53 25.75
N HIS D 168 18.52 17.55 24.88
CA HIS D 168 19.04 17.55 23.49
C HIS D 168 18.09 18.35 22.59
N LYS D 169 18.14 19.67 22.69
CA LYS D 169 17.35 20.63 21.88
C LYS D 169 18.34 21.41 21.01
N ALA D 170 18.01 21.54 19.73
CA ALA D 170 18.87 22.31 18.84
C ALA D 170 18.09 22.95 17.71
N TYR D 171 18.67 23.96 17.07
CA TYR D 171 18.08 24.54 15.87
C TYR D 171 18.86 23.97 14.69
N LEU D 172 18.19 23.63 13.60
CA LEU D 172 18.92 23.25 12.37
C LEU D 172 19.47 24.57 11.86
N ASP D 173 20.64 24.94 12.33
CA ASP D 173 21.23 26.29 12.08
C ASP D 173 22.53 26.14 11.31
N LYS D 174 22.86 24.95 10.85
CA LYS D 174 24.07 24.73 10.02
C LYS D 174 23.82 23.61 9.01
N ASN D 175 24.07 23.89 7.75
CA ASN D 175 24.01 22.90 6.64
C ASN D 175 25.13 21.89 6.84
N ASN D 176 24.88 20.62 6.52
CA ASN D 176 25.93 19.55 6.48
C ASN D 176 26.62 19.42 7.85
N ALA D 177 25.88 19.42 8.94
CA ALA D 177 26.47 19.37 10.31
C ALA D 177 25.67 18.48 11.26
N TYR D 178 24.34 18.47 11.18
CA TYR D 178 23.48 17.70 12.10
C TYR D 178 23.23 16.32 11.48
N PRO D 179 23.83 15.23 11.99
CA PRO D 179 23.62 13.93 11.39
C PRO D 179 22.15 13.51 11.51
N VAL D 180 21.60 12.96 10.43
CA VAL D 180 20.18 12.51 10.38
C VAL D 180 19.96 11.49 11.49
N GLU D 181 20.93 10.60 11.76
CA GLU D 181 20.78 9.52 12.77
C GLU D 181 20.71 10.05 14.20
N CYS D 182 21.02 11.33 14.45
CA CYS D 182 21.08 11.91 15.83
C CYS D 182 19.86 12.78 16.15
N TRP D 183 19.12 13.24 15.14
CA TRP D 183 18.18 14.35 15.30
C TRP D 183 16.87 14.06 14.59
N VAL D 184 15.77 14.46 15.22
CA VAL D 184 14.42 14.48 14.59
C VAL D 184 13.82 15.86 14.80
N PRO D 185 12.85 16.26 13.96
CA PRO D 185 12.07 17.46 14.22
C PRO D 185 11.38 17.28 15.58
N ASP D 186 11.31 18.36 16.35
CA ASP D 186 10.77 18.38 17.73
C ASP D 186 9.28 18.74 17.69
N PRO D 187 8.36 17.77 17.95
CA PRO D 187 6.92 18.07 17.90
C PRO D 187 6.46 18.93 19.08
N SER D 188 7.27 19.09 20.12
CA SER D 188 6.95 19.95 21.30
C SER D 188 7.24 21.42 20.97
N ARG D 189 7.94 21.73 19.87
CA ARG D 189 8.23 23.14 19.47
C ARG D 189 7.73 23.33 18.03
N ASN D 190 8.45 24.10 17.21
CA ASN D 190 8.09 24.29 15.79
C ASN D 190 6.68 24.87 15.66
N GLU D 191 6.31 25.86 16.47
CA GLU D 191 5.01 26.58 16.34
C GLU D 191 4.97 27.32 14.99
N ASN D 192 6.12 27.67 14.44
CA ASN D 192 6.22 28.56 13.25
C ASN D 192 6.87 27.81 12.07
N THR D 193 6.83 26.48 12.09
CA THR D 193 7.36 25.60 11.01
C THR D 193 6.32 24.49 10.74
N ARG D 194 6.19 24.08 9.48
CA ARG D 194 5.48 22.82 9.14
C ARG D 194 6.52 21.81 8.65
N TYR D 195 6.50 20.60 9.20
CA TYR D 195 7.45 19.54 8.79
C TYR D 195 6.68 18.25 8.51
N PHE D 196 7.27 17.43 7.64
CA PHE D 196 6.72 16.16 7.14
C PHE D 196 7.88 15.22 6.85
N GLY D 197 7.83 14.01 7.38
CA GLY D 197 8.86 13.00 7.14
C GLY D 197 8.31 11.59 7.24
N THR D 198 8.90 10.70 6.46
CA THR D 198 8.62 9.25 6.48
C THR D 198 9.95 8.50 6.49
N PHE D 199 10.10 7.66 7.49
CA PHE D 199 11.20 6.69 7.63
C PHE D 199 10.67 5.30 7.25
N THR D 200 11.38 4.62 6.35
CA THR D 200 11.12 3.21 5.98
C THR D 200 12.42 2.44 6.19
N GLY D 201 12.45 1.50 7.13
CA GLY D 201 13.69 0.77 7.48
C GLY D 201 13.68 -0.64 6.93
N GLY D 202 14.83 -1.17 6.55
CA GLY D 202 14.95 -2.59 6.17
C GLY D 202 15.99 -2.77 5.09
N GLU D 203 16.58 -3.96 5.01
CA GLU D 203 17.64 -4.32 4.06
C GLU D 203 17.17 -4.13 2.61
N ASN D 204 15.95 -4.57 2.29
CA ASN D 204 15.49 -4.72 0.87
C ASN D 204 14.33 -3.76 0.55
N VAL D 205 14.06 -2.77 1.39
CA VAL D 205 12.96 -1.79 1.18
C VAL D 205 13.13 -1.15 -0.19
N PRO D 206 12.10 -1.19 -1.09
CA PRO D 206 12.18 -0.48 -2.36
C PRO D 206 11.93 1.01 -2.19
N PRO D 207 12.76 1.88 -2.79
CA PRO D 207 12.44 3.29 -2.88
C PRO D 207 11.16 3.45 -3.72
N VAL D 208 10.24 4.31 -3.28
CA VAL D 208 8.99 4.63 -4.01
C VAL D 208 8.89 6.16 -4.02
N LEU D 209 9.10 6.77 -5.17
CA LEU D 209 9.17 8.25 -5.27
C LEU D 209 8.23 8.73 -6.37
N HIS D 210 7.42 9.72 -6.03
CA HIS D 210 6.42 10.32 -6.95
C HIS D 210 6.91 11.71 -7.34
N VAL D 211 6.70 12.08 -8.59
CA VAL D 211 6.90 13.48 -9.07
C VAL D 211 5.60 13.91 -9.75
N THR D 212 5.22 15.16 -9.55
CA THR D 212 4.15 15.83 -10.30
C THR D 212 4.22 17.31 -9.98
N ASN D 213 3.93 18.16 -10.94
CA ASN D 213 3.87 19.63 -10.74
C ASN D 213 2.42 20.02 -10.38
N THR D 214 1.54 19.06 -10.07
CA THR D 214 0.12 19.34 -9.78
C THR D 214 -0.19 19.24 -8.28
N ALA D 215 0.78 18.90 -7.43
CA ALA D 215 0.52 18.60 -5.99
C ALA D 215 0.99 19.78 -5.15
N THR D 216 0.14 20.28 -4.26
CA THR D 216 0.48 21.43 -3.38
C THR D 216 0.16 21.05 -1.95
N THR D 217 1.07 21.33 -1.01
CA THR D 217 0.80 21.21 0.45
C THR D 217 0.44 22.61 0.97
N VAL D 218 -0.72 22.73 1.62
CA VAL D 218 -1.15 23.99 2.28
C VAL D 218 -0.46 24.09 3.63
N LEU D 219 0.09 25.24 3.96
CA LEU D 219 0.92 25.44 5.18
C LEU D 219 0.13 26.16 6.27
N LEU D 220 -1.12 26.51 5.99
CA LEU D 220 -2.00 27.23 6.94
C LEU D 220 -2.34 26.29 8.09
N ASP D 221 -2.33 26.81 9.32
CA ASP D 221 -2.75 26.06 10.54
C ASP D 221 -4.28 26.12 10.64
N GLU D 222 -4.81 25.63 11.76
CA GLU D 222 -6.28 25.56 12.07
C GLU D 222 -6.91 26.95 11.96
N GLN D 223 -6.18 28.02 12.36
CA GLN D 223 -6.65 29.43 12.33
C GLN D 223 -6.46 30.06 10.94
N GLY D 224 -5.99 29.32 9.93
CA GLY D 224 -5.75 29.88 8.59
C GLY D 224 -4.48 30.72 8.50
N VAL D 225 -3.51 30.48 9.40
CA VAL D 225 -2.24 31.26 9.44
C VAL D 225 -1.08 30.33 9.06
N GLY D 226 -0.26 30.76 8.12
CA GLY D 226 0.95 30.04 7.67
C GLY D 226 2.14 30.44 8.54
N PRO D 227 3.30 29.79 8.38
CA PRO D 227 4.54 30.28 8.98
C PRO D 227 4.76 31.76 8.63
N LEU D 228 5.15 32.53 9.64
CA LEU D 228 5.41 33.99 9.53
C LEU D 228 6.93 34.21 9.57
N CYS D 229 7.46 34.83 8.53
CA CYS D 229 8.92 34.94 8.33
C CYS D 229 9.51 36.05 9.22
N LYS D 230 9.91 35.64 10.42
CA LYS D 230 10.62 36.46 11.42
C LYS D 230 11.86 36.97 10.71
N ALA D 231 12.06 38.29 10.78
CA ALA D 231 13.24 39.00 10.27
C ALA D 231 13.43 38.66 8.80
N ASP D 232 12.32 38.59 8.05
CA ASP D 232 12.30 38.51 6.56
C ASP D 232 13.09 37.29 6.10
N SER D 233 12.98 36.18 6.83
CA SER D 233 13.73 34.94 6.55
C SER D 233 12.80 33.74 6.38
N LEU D 234 12.94 33.01 5.28
CA LEU D 234 12.26 31.72 5.01
C LEU D 234 13.29 30.60 5.19
N TYR D 235 12.92 29.58 5.97
CA TYR D 235 13.77 28.41 6.26
C TYR D 235 13.22 27.19 5.51
N VAL D 236 14.08 26.57 4.71
CA VAL D 236 13.82 25.25 4.06
C VAL D 236 14.83 24.26 4.64
N SER D 237 14.33 23.06 4.97
CA SER D 237 15.14 21.94 5.50
C SER D 237 14.72 20.65 4.78
N ALA D 238 15.65 19.72 4.61
CA ALA D 238 15.40 18.44 3.90
C ALA D 238 16.36 17.36 4.38
N ALA D 239 15.89 16.14 4.24
CA ALA D 239 16.74 14.91 4.25
C ALA D 239 16.08 13.92 3.31
N ASP D 240 16.81 13.48 2.30
CA ASP D 240 16.32 12.56 1.25
C ASP D 240 17.38 11.48 1.02
N ILE D 241 17.49 10.60 2.00
CA ILE D 241 18.31 9.36 1.92
C ILE D 241 17.47 8.35 1.15
N CYS D 242 17.87 8.02 -0.08
CA CYS D 242 17.04 7.20 -1.01
C CYS D 242 17.21 5.72 -0.74
N GLY D 243 18.33 5.33 -0.13
CA GLY D 243 18.67 3.93 0.17
C GLY D 243 20.17 3.72 0.10
N LEU D 244 20.57 2.46 0.03
CA LEU D 244 21.99 2.03 -0.06
C LEU D 244 22.32 1.58 -1.49
N PHE D 245 23.43 2.10 -2.00
CA PHE D 245 24.12 1.64 -3.23
C PHE D 245 25.09 0.53 -2.82
N THR D 246 25.02 -0.65 -3.44
CA THR D 246 25.93 -1.78 -3.17
C THR D 246 27.00 -1.85 -4.27
N ASN D 247 28.24 -1.54 -3.93
CA ASN D 247 29.42 -1.64 -4.84
C ASN D 247 29.65 -3.11 -5.20
N SER D 248 30.32 -3.37 -6.34
CA SER D 248 30.76 -4.72 -6.80
C SER D 248 31.47 -5.48 -5.66
N SER D 249 32.26 -4.77 -4.85
CA SER D 249 33.00 -5.33 -3.69
C SER D 249 32.05 -5.86 -2.62
N GLY D 250 30.81 -5.35 -2.58
CA GLY D 250 29.85 -5.62 -1.48
C GLY D 250 29.74 -4.46 -0.50
N THR D 251 30.62 -3.47 -0.57
CA THR D 251 30.52 -2.27 0.30
C THR D 251 29.25 -1.49 -0.07
N GLN D 252 28.70 -0.75 0.88
CA GLN D 252 27.43 -0.01 0.71
C GLN D 252 27.67 1.45 1.05
N GLN D 253 27.02 2.34 0.28
CA GLN D 253 27.06 3.79 0.50
C GLN D 253 25.64 4.32 0.44
N TRP D 254 25.32 5.28 1.30
CA TRP D 254 24.04 6.03 1.19
C TRP D 254 24.04 6.80 -0.11
N ARG D 255 22.88 6.88 -0.76
CA ARG D 255 22.63 7.75 -1.92
C ARG D 255 21.51 8.73 -1.56
N GLY D 256 21.73 10.00 -1.82
CA GLY D 256 20.80 11.11 -1.58
C GLY D 256 20.52 11.87 -2.85
N LEU D 257 19.41 12.59 -2.87
CA LEU D 257 19.04 13.43 -4.03
C LEU D 257 18.61 14.80 -3.53
N ALA D 258 18.74 15.79 -4.40
CA ALA D 258 18.32 17.18 -4.13
C ALA D 258 16.80 17.23 -4.02
N ARG D 259 16.29 18.21 -3.29
CA ARG D 259 14.84 18.49 -3.17
C ARG D 259 14.56 19.90 -3.70
N TYR D 260 13.57 20.01 -4.57
CA TYR D 260 13.02 21.28 -5.05
C TYR D 260 11.92 21.75 -4.10
N PHE D 261 11.89 23.05 -3.90
CA PHE D 261 10.84 23.78 -3.15
C PHE D 261 10.33 24.93 -4.02
N LYS D 262 9.01 25.05 -4.15
CA LYS D 262 8.34 26.29 -4.62
C LYS D 262 7.33 26.71 -3.53
N ILE D 263 7.59 27.83 -2.90
CA ILE D 263 6.82 28.34 -1.73
C ILE D 263 6.13 29.63 -2.16
N ARG D 264 4.81 29.68 -1.98
CA ARG D 264 3.98 30.88 -2.28
C ARG D 264 3.80 31.62 -0.96
N LEU D 265 4.12 32.91 -0.92
CA LEU D 265 3.98 33.77 0.28
C LEU D 265 3.07 34.97 -0.03
N ARG D 266 2.39 35.47 1.00
CA ARG D 266 1.51 36.65 0.93
C ARG D 266 1.90 37.57 2.10
N LYS D 267 1.49 38.82 2.07
CA LYS D 267 1.82 39.80 3.15
C LYS D 267 0.71 39.70 4.19
N ARG D 268 1.09 39.58 5.46
CA ARG D 268 0.15 39.63 6.60
C ARG D 268 0.50 40.82 7.50
N SER D 269 -0.48 41.66 7.84
CA SER D 269 -0.34 42.72 8.87
C SER D 269 -0.41 42.07 10.25
N VAL D 270 0.46 42.49 11.17
CA VAL D 270 0.47 42.07 12.61
C VAL D 270 0.73 43.32 13.47
N LYS D 271 0.40 43.26 14.76
CA LYS D 271 0.65 44.34 15.77
C LYS D 271 2.14 44.41 16.15
N ASN D 272 2.57 45.48 16.81
CA ASN D 272 4.01 45.80 17.03
C ASN D 272 4.47 45.28 18.40
N VAL E 7 0.65 35.04 -22.45
CA VAL E 7 -0.71 35.41 -22.99
C VAL E 7 -1.71 35.64 -21.84
N GLU E 8 -2.62 36.62 -22.02
CA GLU E 8 -3.73 36.91 -21.07
C GLU E 8 -4.92 36.03 -21.43
N VAL E 9 -5.37 35.23 -20.48
CA VAL E 9 -6.40 34.16 -20.64
C VAL E 9 -7.76 34.76 -20.31
N LEU E 10 -8.71 34.67 -21.25
CA LEU E 10 -10.10 35.14 -21.04
C LEU E 10 -11.02 33.93 -20.84
N GLU E 11 -12.26 34.00 -21.33
CA GLU E 11 -13.30 32.98 -21.03
C GLU E 11 -13.20 31.77 -21.98
N VAL E 12 -13.76 30.66 -21.55
CA VAL E 12 -13.99 29.43 -22.36
C VAL E 12 -15.06 29.80 -23.40
N LYS E 13 -14.86 29.43 -24.66
CA LYS E 13 -15.86 29.66 -25.74
C LYS E 13 -16.86 28.52 -25.71
N THR E 14 -18.16 28.80 -25.62
CA THR E 14 -19.22 27.76 -25.44
C THR E 14 -19.94 27.55 -26.78
N GLY E 15 -20.67 26.43 -26.92
CA GLY E 15 -21.18 25.92 -28.21
C GLY E 15 -20.37 24.73 -28.71
N ILE E 19 -15.78 21.55 -27.67
CA ILE E 19 -15.03 20.38 -27.12
C ILE E 19 -14.67 19.44 -28.27
N THR E 20 -13.41 19.01 -28.33
CA THR E 20 -12.99 17.88 -29.20
C THR E 20 -12.07 16.98 -28.40
N GLU E 21 -11.87 15.76 -28.87
CA GLU E 21 -11.02 14.71 -28.24
C GLU E 21 -9.96 14.30 -29.25
N VAL E 22 -8.70 14.24 -28.83
CA VAL E 22 -7.62 13.62 -29.66
C VAL E 22 -7.08 12.41 -28.89
N GLU E 23 -6.65 11.39 -29.61
CA GLU E 23 -6.09 10.17 -28.98
C GLU E 23 -4.75 9.85 -29.61
N CYS E 24 -3.92 9.09 -28.90
CA CYS E 24 -2.59 8.64 -29.39
CA CYS E 24 -2.68 8.52 -29.47
C CYS E 24 -2.17 7.40 -28.59
N PHE E 25 -1.52 6.44 -29.23
CA PHE E 25 -0.79 5.33 -28.59
C PHE E 25 0.69 5.65 -28.77
N LEU E 26 1.43 5.88 -27.70
CA LEU E 26 2.87 6.21 -27.74
C LEU E 26 3.65 4.93 -27.44
N ASN E 27 4.44 4.47 -28.41
CA ASN E 27 5.26 3.24 -28.23
C ASN E 27 6.38 3.54 -27.24
N PRO E 28 6.83 2.53 -26.47
CA PRO E 28 7.98 2.68 -25.60
C PRO E 28 9.27 2.63 -26.45
N GLU E 29 10.36 3.18 -25.90
CA GLU E 29 11.69 3.27 -26.53
C GLU E 29 12.71 2.68 -25.56
N MET E 30 12.69 1.34 -25.44
CA MET E 30 13.46 0.58 -24.43
C MET E 30 14.87 0.29 -24.97
N GLY E 31 15.12 0.46 -26.28
CA GLY E 31 16.45 0.23 -26.90
C GLY E 31 16.36 -0.66 -28.13
N ASP E 32 15.49 -1.68 -28.13
CA ASP E 32 15.13 -2.48 -29.32
C ASP E 32 16.41 -3.09 -29.91
N PRO E 33 17.05 -4.05 -29.21
CA PRO E 33 18.40 -4.51 -29.58
C PRO E 33 18.44 -5.30 -30.91
N ASP E 34 17.32 -5.86 -31.36
CA ASP E 34 17.23 -6.46 -32.72
C ASP E 34 15.78 -6.38 -33.17
N GLU E 35 15.48 -6.80 -34.40
CA GLU E 35 14.18 -6.65 -35.08
C GLU E 35 13.10 -7.47 -34.36
N ASN E 36 13.47 -8.51 -33.60
CA ASN E 36 12.49 -9.37 -32.89
C ASN E 36 12.21 -8.89 -31.46
N LEU E 37 13.14 -8.11 -30.90
CA LEU E 37 13.04 -7.70 -29.48
C LEU E 37 12.53 -6.26 -29.32
N ARG E 38 11.55 -5.88 -30.14
CA ARG E 38 10.91 -4.56 -29.96
C ARG E 38 10.22 -4.54 -28.60
N GLY E 39 10.42 -3.50 -27.82
CA GLY E 39 9.83 -3.41 -26.47
C GLY E 39 10.80 -3.83 -25.37
N PHE E 40 11.98 -4.32 -25.74
CA PHE E 40 13.02 -4.76 -24.77
C PHE E 40 14.26 -3.91 -24.97
N SER E 41 15.12 -3.83 -23.95
CA SER E 41 16.49 -3.30 -24.06
C SER E 41 17.48 -4.42 -24.42
N LEU E 42 18.67 -4.03 -24.83
CA LEU E 42 19.87 -4.89 -24.82
C LEU E 42 20.06 -5.44 -23.40
N LYS E 43 20.60 -6.66 -23.27
CA LYS E 43 20.98 -7.23 -21.96
C LYS E 43 21.79 -6.20 -21.17
N LEU E 44 21.58 -6.15 -19.85
CA LEU E 44 22.24 -5.14 -18.97
C LEU E 44 23.66 -5.62 -18.68
N SER E 45 24.64 -4.72 -18.79
CA SER E 45 25.99 -4.88 -18.21
C SER E 45 25.91 -4.60 -16.70
N ALA E 46 26.94 -4.97 -15.95
CA ALA E 46 27.07 -4.70 -14.51
C ALA E 46 28.53 -4.50 -14.14
N GLU E 47 28.75 -3.70 -13.10
CA GLU E 47 30.01 -3.60 -12.33
C GLU E 47 31.04 -2.78 -13.10
N ASN E 48 30.64 -2.00 -14.13
CA ASN E 48 31.59 -1.05 -14.79
C ASN E 48 32.06 -0.04 -13.74
N ASP E 49 33.37 0.19 -13.63
CA ASP E 49 33.91 1.25 -12.76
C ASP E 49 33.34 2.60 -13.23
N PHE E 50 33.08 3.52 -12.30
CA PHE E 50 32.55 4.87 -12.64
C PHE E 50 33.46 5.52 -13.68
N SER E 51 34.77 5.22 -13.64
CA SER E 51 35.79 5.85 -14.54
C SER E 51 35.77 5.20 -15.93
N SER E 52 35.11 4.06 -16.13
CA SER E 52 35.02 3.41 -17.46
C SER E 52 33.63 2.82 -17.67
N ASP E 53 32.65 3.71 -17.80
CA ASP E 53 31.22 3.35 -17.89
C ASP E 53 30.73 3.87 -19.24
N SER E 54 30.67 2.98 -20.22
CA SER E 54 30.38 3.31 -21.63
C SER E 54 29.19 2.49 -22.11
N PRO E 55 27.96 2.79 -21.63
CA PRO E 55 26.79 2.00 -22.01
C PRO E 55 26.49 2.07 -23.52
N GLU E 56 26.09 0.94 -24.09
CA GLU E 56 25.61 0.85 -25.49
C GLU E 56 24.22 1.50 -25.60
N ARG E 57 24.00 2.16 -26.73
CA ARG E 57 22.73 2.86 -27.05
CA ARG E 57 22.73 2.85 -27.09
C ARG E 57 21.53 1.93 -26.77
N LYS E 58 21.59 0.70 -27.23
CA LYS E 58 20.42 -0.22 -27.22
C LYS E 58 20.11 -0.73 -25.81
N MET E 59 20.97 -0.41 -24.84
CA MET E 59 20.77 -0.83 -23.44
C MET E 59 20.01 0.25 -22.64
N LEU E 60 19.83 1.45 -23.20
CA LEU E 60 19.33 2.65 -22.49
C LEU E 60 17.90 2.97 -22.92
N PRO E 61 16.88 2.67 -22.10
CA PRO E 61 15.54 3.22 -22.33
C PRO E 61 15.58 4.75 -22.42
N CYS E 62 14.79 5.30 -23.35
CA CYS E 62 14.64 6.75 -23.58
C CYS E 62 13.16 7.15 -23.42
N TYR E 63 12.94 8.42 -23.10
CA TYR E 63 11.60 9.05 -23.10
C TYR E 63 10.99 8.97 -24.50
N SER E 64 9.70 8.67 -24.53
CA SER E 64 8.82 8.71 -25.71
C SER E 64 8.16 10.08 -25.76
N THR E 65 7.95 10.62 -26.96
CA THR E 65 7.20 11.89 -27.11
C THR E 65 6.58 11.94 -28.52
N ALA E 66 5.45 12.62 -28.63
CA ALA E 66 4.80 12.91 -29.93
C ALA E 66 4.10 14.26 -29.84
N ARG E 67 4.09 14.96 -30.97
CA ARG E 67 3.40 16.25 -31.16
C ARG E 67 2.14 15.93 -31.94
N ILE E 68 0.98 16.34 -31.42
CA ILE E 68 -0.34 16.20 -32.11
C ILE E 68 -0.70 17.57 -32.68
N PRO E 69 -0.70 17.72 -34.03
CA PRO E 69 -1.03 19.01 -34.65
C PRO E 69 -2.53 19.28 -34.53
N LEU E 70 -2.92 20.51 -34.26
CA LEU E 70 -4.35 20.91 -34.15
C LEU E 70 -4.63 21.98 -35.21
N PRO E 71 -5.88 22.08 -35.71
CA PRO E 71 -6.25 23.20 -36.57
C PRO E 71 -6.18 24.52 -35.78
N ASN E 72 -5.60 25.54 -36.40
CA ASN E 72 -5.69 26.97 -35.97
C ASN E 72 -7.16 27.41 -35.95
N LEU E 73 -7.53 28.23 -34.98
CA LEU E 73 -8.96 28.60 -34.70
C LEU E 73 -9.31 30.02 -35.15
N ASN E 74 -8.37 30.77 -35.70
CA ASN E 74 -8.49 32.24 -35.87
C ASN E 74 -8.75 32.60 -37.35
N GLU E 75 -9.00 33.89 -37.60
CA GLU E 75 -8.84 34.58 -38.90
C GLU E 75 -7.95 35.82 -38.70
N ASP E 76 -8.39 36.80 -37.90
CA ASP E 76 -7.61 38.02 -37.56
C ASP E 76 -6.76 37.78 -36.30
N GLY E 80 -8.89 41.48 -31.53
CA GLY E 80 -8.37 41.64 -30.15
C GLY E 80 -8.32 40.32 -29.39
N ASN E 81 -9.29 39.44 -29.61
CA ASN E 81 -9.42 38.12 -28.93
C ASN E 81 -9.12 37.02 -29.96
N LEU E 82 -8.11 36.19 -29.65
CA LEU E 82 -7.78 34.96 -30.40
C LEU E 82 -8.34 33.75 -29.64
N LEU E 83 -8.55 32.63 -30.35
CA LEU E 83 -8.92 31.33 -29.74
C LEU E 83 -7.68 30.41 -29.70
N MET E 84 -7.54 29.62 -28.63
CA MET E 84 -6.53 28.55 -28.50
C MET E 84 -7.18 27.30 -27.94
N TRP E 85 -6.70 26.14 -28.38
CA TRP E 85 -7.04 24.83 -27.79
C TRP E 85 -6.47 24.76 -26.37
N GLU E 86 -7.29 24.32 -25.43
CA GLU E 86 -6.94 24.11 -24.01
C GLU E 86 -7.19 22.65 -23.67
N ALA E 87 -6.18 21.95 -23.19
CA ALA E 87 -6.32 20.56 -22.69
C ALA E 87 -7.01 20.59 -21.32
N VAL E 88 -8.09 19.88 -21.13
CA VAL E 88 -8.91 19.93 -19.88
CA VAL E 88 -8.82 19.96 -19.82
C VAL E 88 -8.71 18.63 -19.08
N THR E 89 -8.74 17.49 -19.75
CA THR E 89 -8.63 16.18 -19.09
C THR E 89 -7.80 15.23 -19.96
N VAL E 90 -7.22 14.23 -19.32
CA VAL E 90 -6.55 13.10 -20.02
C VAL E 90 -7.01 11.79 -19.37
N GLN E 91 -7.30 10.80 -20.21
CA GLN E 91 -7.42 9.39 -19.81
C GLN E 91 -6.19 8.68 -20.39
N THR E 92 -5.47 7.94 -19.56
CA THR E 92 -4.20 7.32 -19.98
C THR E 92 -4.11 5.96 -19.31
N GLU E 93 -3.56 4.98 -20.01
CA GLU E 93 -3.21 3.70 -19.38
C GLU E 93 -2.13 3.00 -20.20
N VAL E 94 -1.47 2.09 -19.51
CA VAL E 94 -0.38 1.24 -20.07
C VAL E 94 -1.06 0.09 -20.78
N ILE E 95 -0.58 -0.21 -21.98
CA ILE E 95 -1.21 -1.16 -22.93
C ILE E 95 -0.39 -2.45 -22.97
N GLY E 96 -1.03 -3.57 -22.62
CA GLY E 96 -0.46 -4.92 -22.74
C GLY E 96 0.03 -5.46 -21.42
N ILE E 97 -0.56 -5.06 -20.31
CA ILE E 97 -0.06 -5.48 -18.96
C ILE E 97 -0.19 -7.01 -18.81
N THR E 98 -1.19 -7.64 -19.45
CA THR E 98 -1.43 -9.10 -19.31
C THR E 98 -0.37 -9.92 -20.06
N SER E 99 0.44 -9.30 -20.92
CA SER E 99 1.51 -9.99 -21.67
C SER E 99 2.52 -10.59 -20.68
N MET E 100 2.60 -10.05 -19.47
CA MET E 100 3.53 -10.57 -18.44
C MET E 100 3.02 -11.89 -17.83
N LEU E 101 1.82 -12.37 -18.21
CA LEU E 101 1.32 -13.71 -17.81
C LEU E 101 1.88 -14.82 -18.71
N ASN E 102 2.66 -14.46 -19.73
CA ASN E 102 3.46 -15.43 -20.53
C ASN E 102 4.73 -15.76 -19.73
N LEU E 103 4.70 -16.87 -18.99
CA LEU E 103 5.87 -17.36 -18.21
C LEU E 103 6.49 -18.58 -18.90
N HIS E 104 6.10 -18.88 -20.14
CA HIS E 104 6.60 -20.05 -20.92
C HIS E 104 7.75 -19.64 -21.87
N ALA E 105 7.82 -18.37 -22.28
CA ALA E 105 8.77 -17.86 -23.29
C ALA E 105 9.95 -17.17 -22.62
N GLY E 106 11.16 -17.73 -22.79
CA GLY E 106 12.46 -17.06 -22.65
C GLY E 106 12.92 -16.88 -21.21
N SER E 107 12.01 -16.80 -20.23
CA SER E 107 12.37 -16.44 -18.84
C SER E 107 12.95 -17.65 -18.11
N GLN E 108 13.94 -17.39 -17.25
CA GLN E 108 14.57 -18.42 -16.37
C GLN E 108 13.50 -19.04 -15.48
N LYS E 109 13.49 -20.37 -15.35
CA LYS E 109 12.59 -21.08 -14.42
C LYS E 109 12.87 -20.58 -12.99
N VAL E 110 11.83 -20.48 -12.18
CA VAL E 110 11.94 -20.01 -10.76
C VAL E 110 12.62 -21.12 -9.94
N HIS E 111 12.47 -22.37 -10.36
CA HIS E 111 13.12 -23.55 -9.72
C HIS E 111 12.95 -24.72 -10.67
N GLU E 112 13.58 -25.86 -10.36
CA GLU E 112 13.46 -27.11 -11.15
C GLU E 112 11.98 -27.46 -11.36
N HIS E 113 11.57 -27.64 -12.62
CA HIS E 113 10.21 -28.06 -13.06
C HIS E 113 9.20 -26.90 -12.94
N GLY E 114 9.60 -25.71 -12.48
CA GLY E 114 8.69 -24.57 -12.26
C GLY E 114 8.45 -23.79 -13.55
N GLY E 115 7.52 -22.84 -13.51
CA GLY E 115 7.31 -21.88 -14.62
C GLY E 115 8.40 -20.80 -14.64
N GLY E 116 8.40 -19.99 -15.68
CA GLY E 116 9.30 -18.85 -15.88
C GLY E 116 9.17 -17.80 -14.80
N LYS E 117 10.24 -17.03 -14.60
CA LYS E 117 10.33 -15.90 -13.65
C LYS E 117 9.52 -14.73 -14.23
N PRO E 118 8.54 -14.20 -13.50
CA PRO E 118 7.86 -12.96 -13.89
C PRO E 118 8.84 -11.79 -14.09
N ILE E 119 8.49 -10.87 -14.97
CA ILE E 119 9.12 -9.52 -15.02
C ILE E 119 8.91 -8.87 -13.65
N GLN E 120 9.99 -8.32 -13.09
CA GLN E 120 9.97 -7.65 -11.78
C GLN E 120 11.22 -6.79 -11.65
N GLY E 121 11.30 -6.00 -10.60
CA GLY E 121 12.43 -5.10 -10.35
C GLY E 121 12.06 -3.66 -10.64
N SER E 122 13.04 -2.80 -10.67
CA SER E 122 12.91 -1.35 -10.80
C SER E 122 11.97 -1.01 -11.95
N ASN E 123 11.03 -0.09 -11.71
CA ASN E 123 10.08 0.32 -12.76
C ASN E 123 9.86 1.83 -12.62
N PHE E 124 9.43 2.44 -13.71
CA PHE E 124 9.16 3.89 -13.81
C PHE E 124 7.99 4.07 -14.75
N HIS E 125 6.94 4.74 -14.27
CA HIS E 125 5.71 5.03 -15.05
C HIS E 125 5.48 6.53 -14.98
N PHE E 126 5.50 7.15 -16.13
CA PHE E 126 5.54 8.62 -16.28
C PHE E 126 4.74 9.01 -17.51
N PHE E 127 3.95 10.07 -17.38
CA PHE E 127 3.30 10.73 -18.53
C PHE E 127 3.22 12.24 -18.28
N ALA E 128 3.15 12.97 -19.38
CA ALA E 128 2.97 14.44 -19.41
C ALA E 128 2.07 14.82 -20.58
N VAL E 129 1.27 15.85 -20.39
CA VAL E 129 0.45 16.51 -21.45
C VAL E 129 0.71 18.00 -21.32
N GLY E 130 1.10 18.65 -22.42
CA GLY E 130 1.33 20.11 -22.40
C GLY E 130 1.14 20.75 -23.74
N GLY E 131 1.20 22.08 -23.76
CA GLY E 131 1.13 22.90 -25.00
C GLY E 131 2.51 23.29 -25.49
N ASP E 132 3.54 22.83 -24.79
CA ASP E 132 4.98 23.00 -25.13
C ASP E 132 5.66 21.65 -24.90
N PRO E 133 6.82 21.38 -25.53
CA PRO E 133 7.58 20.19 -25.19
C PRO E 133 7.90 20.16 -23.68
N LEU E 134 7.91 18.96 -23.10
CA LEU E 134 8.28 18.72 -21.69
C LEU E 134 9.66 19.32 -21.44
N GLU E 135 9.78 20.06 -20.35
CA GLU E 135 11.08 20.63 -19.90
CA GLU E 135 11.08 20.63 -19.90
C GLU E 135 11.69 19.69 -18.87
N MET E 136 12.96 19.35 -19.08
CA MET E 136 13.65 18.30 -18.29
C MET E 136 14.91 18.88 -17.63
N GLN E 137 15.25 18.32 -16.48
CA GLN E 137 16.46 18.64 -15.68
C GLN E 137 17.32 17.38 -15.68
N GLY E 138 18.62 17.53 -15.93
CA GLY E 138 19.57 16.41 -15.95
C GLY E 138 20.10 16.11 -14.55
N VAL E 139 20.15 14.82 -14.22
CA VAL E 139 20.77 14.28 -12.98
C VAL E 139 21.35 12.92 -13.33
N LEU E 140 22.59 12.67 -12.94
CA LEU E 140 23.34 11.45 -13.33
C LEU E 140 23.68 10.65 -12.07
N MET E 141 23.62 9.33 -12.15
CA MET E 141 24.18 8.40 -11.14
C MET E 141 25.69 8.66 -11.07
N ASN E 142 26.32 8.79 -12.24
CA ASN E 142 27.80 8.86 -12.43
C ASN E 142 28.09 9.92 -13.48
N TYR E 143 28.61 11.08 -13.08
CA TYR E 143 28.85 12.22 -14.01
C TYR E 143 29.85 11.80 -15.10
N ARG E 144 30.68 10.77 -14.85
CA ARG E 144 31.78 10.38 -15.78
C ARG E 144 31.28 9.37 -16.81
N THR E 145 29.99 9.00 -16.77
CA THR E 145 29.44 8.05 -17.76
C THR E 145 29.68 8.62 -19.16
N LYS E 146 30.16 7.77 -20.08
CA LYS E 146 30.34 8.15 -21.51
C LYS E 146 29.16 7.60 -22.28
N TYR E 147 28.23 8.48 -22.64
CA TYR E 147 26.95 8.09 -23.28
C TYR E 147 27.21 7.91 -24.78
N PRO E 148 26.49 6.98 -25.42
CA PRO E 148 26.74 6.64 -26.82
C PRO E 148 26.11 7.61 -27.82
N ASP E 149 26.67 7.62 -29.04
CA ASP E 149 26.12 8.36 -30.20
C ASP E 149 24.64 8.03 -30.32
N GLY E 150 23.81 9.03 -30.62
CA GLY E 150 22.36 8.88 -30.80
C GLY E 150 21.59 9.26 -29.53
N THR E 151 22.27 9.43 -28.39
CA THR E 151 21.64 9.90 -27.13
C THR E 151 21.95 11.39 -26.96
N ILE E 152 21.05 12.10 -26.27
CA ILE E 152 21.27 13.48 -25.82
C ILE E 152 21.29 13.46 -24.30
N THR E 153 22.42 13.80 -23.69
CA THR E 153 22.66 13.66 -22.24
C THR E 153 23.25 14.96 -21.74
N PRO E 154 23.32 15.19 -20.40
CA PRO E 154 23.82 16.46 -19.86
C PRO E 154 25.22 16.81 -20.40
N LYS E 155 25.35 18.02 -20.93
CA LYS E 155 26.59 18.57 -21.56
C LYS E 155 27.55 19.05 -20.46
N ASN E 156 28.83 18.67 -20.55
CA ASN E 156 29.90 19.11 -19.63
C ASN E 156 29.47 18.89 -18.18
N PRO E 157 29.10 17.64 -17.81
CA PRO E 157 28.71 17.33 -16.45
C PRO E 157 29.90 17.44 -15.50
N THR E 158 29.62 17.73 -14.23
CA THR E 158 30.60 17.77 -13.14
C THR E 158 30.07 16.85 -12.03
N ALA E 159 30.80 16.75 -10.93
CA ALA E 159 30.35 16.00 -9.75
C ALA E 159 28.98 16.54 -9.28
N GLN E 160 28.74 17.83 -9.44
N GLN E 160 28.76 17.85 -9.43
CA GLN E 160 27.46 18.47 -9.00
CA GLN E 160 27.50 18.56 -9.08
C GLN E 160 26.29 17.94 -9.84
C GLN E 160 26.32 17.93 -9.82
N SER E 161 26.56 17.42 -11.03
CA SER E 161 25.55 16.77 -11.90
C SER E 161 24.97 15.49 -11.28
N GLN E 162 25.60 14.95 -10.22
CA GLN E 162 25.09 13.77 -9.47
C GLN E 162 24.05 14.23 -8.43
N VAL E 163 24.02 15.53 -8.13
CA VAL E 163 22.95 16.14 -7.29
C VAL E 163 22.22 17.15 -8.19
N MET E 164 22.15 18.42 -7.90
CA MET E 164 21.48 19.40 -8.80
C MET E 164 22.52 20.34 -9.44
N ASN E 165 22.61 20.29 -10.77
CA ASN E 165 23.41 21.23 -11.59
C ASN E 165 22.45 21.94 -12.54
N THR E 166 22.15 23.22 -12.29
CA THR E 166 21.11 24.00 -13.03
C THR E 166 21.48 24.20 -14.50
N ASP E 167 22.71 23.91 -14.92
CA ASP E 167 23.10 23.97 -16.35
C ASP E 167 22.32 22.94 -17.18
N HIS E 168 21.89 21.81 -16.60
CA HIS E 168 21.39 20.66 -17.40
C HIS E 168 19.88 20.84 -17.67
N LYS E 169 19.53 21.73 -18.59
CA LYS E 169 18.11 22.00 -19.01
C LYS E 169 17.93 21.51 -20.43
N ALA E 170 16.89 20.74 -20.71
CA ALA E 170 16.59 20.26 -22.07
C ALA E 170 15.09 20.30 -22.31
N TYR E 171 14.73 20.30 -23.59
CA TYR E 171 13.36 20.10 -24.08
C TYR E 171 13.30 18.64 -24.51
N LEU E 172 12.24 17.93 -24.16
CA LEU E 172 12.00 16.59 -24.73
C LEU E 172 11.51 16.80 -26.17
N ASP E 173 12.45 17.02 -27.08
CA ASP E 173 12.18 17.54 -28.45
C ASP E 173 12.59 16.49 -29.48
N LYS E 174 12.94 15.28 -29.03
CA LYS E 174 13.24 14.17 -29.94
C LYS E 174 12.79 12.87 -29.27
N ASN E 175 12.05 12.06 -30.02
CA ASN E 175 11.65 10.69 -29.61
C ASN E 175 12.91 9.83 -29.59
N ASN E 176 13.01 8.91 -28.63
CA ASN E 176 14.05 7.84 -28.60
C ASN E 176 15.45 8.45 -28.59
N ALA E 177 15.71 9.48 -27.77
CA ALA E 177 17.03 10.15 -27.74
C ALA E 177 17.47 10.52 -26.31
N TYR E 178 16.54 10.91 -25.44
CA TYR E 178 16.85 11.36 -24.05
C TYR E 178 16.76 10.15 -23.13
N PRO E 179 17.89 9.61 -22.62
CA PRO E 179 17.81 8.43 -21.76
C PRO E 179 17.05 8.74 -20.47
N VAL E 180 16.20 7.81 -20.05
CA VAL E 180 15.38 7.96 -18.80
C VAL E 180 16.34 8.15 -17.63
N GLU E 181 17.48 7.45 -17.61
CA GLU E 181 18.45 7.49 -16.48
C GLU E 181 19.12 8.86 -16.34
N CYS E 182 19.04 9.75 -17.34
CA CYS E 182 19.75 11.07 -17.33
C CYS E 182 18.83 12.24 -17.01
N TRP E 183 17.52 12.08 -17.17
CA TRP E 183 16.59 13.23 -17.23
C TRP E 183 15.36 12.98 -16.36
N VAL E 184 14.89 14.04 -15.71
CA VAL E 184 13.59 14.05 -15.00
C VAL E 184 12.82 15.27 -15.47
N PRO E 185 11.48 15.26 -15.35
CA PRO E 185 10.70 16.48 -15.57
C PRO E 185 11.21 17.55 -14.60
N ASP E 186 11.32 18.78 -15.08
CA ASP E 186 11.85 19.94 -14.33
C ASP E 186 10.72 20.64 -13.60
N PRO E 187 10.63 20.55 -12.24
CA PRO E 187 9.54 21.22 -11.51
C PRO E 187 9.74 22.74 -11.47
N SER E 188 10.92 23.25 -11.80
CA SER E 188 11.21 24.71 -11.86
C SER E 188 10.67 25.32 -13.17
N ARG E 189 10.27 24.52 -14.16
CA ARG E 189 9.68 25.03 -15.43
CA ARG E 189 9.70 25.01 -15.44
C ARG E 189 8.34 24.32 -15.65
N ASN E 190 8.01 23.96 -16.89
CA ASN E 190 6.74 23.26 -17.20
C ASN E 190 5.52 24.06 -16.72
N GLU E 191 5.52 25.38 -16.92
CA GLU E 191 4.35 26.27 -16.66
C GLU E 191 3.15 25.80 -17.50
N ASN E 192 3.38 25.21 -18.67
CA ASN E 192 2.29 24.93 -19.66
C ASN E 192 2.17 23.42 -19.89
N THR E 193 2.63 22.60 -18.93
CA THR E 193 2.59 21.11 -18.99
C THR E 193 2.16 20.58 -17.63
N ARG E 194 1.41 19.48 -17.61
CA ARG E 194 1.16 18.69 -16.38
C ARG E 194 1.87 17.35 -16.53
N TYR E 195 2.64 16.97 -15.51
CA TYR E 195 3.37 15.68 -15.54
C TYR E 195 3.13 14.93 -14.24
N PHE E 196 3.26 13.61 -14.34
CA PHE E 196 3.03 12.64 -13.24
C PHE E 196 3.96 11.45 -13.44
N GLY E 197 4.70 11.07 -12.40
CA GLY E 197 5.59 9.91 -12.48
C GLY E 197 5.79 9.26 -11.13
N THR E 198 5.94 7.95 -11.15
CA THR E 198 6.34 7.13 -9.98
C THR E 198 7.51 6.23 -10.34
N PHE E 199 8.58 6.33 -9.56
CA PHE E 199 9.72 5.41 -9.58
C PHE E 199 9.61 4.44 -8.40
N THR E 200 9.70 3.14 -8.68
CA THR E 200 9.83 2.06 -7.66
C THR E 200 11.10 1.28 -7.96
N GLY E 201 12.08 1.32 -7.04
CA GLY E 201 13.40 0.69 -7.23
C GLY E 201 13.52 -0.61 -6.44
N GLY E 202 14.27 -1.58 -6.94
CA GLY E 202 14.60 -2.79 -6.17
C GLY E 202 14.68 -4.00 -7.07
N GLU E 203 15.45 -4.99 -6.66
CA GLU E 203 15.68 -6.26 -7.41
C GLU E 203 14.35 -6.97 -7.70
N ASN E 204 13.51 -7.12 -6.69
CA ASN E 204 12.35 -8.05 -6.70
C ASN E 204 11.01 -7.30 -6.62
N VAL E 205 10.99 -5.98 -6.81
CA VAL E 205 9.75 -5.16 -6.78
C VAL E 205 8.70 -5.77 -7.72
N PRO E 206 7.48 -6.10 -7.25
CA PRO E 206 6.43 -6.56 -8.15
C PRO E 206 5.79 -5.41 -8.91
N PRO E 207 5.62 -5.54 -10.25
CA PRO E 207 4.83 -4.58 -10.99
C PRO E 207 3.39 -4.61 -10.49
N VAL E 208 2.79 -3.42 -10.35
CA VAL E 208 1.36 -3.28 -9.97
C VAL E 208 0.77 -2.32 -11.00
N LEU E 209 -0.07 -2.82 -11.91
CA LEU E 209 -0.62 -1.94 -12.97
C LEU E 209 -2.13 -2.08 -13.01
N HIS E 210 -2.80 -0.93 -13.05
CA HIS E 210 -4.27 -0.82 -13.09
C HIS E 210 -4.71 -0.39 -14.49
N VAL E 211 -5.81 -0.95 -14.97
CA VAL E 211 -6.48 -0.44 -16.19
C VAL E 211 -7.93 -0.18 -15.82
N THR E 212 -8.47 0.91 -16.33
CA THR E 212 -9.92 1.22 -16.24
C THR E 212 -10.17 2.38 -17.19
N ASN E 213 -11.31 2.37 -17.88
CA ASN E 213 -11.70 3.50 -18.74
C ASN E 213 -12.55 4.49 -17.95
N THR E 214 -12.60 4.37 -16.63
CA THR E 214 -13.46 5.23 -15.76
C THR E 214 -12.63 6.28 -15.03
N ALA E 215 -11.30 6.31 -15.22
CA ALA E 215 -10.36 7.22 -14.54
C ALA E 215 -10.00 8.35 -15.50
N THR E 216 -10.13 9.58 -15.03
CA THR E 216 -9.78 10.81 -15.76
C THR E 216 -8.90 11.68 -14.86
N THR E 217 -7.81 12.22 -15.40
CA THR E 217 -6.96 13.23 -14.73
C THR E 217 -7.37 14.60 -15.27
N VAL E 218 -7.72 15.52 -14.38
CA VAL E 218 -8.06 16.92 -14.72
C VAL E 218 -6.75 17.68 -14.88
N LEU E 219 -6.60 18.45 -15.95
CA LEU E 219 -5.32 19.14 -16.30
C LEU E 219 -5.40 20.62 -15.94
N LEU E 220 -6.54 21.07 -15.41
CA LEU E 220 -6.80 22.47 -15.03
C LEU E 220 -5.92 22.79 -13.82
N ASP E 221 -5.35 23.97 -13.79
CA ASP E 221 -4.56 24.49 -12.65
C ASP E 221 -5.53 25.10 -11.64
N GLU E 222 -5.00 25.75 -10.60
CA GLU E 222 -5.76 26.40 -9.49
C GLU E 222 -6.76 27.41 -10.06
N GLN E 223 -6.42 28.11 -11.14
CA GLN E 223 -7.26 29.15 -11.80
C GLN E 223 -8.26 28.52 -12.79
N GLY E 224 -8.31 27.18 -12.91
CA GLY E 224 -9.23 26.50 -13.84
C GLY E 224 -8.73 26.57 -15.29
N VAL E 225 -7.42 26.73 -15.49
CA VAL E 225 -6.83 26.86 -16.86
C VAL E 225 -5.96 25.63 -17.14
N GLY E 226 -6.22 24.95 -18.27
CA GLY E 226 -5.44 23.77 -18.70
C GLY E 226 -4.25 24.23 -19.53
N PRO E 227 -3.34 23.30 -19.90
CA PRO E 227 -2.31 23.60 -20.89
C PRO E 227 -2.94 24.23 -22.15
N LEU E 228 -2.29 25.29 -22.65
CA LEU E 228 -2.74 26.02 -23.86
C LEU E 228 -1.81 25.65 -25.02
N CYS E 229 -2.41 25.21 -26.12
CA CYS E 229 -1.68 24.85 -27.34
C CYS E 229 -1.40 26.14 -28.10
N LYS E 230 -0.37 26.86 -27.67
CA LYS E 230 -0.03 28.23 -28.11
C LYS E 230 0.26 28.17 -29.59
N ALA E 231 0.96 27.14 -30.09
CA ALA E 231 1.38 27.01 -31.49
C ALA E 231 0.58 25.89 -32.18
N ASP E 232 -0.67 25.69 -31.78
CA ASP E 232 -1.62 24.71 -32.37
C ASP E 232 -1.01 23.30 -32.33
N SER E 233 -0.29 23.00 -31.27
CA SER E 233 0.37 21.71 -31.03
C SER E 233 0.06 21.23 -29.61
N LEU E 234 -0.27 19.95 -29.46
CA LEU E 234 -0.42 19.25 -28.17
C LEU E 234 0.74 18.24 -28.03
N TYR E 235 1.41 18.21 -26.88
CA TYR E 235 2.59 17.34 -26.63
C TYR E 235 2.24 16.27 -25.58
N VAL E 236 2.45 15.02 -25.95
CA VAL E 236 2.34 13.85 -25.04
C VAL E 236 3.72 13.23 -24.88
N SER E 237 4.07 12.88 -23.65
CA SER E 237 5.38 12.28 -23.26
C SER E 237 5.14 11.11 -22.31
N ALA E 238 5.97 10.08 -22.37
CA ALA E 238 5.82 8.86 -21.55
C ALA E 238 7.18 8.21 -21.29
N ALA E 239 7.23 7.48 -20.19
CA ALA E 239 8.21 6.41 -19.94
C ALA E 239 7.52 5.35 -19.08
N ASP E 240 7.49 4.11 -19.58
CA ASP E 240 6.82 2.97 -18.92
C ASP E 240 7.76 1.77 -18.94
N ILE E 241 8.80 1.84 -18.11
CA ILE E 241 9.72 0.70 -17.83
C ILE E 241 9.00 -0.17 -16.81
N CYS E 242 8.60 -1.38 -17.21
CA CYS E 242 7.71 -2.25 -16.40
C CYS E 242 8.52 -3.07 -15.40
N GLY E 243 9.80 -3.29 -15.69
CA GLY E 243 10.70 -4.08 -14.86
C GLY E 243 11.75 -4.77 -15.73
N LEU E 244 12.42 -5.75 -15.13
CA LEU E 244 13.48 -6.54 -15.80
C LEU E 244 12.95 -7.95 -16.12
N PHE E 245 13.18 -8.37 -17.36
CA PHE E 245 12.99 -9.75 -17.86
C PHE E 245 14.30 -10.51 -17.62
N THR E 246 14.25 -11.64 -16.93
CA THR E 246 15.44 -12.49 -16.69
C THR E 246 15.43 -13.68 -17.66
N ASN E 247 16.37 -13.69 -18.63
CA ASN E 247 16.56 -14.80 -19.59
C ASN E 247 17.02 -16.06 -18.86
N SER E 248 16.79 -17.24 -19.45
CA SER E 248 17.29 -18.56 -18.98
C SER E 248 18.79 -18.47 -18.63
N SER E 249 19.56 -17.74 -19.44
CA SER E 249 21.02 -17.53 -19.29
C SER E 249 21.35 -16.79 -17.97
N GLY E 250 20.39 -16.05 -17.40
CA GLY E 250 20.61 -15.14 -16.28
C GLY E 250 20.74 -13.69 -16.70
N THR E 251 20.86 -13.39 -18.00
CA THR E 251 20.94 -11.99 -18.48
C THR E 251 19.56 -11.33 -18.23
N GLN E 252 19.56 -10.01 -18.09
CA GLN E 252 18.35 -9.21 -17.81
C GLN E 252 18.22 -8.15 -18.88
N GLN E 253 16.97 -7.89 -19.28
CA GLN E 253 16.60 -6.83 -20.23
C GLN E 253 15.44 -6.04 -19.65
N TRP E 254 15.44 -4.71 -19.84
CA TRP E 254 14.26 -3.87 -19.54
C TRP E 254 13.13 -4.29 -20.46
N ARG E 255 11.91 -4.29 -19.94
CA ARG E 255 10.66 -4.46 -20.73
C ARG E 255 9.81 -3.21 -20.55
N GLY E 256 9.33 -2.66 -21.66
CA GLY E 256 8.47 -1.46 -21.71
C GLY E 256 7.17 -1.76 -22.43
N LEU E 257 6.16 -0.92 -22.19
CA LEU E 257 4.86 -1.07 -22.86
C LEU E 257 4.42 0.32 -23.35
N ALA E 258 3.58 0.32 -24.38
CA ALA E 258 2.98 1.54 -24.96
C ALA E 258 2.02 2.17 -23.95
N ARG E 259 1.79 3.46 -24.09
CA ARG E 259 0.82 4.22 -23.28
C ARG E 259 -0.21 4.88 -24.20
N TYR E 260 -1.50 4.69 -23.90
CA TYR E 260 -2.62 5.38 -24.57
C TYR E 260 -2.87 6.72 -23.88
N PHE E 261 -3.22 7.72 -24.68
CA PHE E 261 -3.70 9.05 -24.23
C PHE E 261 -5.01 9.38 -24.96
N LYS E 262 -6.03 9.80 -24.22
CA LYS E 262 -7.22 10.49 -24.79
C LYS E 262 -7.37 11.82 -24.06
N ILE E 263 -7.21 12.90 -24.81
CA ILE E 263 -7.22 14.27 -24.27
C ILE E 263 -8.47 14.99 -24.77
N ARG E 264 -9.25 15.55 -23.84
CA ARG E 264 -10.40 16.42 -24.14
C ARG E 264 -9.86 17.86 -24.18
N LEU E 265 -10.16 18.58 -25.27
CA LEU E 265 -9.75 19.98 -25.45
C LEU E 265 -11.01 20.84 -25.67
N ARG E 266 -10.93 22.10 -25.27
CA ARG E 266 -12.01 23.08 -25.49
C ARG E 266 -11.32 24.32 -26.04
N LYS E 267 -12.13 25.23 -26.63
CA LYS E 267 -11.62 26.49 -27.19
C LYS E 267 -11.59 27.52 -26.05
N ARG E 268 -10.49 28.22 -25.91
CA ARG E 268 -10.30 29.26 -24.88
C ARG E 268 -9.98 30.58 -25.61
N SER E 269 -10.68 31.64 -25.22
CA SER E 269 -10.38 32.98 -25.75
C SER E 269 -9.17 33.52 -25.00
N VAL E 270 -8.28 34.18 -25.70
CA VAL E 270 -7.11 34.84 -25.07
C VAL E 270 -6.95 36.21 -25.73
N LYS E 271 -6.22 37.11 -25.09
CA LYS E 271 -5.96 38.46 -25.64
C LYS E 271 -4.82 38.38 -26.64
N ASN E 272 -4.95 39.04 -27.80
CA ASN E 272 -3.87 39.08 -28.82
C ASN E 272 -2.55 39.53 -28.16
C2 BGC F . -3.01 -37.52 -11.48
C3 BGC F . -2.33 -36.78 -12.61
C4 BGC F . -2.28 -37.65 -13.86
C5 BGC F . -3.70 -38.13 -14.20
C6 BGC F . -3.76 -39.04 -15.42
C1 BGC F . -4.35 -38.10 -11.89
O1 BGC F . -4.85 -38.97 -10.89
O2 BGC F . -3.19 -36.63 -10.37
O3 BGC F . -1.00 -36.43 -12.25
O4 BGC F . -1.69 -36.93 -14.95
O5 BGC F . -4.22 -38.85 -13.10
O6 BGC F . -3.02 -40.24 -15.17
C1 GAL F . -0.41 -36.99 -15.25
C2 GAL F . -0.12 -36.82 -16.72
C3 GAL F . 1.39 -36.87 -16.97
C4 GAL F . 2.12 -35.87 -16.07
C5 GAL F . 1.66 -35.99 -14.63
C6 GAL F . 2.22 -34.89 -13.74
O2 GAL F . -0.76 -37.86 -17.48
O3 GAL F . 1.64 -36.58 -18.35
O4 GAL F . 1.91 -34.54 -16.57
O5 GAL F . 0.24 -35.94 -14.54
O6 GAL F . 1.98 -35.22 -12.38
C1 SIA F . 2.79 -33.14 -11.59
C2 SIA F . 1.68 -34.18 -11.70
C3 SIA F . 1.31 -34.81 -10.36
C4 SIA F . 0.52 -33.86 -9.48
C5 SIA F . -0.70 -33.36 -10.22
C6 SIA F . -0.26 -32.70 -11.53
C7 SIA F . -1.36 -32.20 -12.47
C8 SIA F . -0.81 -31.78 -13.83
C9 SIA F . -1.77 -30.89 -14.61
C10 SIA F . -2.72 -32.27 -9.32
C11 SIA F . -3.19 -31.26 -8.34
N5 SIA F . -1.40 -32.42 -9.36
O1A SIA F . 2.78 -32.18 -12.39
O1B SIA F . 3.70 -33.26 -10.74
O4 SIA F . 0.10 -34.54 -8.30
O6 SIA F . 0.52 -33.62 -12.29
O7 SIA F . -2.35 -33.21 -12.68
O8 SIA F . 0.42 -31.06 -13.69
O9 SIA F . -1.16 -30.54 -15.84
O10 SIA F . -3.50 -32.89 -10.02
C1 EDO G . -12.45 -6.35 6.38
O1 EDO G . -12.63 -7.05 5.16
C2 EDO G . -12.67 -7.15 7.61
O2 EDO G . -11.53 -7.17 8.45
C1 SIA H . 5.58 -30.78 16.82
C2 SIA H . 5.15 -31.16 18.26
C3 SIA H . 5.90 -30.33 19.34
C4 SIA H . 5.36 -28.89 19.49
C5 SIA H . 3.83 -28.84 19.63
C6 SIA H . 3.20 -29.64 18.49
C7 SIA H . 1.66 -29.67 18.61
C8 SIA H . 1.08 -30.54 17.49
C9 SIA H . -0.45 -30.39 17.39
C10 SIA H . 3.12 -26.71 20.66
C11 SIA H . 2.81 -25.27 20.35
N5 SIA H . 3.34 -27.47 19.58
O1A SIA H . 4.66 -30.71 15.94
O1B SIA H . 6.80 -30.56 16.54
O2 SIA H . 5.44 -32.56 18.50
O4 SIA H . 6.02 -28.27 20.60
O6 SIA H . 3.71 -30.99 18.43
O7 SIA H . 1.23 -30.20 19.87
O8 SIA H . 1.77 -30.27 16.24
O9 SIA H . -0.89 -31.18 16.28
O10 SIA H . 3.21 -27.11 21.81
C1 EDO I . -20.13 23.10 28.44
O1 EDO I . -21.14 22.51 29.24
C2 EDO I . -20.36 22.91 26.99
O2 EDO I . -19.51 23.72 26.21
C1 PEG J . -23.99 14.28 32.28
O1 PEG J . -23.62 13.64 33.47
C2 PEG J . -23.65 15.75 32.29
O2 PEG J . -23.62 16.24 30.95
C3 PEG J . -23.90 17.63 30.87
C4 PEG J . -23.48 18.14 29.53
O4 PEG J . -23.38 19.54 29.54
C1 SIA K . 34.88 -0.02 -2.56
C2 SIA K . 35.81 0.97 -3.28
C3 SIA K . 35.77 0.84 -4.82
C4 SIA K . 34.45 1.35 -5.45
C5 SIA K . 34.05 2.77 -5.00
C6 SIA K . 34.13 2.77 -3.46
C7 SIA K . 33.79 4.12 -2.85
C8 SIA K . 34.07 4.13 -1.34
C9 SIA K . 33.72 5.46 -0.67
C10 SIA K . 32.37 4.12 -6.34
C11 SIA K . 33.44 4.84 -7.08
N5 SIA K . 32.69 3.18 -5.42
O1A SIA K . 34.40 0.38 -1.42
O1B SIA K . 34.62 -1.16 -3.09
O2 SIA K . 37.16 0.80 -2.78
O4 SIA K . 34.55 1.27 -6.87
O6 SIA K . 35.43 2.33 -2.97
O7 SIA K . 34.58 5.11 -3.52
O8 SIA K . 33.39 3.02 -0.71
O9 SIA K . 33.89 5.36 0.77
O10 SIA K . 31.20 4.36 -6.56
C1 EDO L . 1.53 8.35 -12.17
O1 EDO L . 2.43 8.46 -11.06
C2 EDO L . 1.81 7.27 -13.15
O2 EDO L . 1.59 5.98 -12.66
C1 EDO M . -1.43 26.51 -18.25
O1 EDO M . -1.22 27.06 -16.95
C2 EDO M . -1.56 27.56 -19.28
O2 EDO M . -0.33 28.22 -19.55
#